data_6LTD
#
_entry.id   6LTD
#
_cell.length_a   96.618
_cell.length_b   97.046
_cell.length_c   107.821
_cell.angle_alpha   69.713
_cell.angle_beta   74.914
_cell.angle_gamma   63.956
#
_symmetry.space_group_name_H-M   'P 1'
#
loop_
_entity.id
_entity.type
_entity.pdbx_description
1 polymer 'Nonribosomal peptide synthetase'
2 non-polymer 'ADENOSINE MONOPHOSPHATE'
3 non-polymer alpha-methyl-L-serine
#
_entity_poly.entity_id   1
_entity_poly.type   'polypeptide(L)'
_entity_poly.pdbx_seq_one_letter_code
;MNHKVHHHHHHIEGRHMTISVPGHGTLGAPDGAAAPGGEAAELPPLVPEPGDAGQPFPLTPTQQALWVGRADAVDLGDIG
CYGYFEWERPELDLARYRRAWERLVAHHPGLRTVVRPDGTQHVLERPGPVPITVEDLRQDPDAVRRLEESRAERGHRALD
PGTWPMFDLRVVLLSGRVRVQLGIDLQLMDASSLFLNLFSDLVTLYDDPDAALASQKLAFRDFARWLEEDVRGGARWRAD
WAYWQERLDGLPPAPDLPAARYGAQGPGKFERCMVRCPAEEFALLRERALAHGLTETELLVGAFAEVLRGWSSDPAFTLN
VPVFQRFDVPGIEDVIGDYTNPILLEARPEGRTVAERIVALAARLRADTRHASVNGVEVLRELARRRGLAAAAMPVVVTS
LLGLPSAARSITEFGTEVHSITQTPQVSLDFQIRPEDGELRLVWDHRSGAFAPGVVEGAFEAFLDLVGRMLADEPGHGVW
EAPFADMRSRRDRAVWNETNDTAEPVPAVLLQERFFAQARRTPDAEAVVASGLRLTYDELARHAYRIGNTLRERGVRPGD
LVGVVMEKGWEQYAAVYGILAAGGAYLPIDAASPRGRVARLLESAGAGIVLTQSRLRDELDLPAGTTVLRADTDFETAST
APLTPVQGPDDPAYVIYTSGSTGEPKGVVVAHRGVANLVRDVRRRFAVTPADRLLALSGLHFDASVYDVFGPLACGATVV
VPPPFRRAEPDVWAELVRDERVTFWNSVPVLLELLVGEAESRDDRPLATLRLAVVSGDWIPLDLPGRARAQAPGLRVVGS
GGPTETICWSLFHPIDAVDPQWTSIPYGKPIANQRYYIVDRDLRPRPTWARGEMAVASPLGLALGYLNDPERTAAKFVTL
PGTGERAYLTGDFGRLLPDGGIEILGREDFQVKVAGQRIELGEIEALLHRADGVRAAVVTAPRSSADVVRLQAFVVPETG
ARLSADALREHLSAELPAAMVPAAIRLLPELPLTANGKVDRLALARLAAAPEEAPEPEARTDYAPRTDVGLLAELVAACV
AELLGLDEVPTTGNFFRLGGDALSGTRLASRLQDLLGAPVPIRTVFGNPVLGDLASAIAGDPAAGPQAIRVARLLHTLEE
PDEKPGEKPDAEPAGEPDAGSRTSAWSHPQFEK
;
_entity_poly.pdbx_strand_id   A,B
#
loop_
_chem_comp.id
_chem_comp.type
_chem_comp.name
_chem_comp.formula
AMP non-polymer 'ADENOSINE MONOPHOSPHATE' 'C10 H14 N5 O7 P'
#
# COMPACT_ATOMS: atom_id res chain seq x y z
N ALA A 40 -57.35 10.08 -5.45
CA ALA A 40 -57.20 9.22 -4.27
C ALA A 40 -58.52 8.49 -3.90
N ALA A 41 -58.68 8.19 -2.61
CA ALA A 41 -59.90 7.55 -2.14
C ALA A 41 -59.94 7.74 -0.62
N GLU A 42 -60.96 8.45 -0.14
CA GLU A 42 -61.12 8.67 1.29
C GLU A 42 -61.50 7.36 1.99
N LEU A 43 -61.31 7.34 3.31
CA LEU A 43 -61.41 6.14 4.12
C LEU A 43 -62.53 6.25 5.16
N PRO A 44 -63.07 5.13 5.67
CA PRO A 44 -64.15 5.21 6.65
C PRO A 44 -63.69 5.92 7.92
N PRO A 45 -64.63 6.47 8.67
CA PRO A 45 -64.25 7.16 9.90
C PRO A 45 -64.13 6.19 11.06
N LEU A 46 -63.26 6.56 12.00
CA LEU A 46 -63.01 5.71 13.17
C LEU A 46 -64.21 5.79 14.11
N VAL A 47 -64.66 4.63 14.55
CA VAL A 47 -65.81 4.50 15.44
C VAL A 47 -65.34 4.25 16.88
N PRO A 48 -65.16 5.29 17.69
CA PRO A 48 -64.75 5.08 19.09
C PRO A 48 -65.79 4.32 19.90
N GLU A 49 -65.33 3.65 20.96
CA GLU A 49 -66.22 2.88 21.83
C GLU A 49 -65.85 3.09 23.30
N PRO A 50 -66.50 4.05 23.97
CA PRO A 50 -66.20 4.30 25.38
C PRO A 50 -66.62 3.13 26.27
N GLY A 51 -65.90 2.03 26.14
CA GLY A 51 -66.19 0.87 26.93
C GLY A 51 -66.04 -0.40 26.14
N ASP A 52 -66.40 -1.52 26.78
CA ASP A 52 -66.30 -2.88 26.25
C ASP A 52 -64.91 -3.12 25.66
N ALA A 53 -63.91 -2.44 26.23
CA ALA A 53 -62.56 -2.62 25.74
C ALA A 53 -61.95 -3.89 26.30
N GLY A 54 -62.36 -4.31 27.50
CA GLY A 54 -61.89 -5.56 28.04
C GLY A 54 -62.01 -6.73 27.09
N GLN A 55 -63.02 -6.70 26.19
CA GLN A 55 -63.22 -7.81 25.26
C GLN A 55 -62.16 -7.80 24.16
N PRO A 56 -61.59 -8.99 23.84
CA PRO A 56 -60.51 -9.06 22.83
C PRO A 56 -60.75 -8.35 21.49
N PHE A 57 -59.61 -8.10 20.84
CA PHE A 57 -59.44 -7.58 19.50
C PHE A 57 -58.31 -8.36 18.86
N PRO A 58 -58.36 -8.58 17.55
CA PRO A 58 -57.39 -9.47 16.91
C PRO A 58 -56.00 -8.82 16.87
N LEU A 59 -54.98 -9.65 16.68
CA LEU A 59 -53.61 -9.15 16.57
C LEU A 59 -53.38 -8.56 15.18
N THR A 60 -52.65 -7.42 15.16
CA THR A 60 -52.32 -6.68 13.94
C THR A 60 -51.35 -7.48 13.04
N PRO A 61 -51.30 -7.17 11.74
CA PRO A 61 -50.43 -7.95 10.84
C PRO A 61 -48.97 -7.97 11.27
N THR A 62 -48.35 -6.80 11.48
CA THR A 62 -47.00 -6.75 12.02
C THR A 62 -46.86 -7.57 13.30
N GLN A 63 -47.92 -7.66 14.09
CA GLN A 63 -47.84 -8.45 15.30
C GLN A 63 -48.14 -9.92 15.05
N GLN A 64 -49.00 -10.21 14.07
CA GLN A 64 -49.30 -11.59 13.73
C GLN A 64 -48.02 -12.35 13.40
N ALA A 65 -47.08 -11.69 12.73
CA ALA A 65 -45.86 -12.33 12.24
C ALA A 65 -44.82 -12.57 13.32
N LEU A 66 -44.95 -11.92 14.49
CA LEU A 66 -44.02 -12.15 15.59
C LEU A 66 -44.51 -13.22 16.57
N TRP A 67 -45.83 -13.35 16.77
CA TRP A 67 -46.36 -14.35 17.69
C TRP A 67 -46.40 -15.76 17.10
N VAL A 68 -45.74 -16.01 15.98
CA VAL A 68 -45.67 -17.35 15.43
C VAL A 68 -44.20 -17.77 15.30
N GLY A 69 -43.34 -16.77 15.12
CA GLY A 69 -41.90 -16.98 15.10
C GLY A 69 -41.33 -17.43 16.43
N ARG A 70 -42.13 -17.34 17.48
CA ARG A 70 -41.85 -17.91 18.80
C ARG A 70 -42.39 -19.34 18.80
N ALA A 71 -41.52 -20.28 18.41
CA ALA A 71 -41.82 -21.72 18.33
C ALA A 71 -40.51 -22.49 18.09
N TYR A 82 -36.96 -9.51 21.11
CA TYR A 82 -37.17 -8.50 22.14
C TYR A 82 -36.05 -7.43 22.29
N GLY A 83 -36.43 -6.16 22.31
CA GLY A 83 -35.48 -5.06 22.51
C GLY A 83 -34.94 -4.97 23.93
N TYR A 84 -33.98 -4.06 24.11
CA TYR A 84 -33.32 -3.88 25.40
C TYR A 84 -32.56 -2.56 25.37
N PHE A 85 -32.62 -1.81 26.47
CA PHE A 85 -31.95 -0.53 26.58
C PHE A 85 -31.12 -0.49 27.85
N GLU A 86 -30.37 0.58 28.01
CA GLU A 86 -29.58 0.70 29.22
C GLU A 86 -28.98 2.10 29.17
N TRP A 87 -29.30 2.89 30.17
CA TRP A 87 -28.81 4.24 30.34
C TRP A 87 -28.00 4.28 31.60
N GLU A 88 -27.27 5.35 31.79
CA GLU A 88 -26.65 5.48 33.08
C GLU A 88 -27.06 6.81 33.66
N ARG A 89 -26.91 6.94 34.97
CA ARG A 89 -27.07 8.23 35.63
C ARG A 89 -26.47 8.12 37.03
N PRO A 90 -26.16 9.28 37.69
CA PRO A 90 -25.59 9.19 39.04
C PRO A 90 -26.54 8.53 40.04
N GLU A 91 -27.69 9.13 40.33
CA GLU A 91 -28.59 8.68 41.40
C GLU A 91 -30.03 8.51 40.89
N LEU A 92 -30.64 7.34 41.16
CA LEU A 92 -32.02 7.03 40.79
C LEU A 92 -32.86 6.89 42.06
N ASP A 93 -33.81 7.81 42.26
CA ASP A 93 -34.68 7.80 43.44
C ASP A 93 -35.76 6.74 43.22
N LEU A 94 -35.54 5.54 43.76
CA LEU A 94 -36.30 4.40 43.28
C LEU A 94 -37.78 4.51 43.58
N ALA A 95 -38.14 5.05 44.73
CA ALA A 95 -39.55 5.26 45.03
C ALA A 95 -40.20 6.10 43.95
N ARG A 96 -39.66 7.29 43.72
CA ARG A 96 -40.19 8.14 42.66
C ARG A 96 -40.28 7.34 41.37
N TYR A 97 -39.20 6.63 41.02
CA TYR A 97 -39.20 5.84 39.80
C TYR A 97 -40.34 4.83 39.82
N ARG A 98 -40.49 4.12 40.93
CA ARG A 98 -41.55 3.12 40.99
C ARG A 98 -42.88 3.77 40.63
N ARG A 99 -43.27 4.82 41.37
CA ARG A 99 -44.59 5.42 41.17
C ARG A 99 -44.77 5.88 39.74
N ALA A 100 -43.72 6.43 39.15
CA ALA A 100 -43.77 6.78 37.73
C ALA A 100 -44.13 5.55 36.89
N TRP A 101 -43.41 4.47 37.09
CA TRP A 101 -43.69 3.27 36.33
C TRP A 101 -45.02 2.65 36.71
N GLU A 102 -45.49 2.89 37.93
CA GLU A 102 -46.82 2.39 38.26
C GLU A 102 -47.88 3.14 37.45
N ARG A 103 -47.70 4.45 37.26
CA ARG A 103 -48.65 5.22 36.45
C ARG A 103 -48.46 4.95 34.97
N LEU A 104 -47.23 4.61 34.57
CA LEU A 104 -46.95 4.27 33.19
C LEU A 104 -47.53 2.90 32.80
N VAL A 105 -47.85 2.06 33.78
CA VAL A 105 -48.48 0.76 33.46
C VAL A 105 -49.95 0.94 33.14
N ALA A 106 -50.59 1.95 33.72
CA ALA A 106 -51.97 2.25 33.33
C ALA A 106 -51.97 3.16 32.13
N HIS A 107 -52.81 4.19 32.21
CA HIS A 107 -53.00 5.10 31.10
C HIS A 107 -53.02 4.31 29.79
N HIS A 108 -51.85 4.04 29.25
CA HIS A 108 -51.79 3.42 27.93
C HIS A 108 -52.34 2.00 28.04
N PRO A 109 -53.37 1.64 27.25
CA PRO A 109 -53.96 0.29 27.34
C PRO A 109 -53.01 -0.77 26.83
N GLY A 110 -51.83 -0.36 26.43
CA GLY A 110 -50.93 -1.32 25.86
C GLY A 110 -50.14 -2.00 26.95
N LEU A 111 -49.54 -1.18 27.82
CA LEU A 111 -48.52 -1.61 28.78
C LEU A 111 -49.09 -2.69 29.68
N ARG A 112 -50.40 -2.89 29.58
CA ARG A 112 -51.09 -3.95 30.28
C ARG A 112 -51.50 -5.10 29.38
N THR A 113 -51.76 -4.85 28.09
CA THR A 113 -52.31 -5.87 27.21
C THR A 113 -51.48 -7.15 27.27
N VAL A 114 -52.14 -8.30 27.12
CA VAL A 114 -51.45 -9.57 26.94
C VAL A 114 -52.08 -10.30 25.75
N VAL A 115 -51.48 -11.43 25.39
CA VAL A 115 -51.91 -12.23 24.26
C VAL A 115 -52.53 -13.50 24.81
N ARG A 116 -53.85 -13.61 24.69
CA ARG A 116 -54.49 -14.87 25.03
C ARG A 116 -53.92 -15.96 24.13
N PRO A 117 -53.69 -17.17 24.64
CA PRO A 117 -53.11 -18.26 23.82
C PRO A 117 -54.03 -18.69 22.69
N ASP A 118 -55.19 -18.04 22.58
CA ASP A 118 -56.12 -18.28 21.49
C ASP A 118 -55.81 -17.43 20.26
N GLY A 119 -54.69 -16.71 20.28
CA GLY A 119 -54.32 -15.90 19.16
C GLY A 119 -54.96 -14.54 19.13
N THR A 120 -55.65 -14.14 20.18
CA THR A 120 -56.18 -12.80 20.26
C THR A 120 -55.65 -12.12 21.51
N GLN A 121 -55.78 -10.78 21.51
CA GLN A 121 -55.27 -9.93 22.57
C GLN A 121 -56.40 -9.13 23.19
N HIS A 122 -56.46 -9.11 24.52
CA HIS A 122 -57.40 -8.31 25.28
C HIS A 122 -56.65 -7.41 26.24
N VAL A 123 -57.31 -6.36 26.68
CA VAL A 123 -56.69 -5.52 27.68
C VAL A 123 -56.76 -6.20 29.04
N LEU A 124 -55.93 -5.73 29.96
CA LEU A 124 -56.15 -5.99 31.38
C LEU A 124 -56.48 -4.68 32.08
N GLU A 125 -56.89 -4.79 33.34
CA GLU A 125 -57.21 -3.62 34.15
C GLU A 125 -56.76 -3.72 35.59
N ARG A 126 -56.37 -4.90 36.05
CA ARG A 126 -55.70 -5.08 37.34
C ARG A 126 -54.53 -6.01 37.05
N PRO A 127 -53.34 -5.49 36.90
CA PRO A 127 -52.22 -6.33 36.46
C PRO A 127 -51.53 -6.98 37.63
N GLY A 128 -51.34 -6.18 38.67
CA GLY A 128 -50.44 -6.48 39.76
C GLY A 128 -49.62 -5.27 40.11
N PRO A 129 -48.54 -5.48 40.84
CA PRO A 129 -47.57 -4.40 41.04
C PRO A 129 -46.42 -4.48 40.04
N VAL A 130 -45.73 -3.36 39.81
CA VAL A 130 -44.75 -3.27 38.74
C VAL A 130 -43.49 -4.03 39.12
N PRO A 131 -43.12 -5.04 38.38
CA PRO A 131 -42.01 -5.92 38.83
C PRO A 131 -40.62 -5.36 38.53
N ILE A 132 -40.09 -4.55 39.45
CA ILE A 132 -38.79 -3.92 39.28
C ILE A 132 -37.76 -4.66 40.12
N THR A 133 -36.64 -5.04 39.48
CA THR A 133 -35.68 -6.01 40.01
C THR A 133 -34.35 -5.31 40.26
N VAL A 134 -34.15 -4.81 41.46
CA VAL A 134 -32.94 -4.04 41.76
C VAL A 134 -31.80 -5.01 42.10
N GLU A 135 -30.64 -4.79 41.48
CA GLU A 135 -29.39 -5.50 41.76
C GLU A 135 -28.34 -4.54 42.32
N ASP A 136 -27.47 -5.04 43.20
CA ASP A 136 -26.59 -4.16 43.98
C ASP A 136 -25.16 -4.67 43.83
N LEU A 137 -24.25 -3.79 43.40
CA LEU A 137 -22.85 -4.18 43.20
C LEU A 137 -21.90 -3.00 43.48
N ARG A 138 -22.15 -2.26 44.56
CA ARG A 138 -21.35 -1.07 44.83
C ARG A 138 -20.06 -1.42 45.55
N GLN A 139 -20.17 -2.10 46.70
CA GLN A 139 -19.01 -2.61 47.41
C GLN A 139 -18.50 -3.92 46.83
N ASP A 140 -18.98 -4.26 45.62
CA ASP A 140 -18.53 -5.43 44.89
C ASP A 140 -17.32 -5.08 44.03
N PRO A 141 -16.12 -5.61 44.31
CA PRO A 141 -15.03 -5.52 43.33
C PRO A 141 -15.11 -6.66 42.32
N ASP A 142 -14.66 -6.38 41.10
CA ASP A 142 -15.13 -7.09 39.92
C ASP A 142 -16.64 -6.87 39.77
N ALA A 143 -17.05 -5.60 39.91
CA ALA A 143 -18.42 -5.17 39.65
C ALA A 143 -18.68 -5.01 38.16
N VAL A 144 -17.71 -4.48 37.40
CA VAL A 144 -17.85 -4.46 35.96
C VAL A 144 -18.03 -5.88 35.43
N ARG A 145 -17.33 -6.84 36.05
CA ARG A 145 -17.36 -8.22 35.58
C ARG A 145 -18.75 -8.82 35.74
N ARG A 146 -19.31 -8.74 36.96
CA ARG A 146 -20.62 -9.34 37.22
C ARG A 146 -21.75 -8.60 36.50
N LEU A 147 -21.66 -7.26 36.40
CA LEU A 147 -22.59 -6.50 35.57
C LEU A 147 -22.52 -6.95 34.13
N GLU A 148 -21.36 -7.48 33.72
CA GLU A 148 -21.14 -7.84 32.32
C GLU A 148 -22.07 -8.96 31.89
N GLU A 149 -22.10 -10.07 32.62
CA GLU A 149 -22.98 -11.15 32.21
C GLU A 149 -24.44 -10.68 32.29
N SER A 150 -25.17 -10.74 31.18
CA SER A 150 -26.53 -10.19 31.09
C SER A 150 -27.32 -10.86 29.96
N ARG A 151 -28.65 -10.77 30.05
CA ARG A 151 -29.60 -11.29 29.04
C ARG A 151 -29.36 -12.75 28.65
N LEU A 159 -38.80 -14.47 27.82
CA LEU A 159 -39.95 -13.56 27.90
C LEU A 159 -41.15 -14.11 27.09
N ASP A 160 -42.37 -13.90 27.60
CA ASP A 160 -43.58 -14.44 27.00
C ASP A 160 -44.68 -13.41 27.11
N PRO A 161 -45.49 -13.27 26.05
CA PRO A 161 -46.75 -12.53 26.14
C PRO A 161 -47.86 -13.20 26.94
N GLY A 162 -47.81 -14.52 27.15
CA GLY A 162 -48.79 -15.17 28.01
C GLY A 162 -48.76 -14.64 29.43
N THR A 163 -47.64 -14.06 29.82
CA THR A 163 -47.41 -13.55 31.17
C THR A 163 -47.34 -12.03 31.14
N TRP A 164 -48.07 -11.41 32.08
CA TRP A 164 -48.46 -10.02 31.99
C TRP A 164 -47.32 -9.13 31.54
N PRO A 165 -46.28 -8.90 32.35
CA PRO A 165 -45.35 -7.81 32.00
C PRO A 165 -44.68 -8.09 30.66
N MET A 166 -45.10 -7.38 29.62
CA MET A 166 -44.59 -7.70 28.29
C MET A 166 -43.18 -7.13 28.18
N PHE A 167 -42.44 -7.17 29.28
CA PHE A 167 -41.10 -6.60 29.33
C PHE A 167 -40.29 -7.10 30.52
N ASP A 168 -39.34 -6.29 30.96
CA ASP A 168 -38.35 -6.80 31.88
C ASP A 168 -37.56 -5.60 32.42
N LEU A 169 -37.99 -5.09 33.56
CA LEU A 169 -37.31 -3.95 34.14
C LEU A 169 -36.13 -4.47 34.95
N ARG A 170 -35.20 -3.58 35.27
CA ARG A 170 -34.04 -3.91 36.11
C ARG A 170 -33.39 -2.58 36.44
N VAL A 171 -32.57 -2.57 37.48
CA VAL A 171 -31.86 -1.36 37.94
C VAL A 171 -30.67 -1.87 38.74
N VAL A 172 -29.48 -1.84 38.13
CA VAL A 172 -28.25 -2.34 38.77
C VAL A 172 -27.53 -1.18 39.44
N LEU A 173 -27.15 -1.37 40.70
CA LEU A 173 -26.58 -0.29 41.49
C LEU A 173 -25.06 -0.49 41.53
N LEU A 174 -24.34 0.38 40.81
CA LEU A 174 -22.89 0.42 40.92
C LEU A 174 -22.45 1.62 41.74
N SER A 175 -21.15 1.64 42.08
CA SER A 175 -20.66 2.58 43.08
C SER A 175 -20.54 3.98 42.47
N GLY A 176 -21.27 4.93 43.04
CA GLY A 176 -21.37 6.26 42.48
C GLY A 176 -22.29 6.40 41.28
N ARG A 177 -22.80 5.29 40.72
CA ARG A 177 -23.51 5.30 39.44
C ARG A 177 -24.62 4.24 39.42
N VAL A 178 -25.74 4.58 38.74
CA VAL A 178 -26.93 3.73 38.64
C VAL A 178 -27.27 3.44 37.18
N ARG A 179 -27.47 2.16 36.88
CA ARG A 179 -27.60 1.66 35.51
C ARG A 179 -28.94 1.00 35.32
N VAL A 180 -29.84 1.77 34.70
CA VAL A 180 -31.23 1.42 34.40
C VAL A 180 -31.34 0.58 33.12
N GLN A 181 -31.91 -0.61 33.24
CA GLN A 181 -32.05 -1.52 32.11
C GLN A 181 -33.53 -1.73 31.85
N LEU A 182 -33.91 -1.73 30.57
CA LEU A 182 -35.28 -1.97 30.15
C LEU A 182 -35.27 -3.05 29.07
N GLY A 183 -35.65 -4.26 29.43
CA GLY A 183 -36.15 -5.18 28.45
C GLY A 183 -37.46 -4.65 27.87
N ILE A 184 -37.95 -5.35 26.85
CA ILE A 184 -39.27 -5.02 26.29
C ILE A 184 -39.55 -6.01 25.18
N ASP A 185 -40.81 -6.36 24.97
CA ASP A 185 -41.09 -7.19 23.83
C ASP A 185 -41.23 -6.27 22.63
N LEU A 186 -40.97 -6.82 21.47
CA LEU A 186 -41.27 -6.13 20.24
C LEU A 186 -42.66 -6.45 19.72
N GLN A 187 -43.29 -7.53 20.20
CA GLN A 187 -44.72 -7.68 19.94
C GLN A 187 -45.48 -6.55 20.61
N LEU A 188 -45.11 -6.20 21.84
CA LEU A 188 -45.68 -5.07 22.58
C LEU A 188 -45.25 -3.76 21.91
N MET A 189 -46.17 -3.13 21.16
CA MET A 189 -46.03 -1.78 20.62
C MET A 189 -44.90 -1.72 19.60
N ASP A 190 -44.60 -0.54 19.08
CA ASP A 190 -43.60 -0.44 18.02
C ASP A 190 -42.59 0.67 18.33
N ALA A 191 -41.62 0.80 17.44
CA ALA A 191 -40.53 1.75 17.62
C ALA A 191 -41.05 3.16 17.90
N SER A 192 -41.99 3.62 17.07
CA SER A 192 -42.50 4.99 17.23
C SER A 192 -43.22 5.15 18.55
N SER A 193 -44.06 4.18 18.89
CA SER A 193 -44.65 4.22 20.21
C SER A 193 -43.57 4.31 21.28
N LEU A 194 -42.54 3.46 21.19
CA LEU A 194 -41.60 3.38 22.29
C LEU A 194 -40.98 4.74 22.57
N PHE A 195 -40.53 5.42 21.51
CA PHE A 195 -39.77 6.65 21.64
C PHE A 195 -40.70 7.86 21.82
N LEU A 196 -41.86 7.87 21.17
CA LEU A 196 -42.75 9.03 21.17
C LEU A 196 -43.67 9.11 22.37
N ASN A 197 -43.96 7.96 22.99
CA ASN A 197 -44.94 7.87 24.05
C ASN A 197 -44.30 7.34 25.33
N LEU A 198 -43.80 6.11 25.28
CA LEU A 198 -43.33 5.47 26.50
C LEU A 198 -42.23 6.31 27.12
N PHE A 199 -41.15 6.53 26.37
CA PHE A 199 -39.97 7.14 26.98
C PHE A 199 -40.30 8.58 27.35
N SER A 200 -40.87 9.33 26.39
CA SER A 200 -41.32 10.70 26.62
C SER A 200 -42.10 10.79 27.93
N ASP A 201 -43.19 10.05 28.01
CA ASP A 201 -43.97 10.14 29.22
C ASP A 201 -43.13 9.70 30.41
N LEU A 202 -42.30 8.67 30.23
CA LEU A 202 -41.53 8.17 31.37
C LEU A 202 -40.62 9.24 31.95
N VAL A 203 -40.08 10.10 31.09
CA VAL A 203 -39.31 11.26 31.54
C VAL A 203 -40.23 12.24 32.26
N THR A 204 -41.37 12.55 31.65
CA THR A 204 -42.36 13.39 32.29
C THR A 204 -42.69 12.85 33.66
N LEU A 205 -42.86 11.53 33.75
CA LEU A 205 -43.34 10.87 34.96
C LEU A 205 -42.23 10.68 35.99
N TYR A 206 -40.98 10.47 35.58
CA TYR A 206 -39.92 10.40 36.59
C TYR A 206 -39.76 11.75 37.27
N ASP A 207 -39.86 12.82 36.49
CA ASP A 207 -39.77 14.17 37.01
C ASP A 207 -40.83 14.42 38.06
N ASP A 208 -42.09 14.40 37.64
CA ASP A 208 -43.23 14.52 38.55
C ASP A 208 -44.18 13.37 38.22
N PRO A 209 -44.15 12.29 39.00
CA PRO A 209 -45.10 11.19 38.75
C PRO A 209 -46.55 11.62 38.74
N ASP A 210 -46.89 12.64 39.53
CA ASP A 210 -48.24 13.17 39.61
C ASP A 210 -48.52 14.23 38.55
N ALA A 211 -47.61 14.46 37.60
CA ALA A 211 -47.83 15.52 36.63
C ALA A 211 -48.99 15.17 35.71
N ALA A 212 -49.68 16.20 35.22
CA ALA A 212 -50.80 15.99 34.32
C ALA A 212 -50.41 15.10 33.16
N LEU A 213 -51.24 14.12 32.85
CA LEU A 213 -51.03 13.33 31.65
C LEU A 213 -52.17 13.54 30.66
N ALA A 214 -52.05 12.96 29.47
CA ALA A 214 -52.93 13.29 28.36
C ALA A 214 -54.10 12.32 28.25
N SER A 215 -55.27 12.89 27.94
CA SER A 215 -56.54 12.15 27.90
C SER A 215 -56.61 11.19 26.72
N GLN A 216 -56.83 9.91 27.03
CA GLN A 216 -56.58 8.79 26.12
C GLN A 216 -57.82 8.39 25.34
N LYS A 217 -58.21 9.28 24.42
CA LYS A 217 -59.33 8.98 23.53
C LYS A 217 -59.06 7.73 22.70
N LEU A 218 -60.12 6.98 22.42
CA LEU A 218 -60.14 5.92 21.40
C LEU A 218 -58.96 4.95 21.52
N ALA A 219 -58.95 4.18 22.60
CA ALA A 219 -57.86 3.24 22.89
C ALA A 219 -57.59 2.31 21.71
N PHE A 220 -56.42 1.68 21.77
CA PHE A 220 -55.85 1.11 20.55
C PHE A 220 -56.69 -0.03 20.01
N ARG A 221 -57.32 -0.81 20.89
CA ARG A 221 -58.12 -1.97 20.50
C ARG A 221 -59.06 -1.55 19.37
N ASP A 222 -59.43 -0.27 19.42
CA ASP A 222 -60.31 0.30 18.42
C ASP A 222 -59.60 0.41 17.08
N PHE A 223 -58.42 1.02 17.07
CA PHE A 223 -57.69 1.11 15.82
C PHE A 223 -57.50 -0.28 15.23
N ALA A 224 -57.35 -1.29 16.10
CA ALA A 224 -57.06 -2.65 15.66
C ALA A 224 -58.23 -3.24 14.89
N ARG A 225 -59.36 -3.41 15.59
CA ARG A 225 -60.59 -3.77 14.89
C ARG A 225 -60.84 -2.84 13.70
N TRP A 226 -60.37 -1.60 13.75
CA TRP A 226 -60.69 -0.65 12.69
C TRP A 226 -60.01 -1.03 11.38
N LEU A 227 -58.67 -1.07 11.40
CA LEU A 227 -57.95 -1.49 10.21
C LEU A 227 -58.36 -2.90 9.79
N GLU A 228 -58.55 -3.81 10.75
CA GLU A 228 -58.90 -5.19 10.41
C GLU A 228 -60.20 -5.27 9.62
N GLU A 229 -61.21 -4.52 10.06
CA GLU A 229 -62.59 -4.64 9.56
C GLU A 229 -63.03 -3.44 8.74
N ASP A 230 -63.05 -2.24 9.33
CA ASP A 230 -63.66 -1.09 8.66
C ASP A 230 -62.79 -0.60 7.50
N VAL A 231 -61.47 -0.63 7.64
CA VAL A 231 -60.56 0.02 6.68
C VAL A 231 -60.10 -0.92 5.59
N ARG A 232 -59.76 -2.16 5.93
CA ARG A 232 -59.33 -3.13 4.93
C ARG A 232 -60.48 -3.47 4.00
N GLY A 233 -60.20 -3.50 2.70
CA GLY A 233 -61.16 -3.89 1.71
C GLY A 233 -61.86 -2.74 1.02
N GLY A 234 -61.81 -1.55 1.60
CA GLY A 234 -62.62 -0.43 1.14
C GLY A 234 -62.12 0.28 -0.11
N ALA A 235 -62.22 1.62 -0.10
CA ALA A 235 -61.84 2.42 -1.26
C ALA A 235 -60.33 2.50 -1.47
N ARG A 236 -59.62 3.15 -0.54
CA ARG A 236 -58.17 3.27 -0.67
C ARG A 236 -57.50 1.91 -0.66
N TRP A 237 -58.05 0.96 0.09
CA TRP A 237 -57.45 -0.37 0.19
C TRP A 237 -57.47 -1.08 -1.16
N ARG A 238 -58.66 -1.11 -1.80
CA ARG A 238 -58.79 -1.79 -3.08
C ARG A 238 -57.90 -1.13 -4.13
N ALA A 239 -57.84 0.19 -4.11
CA ALA A 239 -56.98 0.94 -5.03
C ALA A 239 -55.51 0.59 -4.86
N ASP A 240 -55.09 0.26 -3.64
CA ASP A 240 -53.67 0.11 -3.35
C ASP A 240 -53.21 -1.33 -3.52
N TRP A 241 -54.07 -2.33 -3.30
CA TRP A 241 -53.70 -3.70 -3.60
C TRP A 241 -53.43 -3.92 -5.08
N ALA A 242 -54.01 -3.08 -5.95
CA ALA A 242 -53.69 -3.17 -7.37
C ALA A 242 -52.21 -2.87 -7.63
N TYR A 243 -51.73 -1.74 -7.08
CA TYR A 243 -50.35 -1.32 -7.27
C TYR A 243 -49.37 -2.45 -7.01
N TRP A 244 -49.60 -3.16 -5.92
CA TRP A 244 -48.66 -4.16 -5.49
C TRP A 244 -48.93 -5.46 -6.22
N GLN A 245 -50.15 -5.65 -6.70
CA GLN A 245 -50.45 -6.79 -7.57
C GLN A 245 -49.93 -6.53 -8.96
N GLU A 246 -49.85 -5.25 -9.36
CA GLU A 246 -49.25 -4.80 -10.61
C GLU A 246 -47.78 -4.42 -10.43
N ARG A 247 -47.13 -4.90 -9.37
CA ARG A 247 -45.68 -4.86 -9.22
C ARG A 247 -45.10 -6.12 -8.60
N LEU A 248 -45.90 -6.97 -7.96
CA LEU A 248 -45.43 -8.17 -7.28
C LEU A 248 -44.61 -9.08 -8.18
N ASP A 249 -44.78 -8.99 -9.50
CA ASP A 249 -43.93 -9.72 -10.42
C ASP A 249 -42.70 -8.93 -10.83
N GLY A 250 -42.61 -7.64 -10.45
CA GLY A 250 -41.43 -6.84 -10.68
C GLY A 250 -40.50 -6.67 -9.50
N LEU A 251 -40.77 -7.35 -8.40
CA LEU A 251 -40.01 -7.14 -7.18
C LEU A 251 -38.73 -7.97 -7.18
N PRO A 252 -37.57 -7.34 -7.05
CA PRO A 252 -36.32 -8.08 -6.97
C PRO A 252 -36.10 -8.60 -5.56
N PRO A 253 -35.51 -9.78 -5.42
CA PRO A 253 -35.26 -10.30 -4.07
C PRO A 253 -34.48 -9.30 -3.25
N ALA A 254 -34.48 -9.52 -1.97
CA ALA A 254 -33.70 -8.76 -1.01
C ALA A 254 -32.22 -8.71 -1.37
N PRO A 255 -31.48 -7.73 -0.86
CA PRO A 255 -30.03 -7.72 -1.03
C PRO A 255 -29.49 -9.11 -0.78
N ASP A 256 -28.75 -9.62 -1.76
CA ASP A 256 -27.98 -10.84 -1.63
C ASP A 256 -26.54 -10.44 -1.30
N LEU A 257 -26.19 -10.48 -0.02
CA LEU A 257 -24.86 -10.16 0.44
C LEU A 257 -24.07 -11.43 0.80
N PRO A 258 -22.74 -11.35 0.88
CA PRO A 258 -21.95 -12.56 1.14
C PRO A 258 -22.18 -13.11 2.55
N ALA A 259 -22.18 -14.43 2.66
CA ALA A 259 -22.21 -15.10 3.97
C ALA A 259 -20.84 -15.70 4.28
N ALA A 260 -20.76 -16.46 5.38
CA ALA A 260 -19.52 -17.14 5.72
C ALA A 260 -19.63 -18.65 5.91
N ARG A 261 -20.81 -19.24 5.72
CA ARG A 261 -21.02 -20.71 5.67
C ARG A 261 -20.05 -21.58 6.50
N LYS A 269 -27.36 -13.61 17.90
CA LYS A 269 -26.85 -12.42 18.58
C LYS A 269 -26.88 -11.24 17.63
N PHE A 270 -26.69 -10.03 18.17
CA PHE A 270 -26.80 -8.82 17.38
C PHE A 270 -25.72 -7.85 17.82
N GLU A 271 -25.02 -7.29 16.84
CA GLU A 271 -24.00 -6.26 17.02
C GLU A 271 -24.43 -5.02 16.22
N ARG A 272 -23.81 -3.89 16.55
CA ARG A 272 -24.34 -2.59 16.13
C ARG A 272 -23.21 -1.61 15.89
N CYS A 273 -23.12 -1.09 14.67
CA CYS A 273 -22.34 0.09 14.38
C CYS A 273 -23.28 1.29 14.47
N MET A 274 -22.83 2.35 15.13
CA MET A 274 -23.60 3.58 15.07
C MET A 274 -22.69 4.78 14.93
N VAL A 275 -23.31 5.90 14.57
CA VAL A 275 -22.62 7.18 14.43
C VAL A 275 -23.60 8.28 14.81
N ARG A 276 -23.14 9.22 15.61
CA ARG A 276 -23.98 10.33 16.05
C ARG A 276 -23.59 11.53 15.21
N CYS A 277 -24.64 12.17 14.39
CA CYS A 277 -24.39 13.43 13.63
C CYS A 277 -24.77 14.64 14.46
N PRO A 278 -23.87 15.60 14.62
CA PRO A 278 -24.19 16.78 15.42
C PRO A 278 -25.25 17.58 14.72
N ALA A 279 -25.74 18.60 15.42
CA ALA A 279 -26.86 19.38 14.89
C ALA A 279 -26.47 20.15 13.64
N GLU A 280 -25.31 20.79 13.66
CA GLU A 280 -24.87 21.52 12.49
C GLU A 280 -24.74 20.56 11.32
N GLU A 281 -24.12 19.39 11.54
CA GLU A 281 -24.02 18.41 10.46
C GLU A 281 -25.39 17.87 10.07
N PHE A 282 -26.31 17.73 11.04
CA PHE A 282 -27.68 17.39 10.69
C PHE A 282 -28.16 18.33 9.61
N ALA A 283 -28.21 19.61 9.96
CA ALA A 283 -28.90 20.60 9.14
C ALA A 283 -28.31 20.70 7.74
N LEU A 284 -26.99 20.64 7.62
CA LEU A 284 -26.41 20.48 6.31
C LEU A 284 -26.96 19.25 5.62
N LEU A 285 -27.11 18.14 6.36
CA LEU A 285 -27.64 16.93 5.72
C LEU A 285 -29.02 17.19 5.12
N ARG A 286 -29.92 17.77 5.93
CA ARG A 286 -31.28 18.10 5.46
C ARG A 286 -31.24 19.06 4.29
N GLU A 287 -30.51 20.15 4.43
CA GLU A 287 -30.31 21.07 3.32
C GLU A 287 -29.85 20.35 2.05
N ARG A 288 -28.86 19.46 2.15
CA ARG A 288 -28.49 18.65 0.99
C ARG A 288 -29.71 17.91 0.40
N ALA A 289 -30.58 17.37 1.27
CA ALA A 289 -31.76 16.60 0.86
C ALA A 289 -32.77 17.43 0.08
N LEU A 290 -33.04 18.66 0.55
CA LEU A 290 -34.04 19.51 -0.07
C LEU A 290 -33.55 19.99 -1.44
N ALA A 291 -32.24 20.27 -1.54
CA ALA A 291 -31.62 20.74 -2.76
C ALA A 291 -31.67 19.71 -3.88
N HIS A 292 -32.02 18.47 -3.59
CA HIS A 292 -32.44 17.56 -4.66
C HIS A 292 -33.91 17.28 -4.59
N GLY A 293 -34.63 17.99 -3.73
CA GLY A 293 -36.05 17.70 -3.53
C GLY A 293 -36.29 16.43 -2.76
N LEU A 294 -35.43 16.11 -1.80
CA LEU A 294 -35.56 14.92 -1.00
C LEU A 294 -35.76 15.30 0.45
N THR A 295 -36.15 14.32 1.24
CA THR A 295 -36.33 14.50 2.66
C THR A 295 -35.14 13.94 3.41
N GLU A 296 -35.08 14.19 4.71
CA GLU A 296 -33.89 13.76 5.42
C GLU A 296 -33.76 12.25 5.31
N THR A 297 -34.89 11.52 5.25
CA THR A 297 -34.86 10.07 5.11
C THR A 297 -34.87 9.63 3.66
N GLU A 298 -35.17 10.54 2.75
CA GLU A 298 -35.24 10.17 1.34
C GLU A 298 -33.83 9.92 0.82
N LEU A 299 -32.93 10.91 1.03
CA LEU A 299 -31.57 10.73 0.55
C LEU A 299 -30.90 9.62 1.32
N LEU A 300 -31.31 9.43 2.57
CA LEU A 300 -30.53 8.58 3.47
C LEU A 300 -30.73 7.12 3.12
N VAL A 301 -31.93 6.80 2.61
CA VAL A 301 -32.23 5.48 2.04
C VAL A 301 -31.48 5.31 0.76
N GLY A 302 -31.56 6.33 -0.10
CA GLY A 302 -30.85 6.31 -1.37
C GLY A 302 -29.38 6.00 -1.23
N ALA A 303 -28.67 6.79 -0.40
CA ALA A 303 -27.26 6.48 -0.14
C ALA A 303 -27.13 5.04 0.29
N PHE A 304 -27.93 4.63 1.29
CA PHE A 304 -27.82 3.27 1.80
C PHE A 304 -27.94 2.25 0.67
N ALA A 305 -28.83 2.50 -0.29
CA ALA A 305 -28.98 1.56 -1.40
C ALA A 305 -27.67 1.44 -2.16
N GLU A 306 -26.99 2.57 -2.38
CA GLU A 306 -25.73 2.58 -3.13
C GLU A 306 -24.67 1.72 -2.43
N VAL A 307 -24.41 2.04 -1.16
CA VAL A 307 -23.42 1.30 -0.38
C VAL A 307 -23.61 -0.20 -0.59
N LEU A 308 -24.84 -0.63 -0.35
CA LEU A 308 -25.24 -2.04 -0.44
C LEU A 308 -24.86 -2.63 -1.79
N ARG A 309 -25.16 -1.89 -2.88
CA ARG A 309 -24.93 -2.42 -4.21
C ARG A 309 -23.52 -2.92 -4.37
N GLY A 310 -22.60 -2.45 -3.52
CA GLY A 310 -21.18 -2.67 -3.70
C GLY A 310 -20.90 -4.15 -3.62
N TRP A 311 -21.26 -4.68 -2.45
CA TRP A 311 -21.06 -6.08 -2.14
C TRP A 311 -22.24 -6.92 -2.64
N SER A 312 -23.41 -6.28 -2.75
CA SER A 312 -24.59 -6.94 -3.30
C SER A 312 -24.20 -7.77 -4.49
N SER A 313 -24.70 -8.99 -4.54
CA SER A 313 -24.42 -9.87 -5.66
C SER A 313 -25.47 -9.76 -6.74
N ASP A 314 -26.10 -8.58 -6.81
CA ASP A 314 -26.84 -8.10 -7.96
C ASP A 314 -27.25 -6.68 -7.62
N PRO A 315 -27.39 -5.81 -8.63
CA PRO A 315 -27.68 -4.40 -8.34
C PRO A 315 -29.09 -4.16 -7.90
N ALA A 316 -29.99 -5.11 -8.13
CA ALA A 316 -31.40 -4.91 -7.80
C ALA A 316 -31.80 -5.76 -6.61
N PHE A 317 -32.54 -5.15 -5.72
CA PHE A 317 -32.89 -5.81 -4.49
C PHE A 317 -34.05 -5.03 -3.92
N THR A 318 -34.61 -5.52 -2.84
CA THR A 318 -35.80 -4.90 -2.29
C THR A 318 -35.58 -4.59 -0.83
N LEU A 319 -35.82 -3.34 -0.47
CA LEU A 319 -35.57 -2.84 0.87
C LEU A 319 -36.89 -2.67 1.58
N ASN A 320 -37.06 -3.37 2.69
CA ASN A 320 -38.19 -3.11 3.56
C ASN A 320 -38.02 -1.70 4.13
N VAL A 321 -38.96 -0.80 3.85
CA VAL A 321 -38.84 0.51 4.49
C VAL A 321 -40.12 0.76 5.27
N PRO A 322 -40.22 0.28 6.49
CA PRO A 322 -41.48 0.41 7.21
C PRO A 322 -41.78 1.87 7.53
N VAL A 323 -43.06 2.13 7.66
CA VAL A 323 -43.61 3.46 7.88
C VAL A 323 -44.54 3.36 9.06
N PHE A 324 -44.45 4.34 9.95
CA PHE A 324 -45.20 4.31 11.20
C PHE A 324 -46.39 5.27 11.12
N GLN A 325 -47.36 4.91 10.26
CA GLN A 325 -48.56 5.70 10.00
C GLN A 325 -49.66 5.37 11.00
N ARG A 326 -50.50 6.37 11.27
CA ARG A 326 -51.66 6.21 12.13
C ARG A 326 -52.92 6.76 11.47
N PHE A 327 -52.86 7.01 10.15
CA PHE A 327 -53.98 7.53 9.38
C PHE A 327 -54.58 8.81 10.01
N ASP A 328 -53.72 9.69 10.54
CA ASP A 328 -54.10 11.05 11.02
C ASP A 328 -55.35 11.09 11.91
N VAL A 329 -55.63 9.98 12.56
CA VAL A 329 -56.75 9.94 13.49
C VAL A 329 -56.52 10.99 14.59
N PRO A 330 -57.54 11.72 15.02
CA PRO A 330 -57.40 12.62 16.17
C PRO A 330 -57.16 11.83 17.46
N GLY A 331 -56.08 12.17 18.17
CA GLY A 331 -55.71 11.55 19.44
C GLY A 331 -54.87 10.29 19.35
N ILE A 332 -54.52 9.86 18.13
CA ILE A 332 -53.79 8.61 17.98
C ILE A 332 -52.31 8.78 18.29
N GLU A 333 -51.78 10.00 18.21
CA GLU A 333 -50.39 10.24 18.55
C GLU A 333 -50.14 10.15 20.03
N ASP A 334 -51.11 9.62 20.77
CA ASP A 334 -50.99 9.51 22.21
C ASP A 334 -51.39 8.11 22.66
N VAL A 335 -51.38 7.15 21.73
CA VAL A 335 -51.78 5.78 22.01
C VAL A 335 -50.61 4.86 21.70
N ILE A 336 -50.34 3.90 22.61
CA ILE A 336 -49.22 2.96 22.43
C ILE A 336 -49.71 1.78 21.60
N GLY A 337 -49.24 1.68 20.35
CA GLY A 337 -49.69 0.64 19.45
C GLY A 337 -48.64 0.30 18.42
N ASP A 338 -48.88 -0.76 17.65
CA ASP A 338 -47.95 -1.23 16.60
C ASP A 338 -48.35 -0.65 15.25
N TYR A 339 -47.97 0.60 15.00
CA TYR A 339 -48.34 1.23 13.73
C TYR A 339 -47.39 0.84 12.59
N THR A 340 -46.98 -0.42 12.48
CA THR A 340 -45.83 -0.78 11.67
C THR A 340 -46.29 -1.30 10.31
N ASN A 341 -46.10 -0.50 9.25
CA ASN A 341 -46.44 -0.92 7.90
C ASN A 341 -45.22 -1.02 7.01
N PRO A 342 -44.74 -2.21 6.73
CA PRO A 342 -43.60 -2.36 5.83
C PRO A 342 -43.99 -1.87 4.45
N ILE A 343 -43.03 -1.29 3.77
CA ILE A 343 -43.15 -0.98 2.35
C ILE A 343 -42.00 -1.69 1.68
N LEU A 344 -42.29 -2.37 0.58
CA LEU A 344 -41.22 -3.00 -0.20
C LEU A 344 -40.73 -2.03 -1.27
N LEU A 345 -39.72 -1.25 -0.91
CA LEU A 345 -39.04 -0.38 -1.86
C LEU A 345 -38.19 -1.22 -2.80
N GLU A 346 -38.45 -1.06 -4.09
CA GLU A 346 -37.67 -1.72 -5.12
C GLU A 346 -36.47 -0.83 -5.41
N ALA A 347 -35.29 -1.37 -5.27
CA ALA A 347 -34.06 -0.67 -5.62
C ALA A 347 -33.55 -1.28 -6.91
N ARG A 348 -33.80 -0.59 -8.01
CA ARG A 348 -33.17 -0.80 -9.29
C ARG A 348 -32.35 0.44 -9.64
N PRO A 349 -31.07 0.29 -9.98
CA PRO A 349 -30.25 1.48 -10.23
C PRO A 349 -30.77 2.30 -11.40
N GLU A 350 -31.43 3.40 -11.12
CA GLU A 350 -32.00 4.16 -12.21
C GLU A 350 -31.33 5.53 -12.22
N GLY A 351 -30.46 5.74 -13.22
CA GLY A 351 -29.77 6.99 -13.47
C GLY A 351 -28.31 6.77 -13.85
N ARG A 352 -27.67 7.85 -14.33
CA ARG A 352 -26.23 7.78 -14.56
C ARG A 352 -25.47 8.06 -13.29
N THR A 353 -25.88 9.08 -12.54
CA THR A 353 -25.16 9.50 -11.36
C THR A 353 -25.86 9.04 -10.10
N VAL A 354 -25.15 9.24 -8.99
CA VAL A 354 -25.76 9.11 -7.68
C VAL A 354 -26.99 9.97 -7.68
N ALA A 355 -26.80 11.30 -7.68
CA ALA A 355 -27.92 12.24 -7.71
C ALA A 355 -29.08 11.71 -8.56
N GLU A 356 -28.77 11.14 -9.74
CA GLU A 356 -29.84 10.59 -10.58
C GLU A 356 -30.47 9.36 -9.93
N ARG A 357 -29.64 8.41 -9.47
CA ARG A 357 -30.15 7.11 -9.06
C ARG A 357 -30.85 7.21 -7.71
N ILE A 358 -30.35 8.08 -6.83
CA ILE A 358 -30.96 8.29 -5.51
C ILE A 358 -32.26 9.06 -5.66
N VAL A 359 -32.29 10.01 -6.58
CA VAL A 359 -33.53 10.76 -6.81
C VAL A 359 -34.61 9.85 -7.39
N ALA A 360 -34.22 8.88 -8.22
CA ALA A 360 -35.17 7.97 -8.84
C ALA A 360 -35.71 6.94 -7.87
N LEU A 361 -34.85 6.33 -7.05
CA LEU A 361 -35.37 5.43 -6.02
C LEU A 361 -36.26 6.18 -5.05
N ALA A 362 -35.93 7.44 -4.76
CA ALA A 362 -36.80 8.27 -3.92
C ALA A 362 -38.19 8.43 -4.51
N ALA A 363 -38.26 8.62 -5.82
CA ALA A 363 -39.54 8.62 -6.51
C ALA A 363 -40.32 7.33 -6.24
N ARG A 364 -39.76 6.17 -6.59
CA ARG A 364 -40.49 4.92 -6.42
C ARG A 364 -40.89 4.70 -4.98
N LEU A 365 -40.19 5.32 -4.03
CA LEU A 365 -40.57 5.14 -2.62
C LEU A 365 -41.87 5.87 -2.34
N ARG A 366 -41.92 7.16 -2.69
CA ARG A 366 -43.11 7.95 -2.47
C ARG A 366 -44.33 7.30 -3.13
N ALA A 367 -44.19 6.83 -4.38
CA ALA A 367 -45.28 6.12 -5.05
C ALA A 367 -45.66 4.85 -4.32
N ASP A 368 -44.69 4.17 -3.75
CA ASP A 368 -44.96 3.02 -2.92
C ASP A 368 -45.65 3.47 -1.65
N THR A 369 -45.57 4.76 -1.33
CA THR A 369 -46.07 5.33 -0.08
C THR A 369 -47.50 5.89 -0.20
N ARG A 370 -47.84 6.54 -1.32
CA ARG A 370 -49.21 7.01 -1.55
C ARG A 370 -50.23 5.87 -1.56
N HIS A 371 -49.76 4.61 -1.59
CA HIS A 371 -50.55 3.38 -1.57
C HIS A 371 -50.35 2.60 -0.27
N ALA A 372 -50.27 3.32 0.86
CA ALA A 372 -49.86 2.78 2.15
C ALA A 372 -50.90 1.89 2.84
N SER A 373 -52.17 1.94 2.42
CA SER A 373 -53.23 1.30 3.20
C SER A 373 -53.12 -0.22 3.20
N VAL A 374 -52.60 -0.81 2.14
CA VAL A 374 -52.39 -2.25 2.15
C VAL A 374 -51.13 -2.52 2.96
N ASN A 375 -51.28 -3.17 4.12
CA ASN A 375 -50.12 -3.49 4.95
C ASN A 375 -49.14 -4.38 4.21
N GLY A 376 -47.86 -4.19 4.49
CA GLY A 376 -46.85 -4.97 3.81
C GLY A 376 -46.99 -6.46 4.09
N VAL A 377 -47.38 -6.80 5.32
CA VAL A 377 -47.41 -8.20 5.72
C VAL A 377 -48.18 -8.99 4.66
N GLU A 378 -49.30 -8.43 4.20
CA GLU A 378 -50.06 -9.09 3.16
C GLU A 378 -49.25 -9.16 1.86
N VAL A 379 -48.71 -8.02 1.41
CA VAL A 379 -47.98 -8.03 0.16
C VAL A 379 -46.94 -9.13 0.21
N LEU A 380 -46.17 -9.16 1.29
CA LEU A 380 -45.13 -10.17 1.40
C LEU A 380 -45.74 -11.57 1.41
N ARG A 381 -46.88 -11.74 2.09
CA ARG A 381 -47.57 -13.02 2.01
C ARG A 381 -47.80 -13.36 0.53
N GLU A 382 -48.57 -12.52 -0.17
CA GLU A 382 -48.90 -12.80 -1.56
C GLU A 382 -47.65 -12.98 -2.40
N LEU A 383 -46.57 -12.32 -2.01
CA LEU A 383 -45.28 -12.58 -2.64
C LEU A 383 -44.88 -14.03 -2.43
N ALA A 384 -45.00 -14.50 -1.19
CA ALA A 384 -44.67 -15.89 -0.92
C ALA A 384 -45.56 -16.81 -1.73
N ARG A 385 -46.81 -16.40 -1.94
CA ARG A 385 -47.71 -17.19 -2.75
C ARG A 385 -47.21 -17.28 -4.20
N ARG A 386 -46.90 -16.14 -4.82
CA ARG A 386 -46.50 -16.16 -6.22
C ARG A 386 -45.22 -16.97 -6.41
N ARG A 387 -44.21 -16.75 -5.55
CA ARG A 387 -42.94 -17.47 -5.59
C ARG A 387 -42.82 -18.51 -4.48
N GLY A 388 -41.60 -18.70 -3.95
CA GLY A 388 -41.41 -19.53 -2.77
C GLY A 388 -41.54 -18.74 -1.47
N LEU A 389 -41.58 -19.46 -0.36
CA LEU A 389 -41.62 -18.79 0.93
C LEU A 389 -40.27 -18.17 1.26
N ALA A 390 -39.22 -19.00 1.38
CA ALA A 390 -37.91 -18.48 1.72
C ALA A 390 -37.44 -17.45 0.71
N ALA A 391 -37.74 -17.65 -0.57
CA ALA A 391 -37.33 -16.68 -1.60
C ALA A 391 -38.13 -15.40 -1.52
N ALA A 392 -38.33 -14.86 -0.34
CA ALA A 392 -39.13 -13.65 -0.20
C ALA A 392 -38.66 -12.84 0.99
N ALA A 393 -37.91 -13.47 1.89
CA ALA A 393 -37.52 -12.82 3.14
C ALA A 393 -36.96 -11.44 2.89
N MET A 394 -37.31 -10.50 3.77
CA MET A 394 -36.73 -9.16 3.64
C MET A 394 -35.79 -8.89 4.80
N PRO A 395 -34.57 -9.42 4.78
CA PRO A 395 -33.70 -9.30 5.96
C PRO A 395 -33.09 -7.92 6.09
N VAL A 396 -33.23 -7.09 5.07
CA VAL A 396 -32.60 -5.77 5.02
C VAL A 396 -33.73 -4.77 5.16
N VAL A 397 -33.65 -3.94 6.20
CA VAL A 397 -34.73 -3.01 6.50
C VAL A 397 -34.15 -1.65 6.78
N VAL A 398 -35.03 -0.65 6.76
CA VAL A 398 -34.67 0.72 7.06
C VAL A 398 -35.80 1.31 7.90
N THR A 399 -35.63 1.24 9.19
CA THR A 399 -36.56 1.83 10.15
C THR A 399 -36.26 3.30 10.34
N SER A 400 -37.22 4.15 10.00
CA SER A 400 -36.99 5.60 10.00
C SER A 400 -38.03 6.38 10.81
N LEU A 401 -37.71 6.69 12.08
CA LEU A 401 -38.59 7.55 12.86
C LEU A 401 -38.35 9.03 12.64
N LEU A 402 -37.77 9.41 11.51
CA LEU A 402 -37.86 10.82 11.19
C LEU A 402 -39.29 11.17 10.79
N GLY A 403 -39.60 12.46 10.86
CA GLY A 403 -40.86 12.93 10.30
C GLY A 403 -42.12 12.53 11.04
N LEU A 404 -41.99 11.93 12.22
CA LEU A 404 -43.08 11.84 13.16
C LEU A 404 -43.07 13.06 14.07
N PRO A 405 -44.10 13.26 14.89
CA PRO A 405 -44.17 14.50 15.68
C PRO A 405 -43.05 14.59 16.70
N SER A 406 -42.74 15.82 17.10
CA SER A 406 -41.74 16.03 18.16
C SER A 406 -42.36 15.71 19.50
N ALA A 407 -41.91 14.63 20.12
CA ALA A 407 -42.52 14.19 21.35
C ALA A 407 -42.21 15.19 22.46
N ALA A 408 -42.85 14.95 23.60
CA ALA A 408 -42.77 15.91 24.71
C ALA A 408 -41.39 15.86 25.36
N ARG A 409 -40.83 14.67 25.56
CA ARG A 409 -39.59 14.49 26.28
C ARG A 409 -38.69 13.49 25.56
N SER A 410 -37.39 13.69 25.70
CA SER A 410 -36.37 12.90 25.05
C SER A 410 -35.69 12.05 26.12
N ILE A 411 -35.60 10.75 25.88
CA ILE A 411 -35.07 9.82 26.85
C ILE A 411 -33.69 10.28 27.33
N THR A 412 -33.01 11.11 26.54
CA THR A 412 -31.67 11.57 26.93
C THR A 412 -31.72 12.38 28.21
N GLU A 413 -32.78 13.20 28.39
CA GLU A 413 -32.98 13.91 29.65
C GLU A 413 -32.78 12.98 30.84
N PHE A 414 -33.39 11.81 30.78
CA PHE A 414 -33.39 10.88 31.90
C PHE A 414 -32.00 10.36 32.22
N GLY A 415 -31.38 9.70 31.26
CA GLY A 415 -30.07 9.12 31.47
C GLY A 415 -29.41 8.87 30.14
N THR A 416 -28.08 8.90 30.14
CA THR A 416 -27.30 8.76 28.92
C THR A 416 -27.14 7.30 28.53
N GLU A 417 -27.29 7.00 27.24
CA GLU A 417 -27.34 5.59 26.84
C GLU A 417 -26.07 4.86 27.22
N VAL A 418 -26.10 3.53 27.08
CA VAL A 418 -24.89 2.72 27.22
C VAL A 418 -24.99 1.50 26.31
N HIS A 419 -26.20 1.11 25.95
CA HIS A 419 -26.39 -0.14 25.25
C HIS A 419 -27.77 -0.03 24.67
N SER A 420 -27.98 -0.64 23.53
CA SER A 420 -29.26 -0.50 22.86
C SER A 420 -29.15 -1.40 21.66
N ILE A 421 -29.73 -2.59 21.73
CA ILE A 421 -29.70 -3.52 20.60
C ILE A 421 -31.11 -4.04 20.35
N THR A 422 -31.70 -3.66 19.22
CA THR A 422 -32.93 -4.29 18.76
C THR A 422 -32.67 -5.75 18.41
N GLN A 423 -33.56 -6.63 18.85
CA GLN A 423 -33.45 -8.04 18.52
C GLN A 423 -34.50 -8.48 17.51
N THR A 424 -34.93 -7.55 16.64
CA THR A 424 -35.93 -7.88 15.63
C THR A 424 -35.51 -9.14 14.90
N PRO A 425 -36.33 -10.18 14.88
CA PRO A 425 -35.93 -11.44 14.27
C PRO A 425 -36.41 -11.48 12.85
N GLN A 426 -35.74 -12.34 12.09
CA GLN A 426 -35.76 -12.44 10.64
C GLN A 426 -35.22 -11.17 9.96
N VAL A 427 -34.60 -10.29 10.71
CA VAL A 427 -33.94 -9.10 10.18
C VAL A 427 -32.46 -9.34 10.33
N SER A 428 -31.73 -9.17 9.23
CA SER A 428 -30.28 -9.30 9.31
C SER A 428 -29.59 -7.96 9.42
N LEU A 429 -30.18 -6.92 8.87
CA LEU A 429 -29.57 -5.61 8.98
C LEU A 429 -30.62 -4.53 9.01
N ASP A 430 -30.53 -3.70 10.03
CA ASP A 430 -31.59 -2.78 10.39
C ASP A 430 -30.99 -1.39 10.42
N PHE A 431 -31.14 -0.67 9.33
CA PHE A 431 -30.68 0.71 9.30
C PHE A 431 -31.73 1.58 10.01
N GLN A 432 -31.41 2.00 11.22
CA GLN A 432 -32.31 2.81 12.03
C GLN A 432 -31.94 4.29 11.90
N ILE A 433 -32.95 5.11 11.60
CA ILE A 433 -32.81 6.56 11.49
C ILE A 433 -33.74 7.17 12.54
N ARG A 434 -33.16 7.78 13.56
CA ARG A 434 -33.97 8.38 14.59
C ARG A 434 -33.26 9.65 14.98
N PRO A 435 -34.01 10.69 15.24
CA PRO A 435 -33.45 11.91 15.79
C PRO A 435 -33.53 11.86 17.30
N GLU A 436 -32.71 12.68 17.94
CA GLU A 436 -32.61 12.58 19.40
C GLU A 436 -32.02 13.88 19.91
N ASP A 437 -32.87 14.72 20.52
CA ASP A 437 -32.38 15.91 21.16
C ASP A 437 -31.45 16.69 20.25
N GLY A 438 -31.86 16.84 19.01
CA GLY A 438 -31.13 17.65 18.08
C GLY A 438 -30.28 16.87 17.12
N GLU A 439 -29.69 15.76 17.56
CA GLU A 439 -28.85 15.00 16.65
C GLU A 439 -29.70 14.00 15.87
N LEU A 440 -29.22 13.65 14.68
CA LEU A 440 -29.70 12.52 13.90
C LEU A 440 -28.87 11.29 14.26
N ARG A 441 -29.48 10.31 14.89
CA ARG A 441 -28.78 9.09 15.27
C ARG A 441 -28.94 8.08 14.14
N LEU A 442 -27.84 7.69 13.53
CA LEU A 442 -27.85 6.64 12.54
C LEU A 442 -27.29 5.40 13.20
N VAL A 443 -27.89 4.25 12.94
CA VAL A 443 -27.49 3.04 13.65
C VAL A 443 -27.64 1.85 12.73
N TRP A 444 -26.67 0.95 12.73
CA TRP A 444 -26.86 -0.29 11.97
C TRP A 444 -26.79 -1.49 12.91
N ASP A 445 -27.96 -2.04 13.22
CA ASP A 445 -28.09 -3.23 14.06
C ASP A 445 -28.09 -4.46 13.15
N HIS A 446 -27.08 -5.32 13.26
CA HIS A 446 -26.94 -6.44 12.36
C HIS A 446 -26.68 -7.73 13.11
N ARG A 447 -27.37 -8.79 12.69
CA ARG A 447 -27.26 -10.12 13.29
C ARG A 447 -25.89 -10.69 12.97
N SER A 448 -25.00 -10.67 13.96
CA SER A 448 -23.63 -11.14 13.78
C SER A 448 -23.65 -12.61 13.37
N GLY A 449 -22.98 -12.93 12.27
CA GLY A 449 -23.08 -14.26 11.72
C GLY A 449 -24.06 -14.39 10.57
N ALA A 450 -24.68 -13.28 10.16
CA ALA A 450 -25.48 -13.31 8.95
C ALA A 450 -24.64 -13.06 7.70
N PHE A 451 -23.38 -12.62 7.87
CA PHE A 451 -22.55 -12.16 6.76
C PHE A 451 -21.09 -12.52 7.00
N ALA A 452 -20.32 -12.59 5.90
CA ALA A 452 -18.89 -12.91 6.00
C ALA A 452 -18.16 -11.84 6.81
N PRO A 453 -16.96 -12.17 7.30
CA PRO A 453 -16.31 -11.33 8.32
C PRO A 453 -16.00 -9.94 7.81
N GLY A 454 -16.44 -8.94 8.55
CA GLY A 454 -16.16 -7.58 8.19
C GLY A 454 -17.18 -6.91 7.29
N VAL A 455 -17.99 -7.70 6.56
CA VAL A 455 -18.77 -7.16 5.44
C VAL A 455 -19.53 -5.93 5.88
N VAL A 456 -20.07 -5.96 7.11
CA VAL A 456 -20.84 -4.84 7.66
C VAL A 456 -19.92 -3.74 8.18
N GLU A 457 -18.75 -4.11 8.72
CA GLU A 457 -17.82 -3.07 9.15
C GLU A 457 -17.34 -2.25 7.96
N GLY A 458 -17.25 -2.91 6.79
CA GLY A 458 -16.67 -2.26 5.63
C GLY A 458 -17.66 -1.37 4.89
N ALA A 459 -18.86 -1.91 4.66
CA ALA A 459 -19.93 -1.11 4.07
C ALA A 459 -20.27 0.09 4.92
N PHE A 460 -20.18 -0.03 6.25
CA PHE A 460 -20.43 1.13 7.11
C PHE A 460 -19.35 2.19 6.97
N GLU A 461 -18.08 1.78 6.93
CA GLU A 461 -17.04 2.75 6.62
C GLU A 461 -17.38 3.47 5.31
N ALA A 462 -17.62 2.70 4.25
CA ALA A 462 -17.92 3.28 2.94
C ALA A 462 -19.17 4.15 2.98
N PHE A 463 -20.21 3.68 3.68
CA PHE A 463 -21.39 4.52 3.85
C PHE A 463 -21.00 5.87 4.44
N LEU A 464 -20.26 5.87 5.55
CA LEU A 464 -19.93 7.11 6.23
C LEU A 464 -19.16 8.07 5.33
N ASP A 465 -18.24 7.53 4.52
CA ASP A 465 -17.55 8.32 3.50
C ASP A 465 -18.55 8.92 2.54
N LEU A 466 -19.48 8.11 2.03
CA LEU A 466 -20.45 8.61 1.07
C LEU A 466 -21.21 9.78 1.66
N VAL A 467 -21.76 9.61 2.86
CA VAL A 467 -22.50 10.69 3.49
C VAL A 467 -21.59 11.87 3.76
N GLY A 468 -20.35 11.60 4.18
CA GLY A 468 -19.39 12.67 4.39
C GLY A 468 -19.14 13.51 3.15
N ARG A 469 -18.97 12.87 1.99
CA ARG A 469 -18.75 13.65 0.78
C ARG A 469 -19.97 14.47 0.46
N MET A 470 -21.14 13.90 0.70
CA MET A 470 -22.38 14.63 0.53
C MET A 470 -22.43 15.81 1.49
N LEU A 471 -21.78 15.70 2.63
CA LEU A 471 -21.64 16.85 3.50
C LEU A 471 -20.54 17.79 3.04
N ALA A 472 -19.81 17.42 2.00
CA ALA A 472 -18.73 18.24 1.56
C ALA A 472 -18.90 18.77 0.14
N ASP A 473 -19.91 18.32 -0.58
CA ASP A 473 -20.05 18.67 -1.99
C ASP A 473 -21.36 19.42 -2.23
N GLU A 474 -21.24 20.63 -2.77
CA GLU A 474 -22.40 21.40 -3.18
C GLU A 474 -23.18 20.60 -4.22
N PRO A 475 -24.50 20.60 -4.14
CA PRO A 475 -25.29 19.70 -4.98
C PRO A 475 -24.92 19.98 -6.42
N GLY A 476 -25.10 18.96 -7.26
CA GLY A 476 -24.63 19.04 -8.64
C GLY A 476 -23.12 19.05 -8.83
N HIS A 477 -22.35 19.10 -7.77
CA HIS A 477 -20.91 18.94 -7.89
C HIS A 477 -20.46 17.73 -7.08
N GLY A 478 -19.19 17.41 -7.28
CA GLY A 478 -18.54 16.43 -6.42
C GLY A 478 -19.15 15.06 -6.54
N VAL A 479 -19.46 14.47 -5.39
CA VAL A 479 -19.89 13.09 -5.41
C VAL A 479 -21.27 13.01 -6.00
N TRP A 480 -22.09 14.04 -5.78
CA TRP A 480 -23.45 14.06 -6.30
C TRP A 480 -23.49 13.61 -7.76
N GLU A 481 -22.76 14.34 -8.61
CA GLU A 481 -22.64 14.01 -10.04
C GLU A 481 -21.46 13.08 -10.29
N ALA A 482 -21.30 12.07 -9.43
CA ALA A 482 -20.30 11.04 -9.66
C ALA A 482 -20.98 9.76 -10.16
N PRO A 483 -20.43 9.10 -11.18
CA PRO A 483 -21.16 7.99 -11.83
C PRO A 483 -21.23 6.73 -11.02
N PHE A 484 -20.33 6.59 -10.03
CA PHE A 484 -20.27 5.51 -9.05
C PHE A 484 -19.31 5.95 -7.92
N ALA A 485 -19.15 5.09 -6.90
CA ALA A 485 -18.24 5.40 -5.79
C ALA A 485 -17.58 4.14 -5.28
N ASP A 486 -16.25 4.16 -5.15
CA ASP A 486 -15.53 2.95 -4.83
C ASP A 486 -15.75 2.65 -3.36
N MET A 487 -16.50 1.57 -3.09
CA MET A 487 -16.85 1.11 -1.76
C MET A 487 -15.71 0.41 -1.00
N ARG A 488 -14.70 -0.10 -1.70
CA ARG A 488 -13.56 -0.74 -1.03
C ARG A 488 -12.99 0.16 0.07
N SER A 489 -12.76 -0.43 1.24
CA SER A 489 -12.24 0.24 2.43
C SER A 489 -10.72 0.30 2.38
N ARG A 490 -10.15 1.07 3.32
CA ARG A 490 -8.72 1.36 3.25
C ARG A 490 -7.92 0.07 3.16
N ARG A 491 -8.36 -0.94 3.91
CA ARG A 491 -7.72 -2.24 3.89
C ARG A 491 -8.02 -2.99 2.61
N ASP A 492 -9.30 -3.06 2.23
CA ASP A 492 -9.71 -3.63 0.96
C ASP A 492 -8.69 -3.21 -0.08
N ARG A 493 -8.43 -1.90 -0.15
CA ARG A 493 -7.41 -1.35 -1.06
C ARG A 493 -6.00 -1.80 -0.67
N ALA A 494 -5.61 -1.56 0.59
CA ALA A 494 -4.24 -1.85 0.98
C ALA A 494 -3.90 -3.28 0.63
N VAL A 495 -4.83 -4.21 0.87
CA VAL A 495 -4.49 -5.62 0.62
C VAL A 495 -4.38 -5.88 -0.87
N TRP A 496 -5.24 -5.25 -1.67
CA TRP A 496 -5.17 -5.54 -3.09
C TRP A 496 -3.96 -4.90 -3.73
N ASN A 497 -3.71 -3.62 -3.44
CA ASN A 497 -2.47 -3.03 -3.89
C ASN A 497 -1.31 -3.95 -3.53
N GLU A 498 -1.18 -4.21 -2.22
CA GLU A 498 -0.04 -4.94 -1.67
C GLU A 498 0.09 -6.33 -2.25
N THR A 499 -1.02 -7.01 -2.58
CA THR A 499 -0.91 -8.35 -3.16
C THR A 499 -0.83 -8.33 -4.67
N ASN A 500 -1.18 -7.22 -5.31
CA ASN A 500 -1.11 -7.11 -6.75
C ASN A 500 0.03 -6.20 -7.22
N ASP A 501 1.01 -5.91 -6.37
CA ASP A 501 2.14 -5.08 -6.80
C ASP A 501 3.21 -5.95 -7.49
N THR A 502 2.90 -6.37 -8.71
CA THR A 502 3.76 -7.30 -9.40
C THR A 502 4.31 -6.57 -10.63
N ALA A 503 5.38 -5.80 -10.44
CA ALA A 503 5.96 -4.94 -11.47
C ALA A 503 7.44 -5.29 -11.64
N GLU A 504 7.76 -6.15 -12.60
CA GLU A 504 9.15 -6.56 -12.80
C GLU A 504 9.53 -6.62 -14.27
N PRO A 505 10.60 -5.94 -14.67
CA PRO A 505 10.99 -5.96 -16.09
C PRO A 505 11.45 -7.34 -16.55
N VAL A 506 10.93 -7.77 -17.70
CA VAL A 506 11.28 -9.06 -18.30
C VAL A 506 12.41 -8.84 -19.31
N PRO A 507 13.60 -9.41 -19.09
CA PRO A 507 14.70 -9.28 -20.07
C PRO A 507 14.31 -9.83 -21.47
N ALA A 508 14.42 -8.97 -22.49
CA ALA A 508 14.23 -9.39 -23.87
C ALA A 508 15.16 -10.54 -24.19
N VAL A 509 14.64 -11.77 -24.21
CA VAL A 509 15.43 -12.89 -24.68
C VAL A 509 14.51 -13.84 -25.42
N LEU A 510 14.86 -14.19 -26.65
CA LEU A 510 14.00 -15.10 -27.40
C LEU A 510 13.89 -16.42 -26.64
N LEU A 511 12.67 -16.93 -26.56
CA LEU A 511 12.43 -18.17 -25.82
C LEU A 511 13.32 -19.31 -26.31
N GLN A 512 13.65 -19.31 -27.60
CA GLN A 512 14.58 -20.29 -28.14
C GLN A 512 16.04 -19.86 -27.94
N GLU A 513 16.28 -18.57 -27.72
CA GLU A 513 17.64 -18.13 -27.39
C GLU A 513 18.02 -18.60 -25.99
N ARG A 514 17.15 -18.38 -25.00
CA ARG A 514 17.46 -18.84 -23.65
C ARG A 514 17.89 -20.31 -23.66
N PHE A 515 17.07 -21.20 -24.26
CA PHE A 515 17.43 -22.62 -24.30
C PHE A 515 18.76 -22.86 -25.02
N PHE A 516 18.94 -22.22 -26.17
CA PHE A 516 20.19 -22.37 -26.91
C PHE A 516 21.38 -22.03 -26.01
N ALA A 517 21.22 -21.01 -25.17
CA ALA A 517 22.32 -20.54 -24.33
C ALA A 517 22.59 -21.44 -23.12
N GLN A 518 21.57 -22.09 -22.57
CA GLN A 518 21.85 -23.10 -21.55
C GLN A 518 22.47 -24.34 -22.14
N ALA A 519 22.04 -24.73 -23.35
CA ALA A 519 22.64 -25.86 -24.05
C ALA A 519 24.13 -25.63 -24.30
N ARG A 520 24.50 -24.42 -24.72
CA ARG A 520 25.90 -24.04 -24.74
C ARG A 520 26.47 -23.98 -23.32
N ARG A 521 25.65 -23.71 -22.31
CA ARG A 521 26.21 -23.61 -20.98
C ARG A 521 26.45 -24.98 -20.38
N THR A 522 25.49 -25.91 -20.50
CA THR A 522 25.64 -27.29 -20.02
C THR A 522 25.20 -28.24 -21.12
N PRO A 523 26.03 -28.40 -22.16
CA PRO A 523 25.67 -29.29 -23.28
C PRO A 523 25.75 -30.75 -22.93
N ASP A 524 26.48 -31.10 -21.88
CA ASP A 524 26.48 -32.48 -21.46
C ASP A 524 25.12 -32.89 -20.90
N ALA A 525 24.42 -31.95 -20.25
CA ALA A 525 23.32 -32.31 -19.36
C ALA A 525 22.23 -33.10 -20.09
N GLU A 526 21.44 -33.84 -19.31
CA GLU A 526 20.29 -34.60 -19.80
C GLU A 526 19.16 -33.61 -20.09
N ALA A 527 18.92 -33.33 -21.37
CA ALA A 527 17.80 -32.43 -21.69
C ALA A 527 16.49 -33.21 -21.71
N VAL A 528 16.38 -34.17 -22.62
CA VAL A 528 15.14 -34.91 -22.83
C VAL A 528 15.36 -36.39 -22.59
N VAL A 529 14.46 -37.00 -21.79
CA VAL A 529 14.46 -38.44 -21.56
C VAL A 529 13.08 -38.97 -21.95
N ALA A 530 13.00 -39.62 -23.12
CA ALA A 530 11.71 -39.99 -23.71
C ALA A 530 11.75 -41.42 -24.21
N SER A 531 10.83 -42.26 -23.72
CA SER A 531 10.64 -43.61 -24.22
C SER A 531 11.93 -44.41 -24.17
N GLY A 532 12.73 -44.18 -23.13
CA GLY A 532 14.04 -44.80 -22.97
C GLY A 532 15.19 -44.13 -23.70
N LEU A 533 14.97 -43.71 -24.96
CA LEU A 533 15.97 -42.98 -25.72
C LEU A 533 16.14 -41.58 -25.13
N ARG A 534 17.26 -41.33 -24.45
CA ARG A 534 17.52 -40.05 -23.82
C ARG A 534 18.03 -39.04 -24.88
N LEU A 535 18.42 -37.82 -24.46
CA LEU A 535 18.92 -36.76 -25.35
C LEU A 535 19.64 -35.66 -24.56
N THR A 536 20.87 -35.33 -24.94
CA THR A 536 21.55 -34.27 -24.21
C THR A 536 21.16 -32.90 -24.76
N TYR A 537 21.47 -31.85 -23.98
CA TYR A 537 21.14 -30.49 -24.40
C TYR A 537 21.80 -30.13 -25.73
N ASP A 538 23.04 -30.57 -25.96
CA ASP A 538 23.70 -30.25 -27.22
C ASP A 538 23.08 -31.03 -28.38
N GLU A 539 22.73 -32.30 -28.13
CA GLU A 539 22.15 -33.09 -29.22
C GLU A 539 20.77 -32.56 -29.61
N LEU A 540 19.98 -32.09 -28.63
CA LEU A 540 18.70 -31.45 -28.95
C LEU A 540 18.91 -30.13 -29.66
N ALA A 541 19.76 -29.28 -29.09
CA ALA A 541 20.10 -28.04 -29.76
C ALA A 541 20.57 -28.31 -31.20
N ARG A 542 21.49 -29.28 -31.40
CA ARG A 542 21.97 -29.56 -32.76
CA ARG A 542 21.97 -29.56 -32.76
C ARG A 542 20.84 -30.01 -33.67
N HIS A 543 19.88 -30.79 -33.15
CA HIS A 543 18.77 -31.19 -33.99
C HIS A 543 17.76 -30.07 -34.14
N ALA A 544 17.72 -29.14 -33.19
CA ALA A 544 16.88 -27.96 -33.37
C ALA A 544 17.44 -27.06 -34.46
N TYR A 545 18.75 -26.82 -34.44
CA TYR A 545 19.38 -26.11 -35.53
C TYR A 545 19.05 -26.80 -36.85
N ARG A 546 19.26 -28.11 -36.90
CA ARG A 546 18.94 -28.88 -38.10
C ARG A 546 17.53 -28.56 -38.58
N ILE A 547 16.54 -28.73 -37.70
CA ILE A 547 15.15 -28.50 -38.10
C ILE A 547 14.96 -27.05 -38.48
N GLY A 548 15.41 -26.13 -37.62
CA GLY A 548 15.06 -24.73 -37.80
C GLY A 548 15.71 -24.12 -39.02
N ASN A 549 16.97 -24.48 -39.27
CA ASN A 549 17.58 -24.08 -40.53
C ASN A 549 16.74 -24.59 -41.69
N THR A 550 16.40 -25.88 -41.67
CA THR A 550 15.64 -26.47 -42.76
C THR A 550 14.35 -25.70 -42.99
N LEU A 551 13.74 -25.24 -41.90
CA LEU A 551 12.47 -24.54 -42.00
C LEU A 551 12.66 -23.19 -42.67
N ARG A 552 13.58 -22.37 -42.14
CA ARG A 552 13.81 -21.05 -42.71
C ARG A 552 14.08 -21.17 -44.19
N GLU A 553 14.89 -22.17 -44.56
CA GLU A 553 15.20 -22.40 -45.95
C GLU A 553 13.93 -22.56 -46.76
N ARG A 554 13.02 -23.41 -46.30
CA ARG A 554 11.74 -23.58 -46.99
C ARG A 554 10.79 -22.37 -46.82
N GLY A 555 11.33 -21.31 -46.22
CA GLY A 555 10.64 -20.05 -46.13
C GLY A 555 9.72 -19.89 -44.95
N VAL A 556 10.10 -20.41 -43.77
CA VAL A 556 9.30 -20.26 -42.56
C VAL A 556 9.47 -18.83 -42.08
N ARG A 557 8.86 -17.89 -42.81
CA ARG A 557 9.11 -16.48 -42.63
C ARG A 557 8.77 -16.05 -41.21
N PRO A 558 9.24 -14.86 -40.81
CA PRO A 558 8.95 -14.34 -39.46
C PRO A 558 7.47 -14.12 -39.19
N GLY A 559 6.96 -14.78 -38.16
CA GLY A 559 5.56 -14.69 -37.81
C GLY A 559 4.67 -15.79 -38.36
N ASP A 560 5.21 -16.72 -39.15
CA ASP A 560 4.39 -17.82 -39.64
C ASP A 560 4.13 -18.82 -38.54
N LEU A 561 3.15 -19.70 -38.78
CA LEU A 561 2.72 -20.74 -37.84
C LEU A 561 3.06 -22.12 -38.42
N VAL A 562 3.96 -22.84 -37.75
CA VAL A 562 4.38 -24.17 -38.17
C VAL A 562 3.66 -25.18 -37.29
N GLY A 563 2.66 -25.85 -37.85
CA GLY A 563 1.85 -26.77 -37.08
C GLY A 563 2.67 -27.97 -36.66
N VAL A 564 2.63 -28.26 -35.36
CA VAL A 564 3.38 -29.37 -34.80
C VAL A 564 2.39 -30.46 -34.37
N VAL A 565 2.17 -31.47 -35.23
CA VAL A 565 1.19 -32.52 -34.95
C VAL A 565 1.93 -33.84 -34.78
N MET A 566 2.05 -34.30 -33.54
CA MET A 566 2.66 -35.57 -33.20
C MET A 566 2.06 -36.05 -31.89
N GLU A 567 2.55 -37.18 -31.40
CA GLU A 567 2.18 -37.66 -30.09
C GLU A 567 3.32 -37.42 -29.12
N LYS A 568 3.10 -37.79 -27.85
CA LYS A 568 4.08 -37.55 -26.81
C LYS A 568 5.39 -38.25 -27.14
N GLY A 569 6.46 -37.49 -27.21
CA GLY A 569 7.76 -38.05 -27.54
C GLY A 569 8.77 -36.94 -27.68
N TRP A 570 10.03 -37.34 -27.77
CA TRP A 570 11.09 -36.37 -27.87
C TRP A 570 11.12 -35.63 -29.20
N GLU A 571 10.25 -36.01 -30.14
CA GLU A 571 10.17 -35.34 -31.42
C GLU A 571 9.55 -33.97 -31.27
N GLN A 572 8.53 -33.87 -30.41
CA GLN A 572 7.84 -32.60 -30.25
C GLN A 572 8.80 -31.54 -29.72
N TYR A 573 9.60 -31.89 -28.71
CA TYR A 573 10.46 -30.90 -28.07
C TYR A 573 11.33 -30.20 -29.11
N ALA A 574 12.13 -30.97 -29.88
CA ALA A 574 12.95 -30.36 -30.94
C ALA A 574 12.10 -29.60 -31.95
N ALA A 575 10.90 -30.11 -32.24
CA ALA A 575 9.99 -29.46 -33.16
C ALA A 575 9.68 -28.04 -32.70
N VAL A 576 9.42 -27.86 -31.42
CA VAL A 576 9.07 -26.53 -30.93
C VAL A 576 10.25 -25.57 -31.07
N TYR A 577 11.43 -26.00 -30.62
CA TYR A 577 12.59 -25.12 -30.56
C TYR A 577 13.22 -24.86 -31.92
N GLY A 578 13.10 -25.80 -32.86
CA GLY A 578 13.46 -25.48 -34.24
C GLY A 578 12.51 -24.49 -34.90
N ILE A 579 11.20 -24.64 -34.67
CA ILE A 579 10.24 -23.71 -35.25
C ILE A 579 10.42 -22.31 -34.70
N LEU A 580 10.56 -22.17 -33.39
CA LEU A 580 10.88 -20.86 -32.84
C LEU A 580 12.16 -20.31 -33.42
N ALA A 581 13.19 -21.15 -33.48
CA ALA A 581 14.47 -20.74 -34.05
C ALA A 581 14.27 -20.17 -35.45
N ALA A 582 13.50 -20.89 -36.26
CA ALA A 582 13.23 -20.55 -37.64
C ALA A 582 12.51 -19.21 -37.74
N GLY A 583 12.20 -18.60 -36.60
CA GLY A 583 11.54 -17.33 -36.60
C GLY A 583 10.04 -17.38 -36.51
N GLY A 584 9.45 -18.57 -36.31
CA GLY A 584 8.02 -18.73 -36.31
C GLY A 584 7.44 -18.98 -34.93
N ALA A 585 6.19 -19.41 -34.92
CA ALA A 585 5.49 -19.85 -33.72
C ALA A 585 4.88 -21.21 -33.99
N TYR A 586 4.91 -22.09 -33.03
CA TYR A 586 4.40 -23.43 -33.26
C TYR A 586 2.96 -23.55 -32.83
N LEU A 587 2.19 -24.28 -33.63
CA LEU A 587 0.76 -24.46 -33.41
C LEU A 587 0.50 -25.92 -33.03
N PRO A 588 0.31 -26.22 -31.74
CA PRO A 588 0.18 -27.63 -31.33
C PRO A 588 -1.19 -28.19 -31.69
N ILE A 589 -1.18 -29.33 -32.37
CA ILE A 589 -2.39 -30.08 -32.66
C ILE A 589 -2.19 -31.53 -32.26
N ASP A 590 -3.18 -32.09 -31.57
CA ASP A 590 -3.15 -33.46 -31.08
C ASP A 590 -3.25 -34.44 -32.24
N ALA A 591 -2.44 -35.50 -32.18
CA ALA A 591 -2.43 -36.52 -33.21
C ALA A 591 -3.56 -37.54 -33.04
N ALA A 592 -4.41 -37.36 -32.03
CA ALA A 592 -5.50 -38.27 -31.77
C ALA A 592 -6.84 -37.73 -32.22
N SER A 593 -6.92 -36.45 -32.58
CA SER A 593 -8.15 -35.88 -33.03
C SER A 593 -8.68 -36.65 -34.24
N PRO A 594 -9.96 -36.51 -34.55
CA PRO A 594 -10.49 -37.14 -35.77
C PRO A 594 -9.70 -36.70 -37.00
N ARG A 595 -9.68 -37.56 -38.03
CA ARG A 595 -8.96 -37.28 -39.27
C ARG A 595 -9.49 -36.04 -40.01
N GLY A 596 -10.60 -35.45 -39.57
CA GLY A 596 -11.14 -34.22 -40.13
C GLY A 596 -10.84 -32.95 -39.36
N ARG A 597 -10.95 -32.99 -38.02
CA ARG A 597 -10.75 -31.79 -37.21
C ARG A 597 -9.32 -31.28 -37.29
N VAL A 598 -8.34 -32.16 -37.52
CA VAL A 598 -6.96 -31.72 -37.58
C VAL A 598 -6.78 -30.74 -38.73
N ALA A 599 -7.02 -31.20 -39.97
CA ALA A 599 -6.88 -30.32 -41.13
C ALA A 599 -7.77 -29.09 -40.98
N ARG A 600 -8.87 -29.22 -40.25
CA ARG A 600 -9.76 -28.10 -39.99
C ARG A 600 -9.03 -26.99 -39.27
N LEU A 601 -8.44 -27.30 -38.11
CA LEU A 601 -7.75 -26.29 -37.33
C LEU A 601 -6.58 -25.70 -38.11
N LEU A 602 -5.90 -26.52 -38.89
CA LEU A 602 -4.78 -26.02 -39.68
C LEU A 602 -5.26 -25.05 -40.74
N GLU A 603 -6.36 -25.38 -41.42
CA GLU A 603 -6.85 -24.49 -42.46
C GLU A 603 -7.37 -23.19 -41.86
N SER A 604 -8.06 -23.26 -40.71
CA SER A 604 -8.61 -22.06 -40.09
C SER A 604 -7.51 -21.17 -39.53
N ALA A 605 -6.39 -21.75 -39.12
CA ALA A 605 -5.29 -20.93 -38.66
C ALA A 605 -4.40 -20.45 -39.80
N GLY A 606 -4.56 -21.00 -41.00
CA GLY A 606 -3.72 -20.60 -42.11
C GLY A 606 -2.29 -21.05 -41.95
N ALA A 607 -2.11 -22.32 -41.59
CA ALA A 607 -0.78 -22.86 -41.34
C ALA A 607 -0.33 -23.67 -42.56
N GLY A 608 0.93 -23.47 -42.96
CA GLY A 608 1.48 -24.19 -44.09
C GLY A 608 2.23 -25.45 -43.69
N ILE A 609 3.54 -25.32 -43.48
CA ILE A 609 4.36 -26.48 -43.16
C ILE A 609 3.87 -27.14 -41.87
N VAL A 610 4.14 -28.43 -41.74
CA VAL A 610 3.75 -29.20 -40.55
C VAL A 610 4.86 -30.19 -40.20
N LEU A 611 5.41 -30.08 -38.99
CA LEU A 611 6.37 -31.08 -38.53
C LEU A 611 5.61 -32.24 -37.89
N THR A 612 6.18 -33.44 -37.97
CA THR A 612 5.50 -34.65 -37.51
C THR A 612 6.52 -35.74 -37.23
N GLN A 613 6.12 -36.73 -36.44
CA GLN A 613 6.93 -37.93 -36.37
C GLN A 613 6.63 -38.82 -37.57
N SER A 614 7.62 -39.62 -37.97
CA SER A 614 7.46 -40.46 -39.17
C SER A 614 6.42 -41.54 -38.93
N ARG A 615 6.39 -42.10 -37.72
CA ARG A 615 5.31 -43.00 -37.37
C ARG A 615 3.99 -42.23 -37.38
N LEU A 616 2.98 -42.84 -38.02
CA LEU A 616 1.67 -42.21 -38.23
C LEU A 616 1.78 -40.94 -39.07
N ARG A 617 2.74 -40.94 -40.01
CA ARG A 617 2.86 -39.83 -40.94
C ARG A 617 1.93 -39.99 -42.13
N ASP A 618 1.66 -41.24 -42.56
CA ASP A 618 0.71 -41.47 -43.65
C ASP A 618 -0.74 -41.36 -43.20
N GLU A 619 -1.03 -41.61 -41.92
CA GLU A 619 -2.35 -41.40 -41.35
C GLU A 619 -2.65 -39.93 -41.13
N LEU A 620 -2.28 -39.06 -42.08
CA LEU A 620 -2.50 -37.62 -41.98
C LEU A 620 -3.06 -37.10 -43.31
N ASP A 621 -4.38 -36.97 -43.38
CA ASP A 621 -5.07 -36.51 -44.58
C ASP A 621 -4.96 -35.00 -44.68
N LEU A 622 -3.83 -34.52 -45.20
CA LEU A 622 -3.59 -33.10 -45.39
C LEU A 622 -3.42 -32.80 -46.88
N PRO A 623 -3.74 -31.53 -47.34
CA PRO A 623 -3.55 -31.19 -48.77
C PRO A 623 -2.10 -31.06 -49.26
N ALA A 624 -1.94 -30.68 -50.54
CA ALA A 624 -0.61 -30.62 -51.16
C ALA A 624 0.04 -29.25 -51.05
N GLY A 625 -0.75 -28.20 -50.81
CA GLY A 625 -0.22 -26.87 -50.53
C GLY A 625 0.30 -26.69 -49.12
N THR A 626 0.17 -27.73 -48.30
CA THR A 626 0.64 -27.71 -46.92
C THR A 626 1.69 -28.79 -46.79
N THR A 627 2.96 -28.37 -46.78
CA THR A 627 4.07 -29.28 -46.69
C THR A 627 4.03 -30.09 -45.40
N VAL A 628 4.58 -31.30 -45.47
CA VAL A 628 4.65 -32.18 -44.32
C VAL A 628 6.05 -32.81 -44.28
N LEU A 629 6.75 -32.63 -43.17
CA LEU A 629 8.06 -33.26 -42.98
C LEU A 629 8.07 -34.07 -41.70
N ARG A 630 8.68 -35.26 -41.78
CA ARG A 630 8.98 -36.03 -40.58
C ARG A 630 10.17 -35.41 -39.85
N ALA A 631 10.19 -35.60 -38.53
CA ALA A 631 11.24 -35.01 -37.71
C ALA A 631 12.35 -35.98 -37.37
N ASP A 632 11.99 -37.25 -37.10
CA ASP A 632 12.93 -38.27 -36.68
C ASP A 632 13.81 -38.76 -37.82
N THR A 633 13.53 -38.33 -39.05
CA THR A 633 14.29 -38.79 -40.20
C THR A 633 14.44 -37.69 -41.27
N ASP A 634 13.35 -37.02 -41.63
CA ASP A 634 13.37 -36.05 -42.73
C ASP A 634 14.08 -34.76 -42.36
N PHE A 635 15.25 -34.85 -41.74
CA PHE A 635 15.95 -33.68 -41.23
C PHE A 635 17.44 -33.93 -41.05
N GLU A 636 17.81 -35.20 -40.97
CA GLU A 636 19.14 -35.57 -40.46
C GLU A 636 20.28 -34.88 -41.21
N THR A 637 20.07 -34.59 -42.50
CA THR A 637 21.11 -34.08 -43.40
C THR A 637 21.10 -32.55 -43.46
N ALA A 638 21.20 -31.94 -42.29
CA ALA A 638 20.98 -30.50 -42.15
C ALA A 638 22.17 -29.84 -41.49
N SER A 639 22.06 -28.52 -41.34
CA SER A 639 23.10 -27.70 -40.75
C SER A 639 23.04 -27.77 -39.22
N THR A 640 24.13 -28.23 -38.61
CA THR A 640 24.19 -28.09 -37.16
C THR A 640 24.80 -26.74 -36.83
N ALA A 641 24.48 -25.73 -37.65
CA ALA A 641 25.01 -24.41 -37.42
C ALA A 641 23.92 -23.49 -36.95
N PRO A 642 24.11 -22.80 -35.83
CA PRO A 642 23.00 -22.06 -35.21
C PRO A 642 22.43 -21.01 -36.13
N LEU A 643 21.10 -20.93 -36.18
CA LEU A 643 20.43 -19.86 -36.90
C LEU A 643 20.34 -18.62 -36.01
N THR A 644 20.02 -17.51 -36.64
CA THR A 644 20.06 -16.32 -35.82
C THR A 644 18.64 -15.81 -35.52
N PRO A 645 18.44 -15.24 -34.32
CA PRO A 645 17.11 -14.75 -33.95
C PRO A 645 16.66 -13.67 -34.91
N VAL A 646 15.57 -13.93 -35.61
CA VAL A 646 14.95 -12.96 -36.47
C VAL A 646 13.73 -12.29 -35.83
N GLN A 647 13.03 -12.98 -34.92
CA GLN A 647 11.74 -12.58 -34.37
C GLN A 647 11.90 -11.83 -33.05
N GLY A 648 10.84 -11.15 -32.65
CA GLY A 648 10.91 -10.21 -31.55
C GLY A 648 10.28 -10.73 -30.26
N PRO A 649 10.34 -9.92 -29.19
CA PRO A 649 9.85 -10.39 -27.89
C PRO A 649 8.36 -10.31 -27.80
N ASP A 650 7.79 -9.48 -28.66
CA ASP A 650 6.36 -9.29 -28.71
C ASP A 650 5.78 -10.03 -29.90
N ASP A 651 6.53 -10.92 -30.48
CA ASP A 651 5.91 -11.69 -31.52
C ASP A 651 5.43 -13.02 -30.99
N PRO A 652 4.51 -13.67 -31.70
CA PRO A 652 3.91 -14.90 -31.19
C PRO A 652 4.85 -16.08 -31.16
N ALA A 653 4.75 -16.84 -30.09
CA ALA A 653 5.55 -18.05 -29.96
C ALA A 653 4.71 -19.31 -30.15
N TYR A 654 3.43 -19.26 -29.78
CA TYR A 654 2.52 -20.38 -29.99
C TYR A 654 1.08 -19.88 -30.06
N VAL A 655 0.32 -20.55 -30.92
CA VAL A 655 -1.12 -20.49 -30.93
C VAL A 655 -1.66 -21.84 -30.47
N ILE A 656 -2.47 -21.82 -29.41
CA ILE A 656 -3.14 -22.99 -28.89
C ILE A 656 -4.64 -22.75 -28.95
N TYR A 657 -5.38 -23.78 -29.35
CA TYR A 657 -6.80 -23.66 -29.59
C TYR A 657 -7.58 -24.21 -28.41
N THR A 658 -8.80 -23.73 -28.22
CA THR A 658 -9.62 -24.14 -27.07
C THR A 658 -11.09 -24.42 -27.46
N GLY A 663 -19.44 -20.48 -28.54
CA GLY A 663 -19.45 -21.92 -28.68
C GLY A 663 -18.40 -22.54 -29.59
N GLU A 664 -17.87 -21.75 -30.56
CA GLU A 664 -16.89 -22.12 -31.57
C GLU A 664 -15.47 -22.02 -31.02
N PRO A 665 -14.58 -22.99 -31.29
CA PRO A 665 -13.23 -22.95 -30.70
C PRO A 665 -12.47 -21.72 -31.16
N LYS A 666 -11.65 -21.20 -30.25
CA LYS A 666 -10.91 -19.96 -30.46
C LYS A 666 -9.41 -20.23 -30.36
N GLY A 667 -8.62 -19.73 -31.32
CA GLY A 667 -7.17 -19.86 -31.23
C GLY A 667 -6.57 -18.79 -30.34
N VAL A 668 -5.49 -19.14 -29.65
CA VAL A 668 -4.88 -18.23 -28.68
C VAL A 668 -3.50 -17.82 -29.17
N VAL A 669 -3.27 -16.54 -29.28
CA VAL A 669 -1.96 -16.03 -29.68
C VAL A 669 -1.19 -15.58 -28.46
N VAL A 670 0.02 -16.12 -28.28
CA VAL A 670 0.86 -15.87 -27.10
C VAL A 670 2.25 -15.40 -27.54
N ALA A 671 2.76 -14.34 -26.89
CA ALA A 671 3.98 -13.66 -27.31
C ALA A 671 5.23 -14.49 -26.96
N HIS A 672 6.38 -13.84 -26.99
CA HIS A 672 7.53 -14.40 -26.30
C HIS A 672 7.65 -13.80 -24.93
N ARG A 673 7.59 -12.48 -24.87
CA ARG A 673 7.82 -11.77 -23.62
C ARG A 673 7.08 -12.38 -22.44
N GLY A 674 5.81 -12.75 -22.62
CA GLY A 674 5.05 -13.29 -21.52
C GLY A 674 5.52 -14.66 -21.04
N VAL A 675 5.66 -15.60 -21.97
CA VAL A 675 6.12 -16.92 -21.57
C VAL A 675 7.44 -16.79 -20.81
N ALA A 676 8.37 -15.99 -21.34
CA ALA A 676 9.64 -15.75 -20.66
C ALA A 676 9.43 -15.17 -19.27
N ASN A 677 8.44 -14.29 -19.11
CA ASN A 677 8.03 -13.88 -17.77
C ASN A 677 7.66 -15.08 -16.91
N LEU A 678 6.86 -15.99 -17.47
CA LEU A 678 6.47 -17.17 -16.71
C LEU A 678 7.70 -17.93 -16.28
N VAL A 679 8.49 -18.35 -17.28
CA VAL A 679 9.60 -19.27 -17.04
C VAL A 679 10.47 -18.77 -15.90
N ARG A 680 11.02 -17.55 -16.04
CA ARG A 680 11.92 -16.97 -15.04
C ARG A 680 11.21 -16.48 -13.79
N ASP A 681 9.88 -16.56 -13.69
CA ASP A 681 9.29 -16.46 -12.36
C ASP A 681 9.22 -17.80 -11.66
N VAL A 682 8.75 -18.81 -12.37
CA VAL A 682 8.63 -20.12 -11.77
C VAL A 682 9.98 -20.60 -11.27
N ARG A 683 11.04 -20.31 -12.02
CA ARG A 683 12.38 -20.60 -11.55
C ARG A 683 12.69 -19.82 -10.27
N ARG A 684 12.40 -18.52 -10.28
CA ARG A 684 12.66 -17.70 -9.10
C ARG A 684 11.60 -17.87 -8.02
N ARG A 685 10.57 -18.71 -8.24
CA ARG A 685 9.55 -18.99 -7.23
C ARG A 685 9.91 -20.22 -6.43
N PHE A 686 10.30 -21.29 -7.12
CA PHE A 686 10.57 -22.58 -6.49
C PHE A 686 12.02 -23.04 -6.70
N ALA A 687 12.94 -22.09 -6.96
CA ALA A 687 14.40 -22.32 -7.02
C ALA A 687 14.76 -23.39 -8.04
N VAL A 688 14.13 -23.30 -9.21
CA VAL A 688 14.18 -24.36 -10.21
C VAL A 688 15.66 -24.56 -10.49
N THR A 689 16.18 -25.72 -10.11
CA THR A 689 17.58 -26.05 -10.26
C THR A 689 17.76 -27.08 -11.37
N PRO A 690 18.93 -27.10 -12.03
CA PRO A 690 19.14 -28.05 -13.14
C PRO A 690 18.97 -29.51 -12.73
N ALA A 691 18.99 -29.78 -11.43
CA ALA A 691 18.80 -31.13 -10.95
C ALA A 691 17.36 -31.59 -11.14
N ASP A 692 16.41 -30.65 -11.11
CA ASP A 692 14.99 -31.00 -11.17
C ASP A 692 14.65 -31.71 -12.47
N ARG A 693 13.94 -32.84 -12.35
CA ARG A 693 13.59 -33.72 -13.45
C ARG A 693 12.07 -33.76 -13.50
N LEU A 694 11.47 -33.34 -14.62
CA LEU A 694 10.03 -33.06 -14.68
C LEU A 694 9.33 -34.04 -15.60
N LEU A 695 8.19 -34.58 -15.13
CA LEU A 695 7.35 -35.51 -15.91
C LEU A 695 6.41 -34.70 -16.79
N ALA A 696 6.81 -34.49 -18.05
CA ALA A 696 6.05 -33.65 -18.98
C ALA A 696 4.78 -34.40 -19.41
N LEU A 697 3.77 -34.33 -18.56
CA LEU A 697 2.62 -35.20 -18.74
C LEU A 697 1.56 -34.57 -19.61
N SER A 698 1.31 -33.27 -19.42
CA SER A 698 0.31 -32.59 -20.21
C SER A 698 0.65 -32.70 -21.71
N GLY A 699 -0.38 -32.76 -22.54
CA GLY A 699 -0.15 -32.81 -23.99
C GLY A 699 0.12 -31.41 -24.52
N LEU A 700 1.07 -31.31 -25.45
CA LEU A 700 1.56 -30.00 -25.89
C LEU A 700 0.47 -29.16 -26.50
N HIS A 701 -0.66 -29.76 -26.85
CA HIS A 701 -1.83 -29.02 -27.30
C HIS A 701 -2.65 -28.48 -26.14
N PHE A 702 -2.45 -29.02 -24.95
CA PHE A 702 -3.04 -28.43 -23.76
C PHE A 702 -2.11 -27.32 -23.25
N ASP A 703 -2.69 -26.16 -22.87
CA ASP A 703 -1.89 -25.00 -22.45
C ASP A 703 -0.94 -25.36 -21.33
N ALA A 704 -1.32 -26.35 -20.53
CA ALA A 704 -0.52 -26.74 -19.38
C ALA A 704 0.90 -27.18 -19.75
N SER A 705 1.13 -27.61 -21.00
CA SER A 705 2.43 -28.16 -21.42
C SER A 705 3.49 -27.10 -21.56
N VAL A 706 3.12 -25.83 -21.48
CA VAL A 706 4.06 -24.81 -21.90
C VAL A 706 5.19 -24.69 -20.90
N TYR A 707 4.92 -24.80 -19.61
CA TYR A 707 6.05 -24.81 -18.68
C TYR A 707 6.94 -26.04 -18.88
N ASP A 708 6.39 -27.14 -19.39
CA ASP A 708 7.22 -28.30 -19.69
C ASP A 708 8.13 -28.11 -20.90
N VAL A 709 7.76 -27.24 -21.82
CA VAL A 709 8.60 -26.93 -22.96
C VAL A 709 9.75 -26.05 -22.50
N PHE A 710 9.40 -24.83 -22.14
CA PHE A 710 10.34 -23.75 -21.97
C PHE A 710 10.81 -23.59 -20.54
N GLY A 711 10.16 -24.23 -19.59
CA GLY A 711 10.53 -24.04 -18.21
C GLY A 711 11.86 -24.65 -17.86
N PRO A 712 11.97 -25.98 -18.02
CA PRO A 712 13.16 -26.69 -17.53
C PRO A 712 14.39 -26.37 -18.35
N LEU A 713 14.23 -26.48 -19.68
CA LEU A 713 15.37 -26.36 -20.56
C LEU A 713 16.02 -25.00 -20.47
N ALA A 714 15.33 -24.01 -19.91
CA ALA A 714 15.86 -22.67 -19.85
C ALA A 714 16.70 -22.42 -18.60
N CYS A 715 17.02 -23.46 -17.83
CA CYS A 715 18.07 -23.29 -16.83
C CYS A 715 18.84 -24.58 -16.53
N GLY A 716 18.65 -25.65 -17.31
CA GLY A 716 19.47 -26.83 -17.20
C GLY A 716 18.79 -28.02 -16.58
N ALA A 717 17.48 -27.99 -16.41
CA ALA A 717 16.84 -29.16 -15.86
C ALA A 717 16.72 -30.22 -16.94
N THR A 718 16.06 -31.32 -16.60
CA THR A 718 15.78 -32.38 -17.54
C THR A 718 14.28 -32.52 -17.72
N VAL A 719 13.84 -32.64 -18.93
CA VAL A 719 12.45 -32.99 -19.20
C VAL A 719 12.35 -34.51 -19.35
N VAL A 720 11.31 -35.09 -18.77
CA VAL A 720 11.12 -36.54 -18.76
C VAL A 720 9.80 -36.80 -19.46
N VAL A 721 9.85 -37.23 -20.71
CA VAL A 721 8.62 -37.48 -21.48
C VAL A 721 8.11 -38.87 -21.14
N PRO A 722 6.84 -38.99 -20.74
CA PRO A 722 6.27 -40.30 -20.50
C PRO A 722 5.80 -40.92 -21.80
N PRO A 723 5.66 -42.24 -21.83
CA PRO A 723 5.13 -42.91 -23.03
C PRO A 723 3.75 -42.38 -23.38
N PRO A 724 3.42 -42.28 -24.67
CA PRO A 724 2.11 -41.74 -25.06
C PRO A 724 0.95 -42.51 -24.47
N PHE A 725 -0.14 -41.79 -24.18
CA PHE A 725 -1.34 -42.37 -23.63
C PHE A 725 -2.57 -41.74 -24.26
N ARG A 726 -3.72 -42.38 -23.99
CA ARG A 726 -5.07 -41.89 -24.28
C ARG A 726 -5.90 -41.93 -23.00
N ARG A 727 -5.91 -43.10 -22.35
CA ARG A 727 -6.45 -43.25 -21.01
C ARG A 727 -5.34 -43.06 -20.00
N ALA A 728 -5.63 -42.28 -18.96
CA ALA A 728 -4.65 -42.02 -17.91
C ALA A 728 -4.16 -43.34 -17.32
N GLU A 729 -2.84 -43.49 -17.25
CA GLU A 729 -2.23 -44.76 -16.87
C GLU A 729 -1.29 -44.51 -15.70
N PRO A 730 -1.82 -44.30 -14.50
CA PRO A 730 -0.97 -43.98 -13.34
C PRO A 730 0.02 -45.06 -12.97
N ASP A 731 -0.12 -46.26 -13.54
CA ASP A 731 0.86 -47.32 -13.38
C ASP A 731 2.22 -46.96 -13.97
N VAL A 732 2.25 -46.70 -15.29
CA VAL A 732 3.49 -46.30 -15.95
C VAL A 732 4.05 -45.04 -15.31
N TRP A 733 3.17 -44.11 -14.97
CA TRP A 733 3.60 -42.84 -14.40
C TRP A 733 4.28 -43.05 -13.07
N ALA A 734 3.68 -43.87 -12.19
CA ALA A 734 4.35 -44.21 -10.95
C ALA A 734 5.70 -44.87 -11.24
N GLU A 735 5.76 -45.71 -12.27
CA GLU A 735 7.00 -46.36 -12.64
C GLU A 735 8.02 -45.33 -13.09
N LEU A 736 7.67 -44.56 -14.13
CA LEU A 736 8.60 -43.59 -14.67
C LEU A 736 8.98 -42.53 -13.64
N VAL A 737 8.08 -42.18 -12.72
CA VAL A 737 8.48 -41.23 -11.68
C VAL A 737 9.44 -41.88 -10.70
N ARG A 738 9.20 -43.15 -10.37
CA ARG A 738 10.04 -43.89 -9.43
C ARG A 738 11.44 -44.08 -9.97
N ASP A 739 11.55 -44.31 -11.28
CA ASP A 739 12.80 -44.71 -11.92
C ASP A 739 13.68 -43.51 -12.27
N GLU A 740 13.16 -42.53 -12.99
CA GLU A 740 14.00 -41.39 -13.38
C GLU A 740 14.20 -40.38 -12.26
N ARG A 741 13.81 -40.71 -11.03
CA ARG A 741 14.00 -39.82 -9.89
C ARG A 741 13.30 -38.48 -10.16
N VAL A 742 12.07 -38.57 -10.65
CA VAL A 742 11.33 -37.38 -11.04
C VAL A 742 11.08 -36.50 -9.83
N THR A 743 11.36 -35.21 -9.95
CA THR A 743 11.19 -34.30 -8.84
C THR A 743 10.12 -33.26 -9.08
N PHE A 744 9.58 -33.19 -10.30
CA PHE A 744 8.64 -32.13 -10.69
C PHE A 744 7.43 -32.81 -11.30
N TRP A 745 6.28 -32.65 -10.65
CA TRP A 745 5.00 -33.12 -11.19
C TRP A 745 4.12 -31.93 -11.57
N ASN A 746 3.61 -31.95 -12.81
CA ASN A 746 2.75 -30.89 -13.33
C ASN A 746 1.60 -31.56 -14.10
N SER A 747 0.37 -31.41 -13.60
CA SER A 747 -0.84 -31.83 -14.30
C SER A 747 -2.07 -31.25 -13.62
N VAL A 748 -3.22 -31.61 -14.15
CA VAL A 748 -4.55 -31.30 -13.64
C VAL A 748 -4.75 -32.16 -12.38
N PRO A 749 -5.68 -31.81 -11.48
CA PRO A 749 -5.62 -32.45 -10.17
C PRO A 749 -5.96 -33.91 -10.25
N VAL A 750 -6.89 -34.27 -11.14
CA VAL A 750 -7.33 -35.65 -11.17
C VAL A 750 -6.18 -36.58 -11.57
N LEU A 751 -5.21 -36.08 -12.35
CA LEU A 751 -4.11 -36.94 -12.78
C LEU A 751 -3.18 -37.27 -11.61
N LEU A 752 -2.81 -36.26 -10.79
CA LEU A 752 -2.05 -36.55 -9.57
C LEU A 752 -2.87 -37.30 -8.55
N GLU A 753 -4.21 -37.17 -8.58
CA GLU A 753 -5.06 -38.00 -7.72
C GLU A 753 -4.93 -39.45 -8.12
N LEU A 754 -5.19 -39.75 -9.40
CA LEU A 754 -5.02 -41.11 -9.92
C LEU A 754 -3.62 -41.63 -9.68
N LEU A 755 -2.62 -40.75 -9.74
CA LEU A 755 -1.26 -41.18 -9.49
C LEU A 755 -1.08 -41.57 -8.04
N VAL A 756 -1.51 -40.70 -7.12
CA VAL A 756 -1.35 -40.98 -5.69
C VAL A 756 -2.20 -42.17 -5.26
N GLY A 757 -3.35 -42.39 -5.92
CA GLY A 757 -4.12 -43.59 -5.66
C GLY A 757 -3.39 -44.86 -6.06
N GLU A 758 -2.74 -44.86 -7.23
CA GLU A 758 -1.91 -45.99 -7.63
C GLU A 758 -0.65 -46.11 -6.76
N ALA A 759 -0.17 -45.01 -6.20
CA ALA A 759 1.11 -45.01 -5.51
C ALA A 759 0.98 -45.46 -4.06
N GLU A 760 -0.04 -44.98 -3.35
CA GLU A 760 -0.30 -45.45 -2.00
C GLU A 760 -0.34 -46.97 -1.98
N SER A 761 -1.17 -47.56 -2.86
CA SER A 761 -1.33 -49.01 -2.99
C SER A 761 -0.10 -49.64 -3.62
N ARG A 762 1.07 -49.34 -3.06
CA ARG A 762 2.31 -49.94 -3.50
C ARG A 762 3.25 -49.98 -2.31
N ASP A 763 4.11 -51.01 -2.30
CA ASP A 763 4.99 -51.24 -1.15
C ASP A 763 6.21 -50.32 -1.18
N ASP A 764 6.79 -50.07 -2.36
CA ASP A 764 7.94 -49.18 -2.50
C ASP A 764 7.53 -47.74 -2.18
N ARG A 765 8.49 -46.83 -2.34
CA ARG A 765 8.11 -45.43 -2.38
C ARG A 765 8.36 -44.89 -3.79
N PRO A 766 7.38 -45.04 -4.74
CA PRO A 766 7.64 -44.63 -6.13
C PRO A 766 7.68 -43.12 -6.28
N LEU A 767 6.65 -42.43 -5.81
CA LEU A 767 6.64 -40.97 -5.81
C LEU A 767 7.38 -40.36 -4.62
N ALA A 768 8.62 -40.82 -4.34
CA ALA A 768 9.38 -40.43 -3.16
C ALA A 768 10.43 -39.35 -3.44
N THR A 769 10.76 -39.11 -4.69
CA THR A 769 11.70 -38.07 -5.06
C THR A 769 11.02 -36.76 -5.44
N LEU A 770 9.69 -36.72 -5.48
CA LEU A 770 8.96 -35.52 -5.88
C LEU A 770 9.14 -34.40 -4.86
N ARG A 771 9.60 -33.25 -5.35
CA ARG A 771 9.78 -32.06 -4.53
C ARG A 771 8.81 -30.94 -4.87
N LEU A 772 8.04 -31.07 -5.94
CA LEU A 772 7.09 -30.02 -6.32
C LEU A 772 5.98 -30.63 -7.16
N ALA A 773 4.76 -30.25 -6.81
CA ALA A 773 3.58 -30.72 -7.51
C ALA A 773 2.69 -29.51 -7.73
N VAL A 774 2.49 -29.17 -9.00
CA VAL A 774 1.64 -28.05 -9.39
C VAL A 774 0.37 -28.60 -10.02
N VAL A 775 -0.69 -28.54 -9.32
CA VAL A 775 -1.98 -28.87 -9.91
C VAL A 775 -2.66 -27.59 -10.28
N SER A 776 -3.55 -27.68 -11.27
CA SER A 776 -4.18 -26.48 -11.75
C SER A 776 -5.13 -26.84 -12.87
N GLY A 777 -6.13 -25.97 -13.09
CA GLY A 777 -7.05 -26.02 -14.22
C GLY A 777 -8.42 -26.61 -13.90
N ASP A 778 -8.41 -27.48 -12.92
CA ASP A 778 -9.64 -27.98 -12.34
C ASP A 778 -9.70 -27.52 -10.89
N TRP A 779 -10.30 -28.40 -10.11
CA TRP A 779 -10.55 -28.24 -8.71
C TRP A 779 -9.59 -29.15 -7.99
N ILE A 780 -8.66 -28.56 -7.24
CA ILE A 780 -7.72 -29.30 -6.40
C ILE A 780 -8.50 -30.00 -5.29
N PRO A 781 -8.69 -31.33 -5.30
CA PRO A 781 -9.54 -31.96 -4.28
C PRO A 781 -9.02 -31.73 -2.87
N LEU A 782 -9.95 -31.50 -1.94
CA LEU A 782 -9.59 -31.03 -0.59
C LEU A 782 -8.58 -31.94 0.08
N ASP A 783 -8.75 -33.26 -0.06
CA ASP A 783 -7.91 -34.24 0.61
C ASP A 783 -6.55 -34.40 -0.09
N LEU A 784 -6.52 -34.18 -1.40
CA LEU A 784 -5.36 -34.55 -2.22
C LEU A 784 -4.03 -33.99 -1.74
N PRO A 785 -3.94 -32.77 -1.20
CA PRO A 785 -2.62 -32.29 -0.77
C PRO A 785 -2.05 -33.11 0.36
N GLY A 786 -2.88 -33.54 1.30
CA GLY A 786 -2.41 -34.43 2.35
C GLY A 786 -2.05 -35.79 1.80
N ARG A 787 -2.95 -36.36 0.98
CA ARG A 787 -2.73 -37.68 0.39
C ARG A 787 -1.45 -37.71 -0.44
N ALA A 788 -1.17 -36.64 -1.15
CA ALA A 788 0.11 -36.57 -1.83
C ALA A 788 1.22 -36.29 -0.83
N ARG A 789 1.03 -35.31 0.05
CA ARG A 789 2.09 -35.01 1.01
C ARG A 789 2.43 -36.25 1.83
N ALA A 790 1.49 -37.20 1.95
CA ALA A 790 1.74 -38.49 2.58
C ALA A 790 3.03 -39.14 2.05
N GLN A 791 3.15 -39.33 0.75
CA GLN A 791 4.40 -39.85 0.23
C GLN A 791 5.42 -38.73 0.05
N ALA A 792 6.70 -39.11 0.09
CA ALA A 792 7.83 -38.18 0.13
C ALA A 792 7.60 -37.07 1.15
N PRO A 793 7.88 -37.32 2.42
CA PRO A 793 7.69 -36.27 3.44
C PRO A 793 8.56 -35.05 3.19
N GLY A 794 7.98 -34.01 2.60
CA GLY A 794 8.72 -32.79 2.33
C GLY A 794 8.33 -32.13 1.02
N LEU A 795 7.52 -32.83 0.22
CA LEU A 795 6.93 -32.23 -0.96
C LEU A 795 6.04 -31.05 -0.57
N ARG A 796 6.26 -29.89 -1.22
CA ARG A 796 5.39 -28.72 -1.07
C ARG A 796 4.45 -28.65 -2.28
N VAL A 797 3.19 -28.99 -2.06
CA VAL A 797 2.20 -28.92 -3.12
C VAL A 797 1.82 -27.46 -3.37
N VAL A 798 1.44 -27.17 -4.62
CA VAL A 798 1.04 -25.83 -5.06
C VAL A 798 0.00 -25.96 -6.15
N GLY A 799 -1.05 -25.16 -6.03
CA GLY A 799 -2.13 -25.14 -7.01
C GLY A 799 -2.14 -23.81 -7.74
N SER A 800 -2.47 -23.85 -9.04
CA SER A 800 -2.57 -22.63 -9.84
C SER A 800 -3.70 -22.67 -10.85
N GLY A 801 -3.53 -22.03 -12.00
CA GLY A 801 -4.59 -22.07 -13.00
C GLY A 801 -4.57 -20.88 -13.92
N GLY A 802 -5.70 -20.20 -14.08
CA GLY A 802 -5.77 -19.07 -14.99
C GLY A 802 -5.98 -19.54 -16.42
N PRO A 803 -6.75 -18.81 -17.21
CA PRO A 803 -7.15 -19.35 -18.52
C PRO A 803 -5.98 -19.39 -19.49
N THR A 804 -6.10 -20.24 -20.50
CA THR A 804 -5.07 -20.39 -21.50
C THR A 804 -4.63 -19.05 -22.05
N GLU A 805 -5.58 -18.12 -22.13
CA GLU A 805 -5.35 -16.71 -22.45
C GLU A 805 -4.68 -15.98 -21.31
N THR A 806 -3.96 -16.64 -20.45
CA THR A 806 -3.35 -15.85 -19.40
C THR A 806 -1.95 -16.39 -19.09
N ILE A 807 -1.45 -17.34 -19.91
CA ILE A 807 -0.08 -17.84 -19.92
C ILE A 807 0.04 -18.88 -18.81
N CYS A 808 -0.53 -20.06 -19.03
CA CYS A 808 -0.55 -21.14 -18.05
C CYS A 808 -0.73 -20.63 -16.63
N TRP A 809 0.28 -20.70 -15.78
CA TRP A 809 0.07 -20.26 -14.41
C TRP A 809 0.19 -18.74 -14.29
N SER A 810 -0.79 -18.14 -13.54
CA SER A 810 -1.03 -16.72 -13.24
C SER A 810 -1.16 -16.44 -11.75
N LEU A 811 -1.83 -17.32 -10.99
CA LEU A 811 -2.09 -17.16 -9.57
C LEU A 811 -1.65 -18.42 -8.88
N PHE A 812 -0.84 -18.26 -7.86
CA PHE A 812 -0.28 -19.39 -7.15
C PHE A 812 -0.76 -19.39 -5.71
N HIS A 813 -1.17 -20.57 -5.24
CA HIS A 813 -1.53 -20.78 -3.85
C HIS A 813 -0.77 -21.99 -3.34
N PRO A 814 0.20 -21.79 -2.46
CA PRO A 814 0.88 -22.93 -1.83
C PRO A 814 -0.08 -23.62 -0.90
N ILE A 815 -0.26 -24.91 -1.13
CA ILE A 815 -1.26 -25.73 -0.43
C ILE A 815 -0.57 -26.33 0.78
N ASP A 816 -0.52 -25.57 1.88
CA ASP A 816 0.20 -26.06 3.03
C ASP A 816 -0.69 -26.58 4.15
N ALA A 817 -1.98 -26.24 4.17
CA ALA A 817 -2.79 -26.62 5.34
C ALA A 817 -4.28 -26.57 4.95
N VAL A 818 -4.78 -27.67 4.35
CA VAL A 818 -6.15 -27.68 3.85
C VAL A 818 -7.08 -27.40 5.03
N ASP A 819 -7.87 -26.32 4.94
CA ASP A 819 -8.86 -26.03 6.00
C ASP A 819 -10.11 -26.87 5.80
N PRO A 820 -10.59 -27.55 6.84
CA PRO A 820 -11.72 -28.46 6.63
C PRO A 820 -12.99 -27.74 6.21
N GLN A 821 -13.27 -26.55 6.78
CA GLN A 821 -14.49 -25.80 6.48
C GLN A 821 -14.42 -25.08 5.13
N TRP A 822 -13.45 -25.41 4.27
CA TRP A 822 -13.36 -24.83 2.95
C TRP A 822 -14.28 -25.55 1.97
N THR A 823 -15.09 -24.77 1.28
CA THR A 823 -15.75 -25.28 0.08
C THR A 823 -14.74 -25.75 -0.98
N SER A 824 -13.62 -25.02 -1.13
CA SER A 824 -12.61 -25.23 -2.18
C SER A 824 -11.23 -24.70 -1.75
N ILE A 825 -10.21 -25.13 -2.49
CA ILE A 825 -8.83 -24.64 -2.28
C ILE A 825 -8.73 -23.19 -2.74
N PRO A 826 -8.20 -22.26 -1.94
CA PRO A 826 -8.07 -20.88 -2.42
C PRO A 826 -7.39 -20.84 -3.78
N TYR A 827 -7.82 -19.91 -4.64
CA TYR A 827 -7.20 -19.82 -5.95
C TYR A 827 -5.79 -19.24 -5.84
N GLY A 828 -5.63 -18.15 -5.08
CA GLY A 828 -4.32 -17.72 -4.63
C GLY A 828 -4.05 -16.25 -4.88
N LYS A 829 -2.82 -15.89 -4.69
CA LYS A 829 -2.16 -14.64 -5.02
C LYS A 829 -1.63 -14.72 -6.44
N PRO A 830 -1.53 -13.56 -7.09
CA PRO A 830 -1.06 -13.50 -8.48
C PRO A 830 0.44 -13.73 -8.56
N ILE A 831 0.89 -14.14 -9.74
CA ILE A 831 2.31 -14.29 -10.03
C ILE A 831 2.88 -12.93 -10.42
N ALA A 832 4.14 -12.88 -10.81
CA ALA A 832 4.76 -11.61 -11.17
C ALA A 832 4.29 -11.17 -12.56
N ASN A 833 3.81 -9.94 -12.62
CA ASN A 833 3.40 -9.17 -13.79
C ASN A 833 1.90 -9.30 -14.09
N GLN A 834 1.23 -10.29 -13.52
CA GLN A 834 -0.20 -10.45 -13.68
C GLN A 834 -0.89 -9.84 -12.45
N ARG A 835 -1.99 -9.13 -12.68
CA ARG A 835 -2.84 -8.64 -11.59
C ARG A 835 -4.21 -9.28 -11.72
N TYR A 836 -4.76 -9.76 -10.60
CA TYR A 836 -6.08 -10.39 -10.57
C TYR A 836 -7.06 -9.45 -9.87
N TYR A 837 -8.05 -8.98 -10.62
CA TYR A 837 -9.12 -8.10 -10.20
C TYR A 837 -10.43 -8.87 -10.08
N ILE A 838 -11.31 -8.39 -9.20
CA ILE A 838 -12.68 -8.89 -9.14
C ILE A 838 -13.65 -7.76 -9.35
N VAL A 839 -14.42 -7.89 -10.39
CA VAL A 839 -15.15 -6.77 -10.88
C VAL A 839 -16.60 -7.16 -10.98
N ASP A 840 -17.44 -6.13 -10.85
CA ASP A 840 -18.87 -6.19 -11.04
C ASP A 840 -19.21 -6.19 -12.53
N ARG A 841 -20.47 -5.94 -12.85
CA ARG A 841 -20.84 -5.90 -14.25
C ARG A 841 -20.24 -4.70 -14.98
N ASP A 842 -19.67 -3.72 -14.25
CA ASP A 842 -19.14 -2.47 -14.78
C ASP A 842 -17.62 -2.47 -14.92
N LEU A 843 -16.98 -3.62 -14.72
CA LEU A 843 -15.50 -3.74 -14.73
C LEU A 843 -14.88 -2.78 -13.72
N ARG A 844 -15.49 -2.74 -12.53
CA ARG A 844 -14.99 -1.97 -11.44
C ARG A 844 -14.55 -2.90 -10.31
N PRO A 845 -13.58 -2.50 -9.51
CA PRO A 845 -13.05 -3.40 -8.47
C PRO A 845 -14.11 -3.55 -7.42
N ARG A 846 -14.27 -4.77 -6.87
CA ARG A 846 -15.19 -5.05 -5.76
C ARG A 846 -14.47 -5.06 -4.40
N PRO A 847 -15.19 -4.90 -3.30
CA PRO A 847 -14.55 -5.02 -1.99
C PRO A 847 -14.69 -6.43 -1.45
N THR A 848 -13.92 -6.73 -0.41
CA THR A 848 -13.53 -8.11 -0.15
C THR A 848 -14.72 -8.98 0.16
N TRP A 849 -14.71 -10.17 -0.42
CA TRP A 849 -15.72 -11.21 -0.33
C TRP A 849 -16.67 -11.12 -1.50
N ALA A 850 -16.78 -9.94 -2.11
CA ALA A 850 -17.85 -9.72 -3.08
C ALA A 850 -17.71 -10.64 -4.30
N ARG A 851 -18.85 -11.14 -4.82
CA ARG A 851 -18.77 -11.93 -6.03
C ARG A 851 -18.63 -11.01 -7.22
N GLY A 852 -17.97 -11.54 -8.24
CA GLY A 852 -17.67 -10.78 -9.43
C GLY A 852 -16.92 -11.64 -10.40
N GLU A 853 -16.69 -11.07 -11.58
CA GLU A 853 -15.93 -11.75 -12.60
C GLU A 853 -14.48 -11.38 -12.41
N MET A 854 -13.59 -12.31 -12.79
CA MET A 854 -12.17 -12.09 -12.62
C MET A 854 -11.54 -11.50 -13.87
N ALA A 855 -10.81 -10.40 -13.66
CA ALA A 855 -10.08 -9.68 -14.69
C ALA A 855 -8.60 -9.76 -14.37
N VAL A 856 -7.89 -10.60 -15.11
CA VAL A 856 -6.45 -10.67 -15.08
C VAL A 856 -5.87 -9.53 -15.92
N ALA A 857 -5.19 -8.60 -15.25
CA ALA A 857 -4.59 -7.41 -15.87
C ALA A 857 -3.10 -7.60 -16.09
N SER A 858 -2.60 -7.30 -17.33
CA SER A 858 -1.18 -7.48 -17.64
C SER A 858 -0.72 -6.96 -19.00
N PRO A 859 0.33 -6.14 -19.04
CA PRO A 859 0.84 -5.71 -20.35
C PRO A 859 1.43 -6.85 -21.15
N LEU A 860 2.08 -7.80 -20.50
CA LEU A 860 2.89 -8.73 -21.25
C LEU A 860 2.54 -10.17 -21.03
N GLY A 861 1.86 -10.46 -19.93
CA GLY A 861 1.44 -11.78 -19.55
C GLY A 861 0.00 -12.02 -19.94
N LEU A 862 -0.51 -11.23 -20.88
CA LEU A 862 -1.82 -11.45 -21.46
C LEU A 862 -1.67 -11.95 -22.89
N ALA A 863 -2.62 -12.78 -23.33
CA ALA A 863 -2.57 -13.29 -24.70
C ALA A 863 -2.63 -12.15 -25.70
N LEU A 864 -1.78 -12.23 -26.71
CA LEU A 864 -1.73 -11.20 -27.73
C LEU A 864 -3.14 -10.93 -28.26
N GLY A 865 -3.83 -11.99 -28.65
CA GLY A 865 -5.13 -11.84 -29.29
C GLY A 865 -5.68 -13.21 -29.62
N TYR A 866 -6.97 -13.23 -29.96
CA TYR A 866 -7.69 -14.45 -30.30
C TYR A 866 -7.45 -14.71 -31.78
N LEU A 867 -6.43 -15.54 -32.07
CA LEU A 867 -6.09 -15.90 -33.45
C LEU A 867 -6.05 -14.66 -34.34
N ASN A 868 -7.08 -14.50 -35.20
CA ASN A 868 -7.22 -13.32 -36.07
C ASN A 868 -8.54 -12.61 -35.93
N ASP A 869 -9.60 -13.29 -35.51
CA ASP A 869 -10.87 -12.66 -35.22
C ASP A 869 -10.72 -11.49 -34.25
N PRO A 870 -10.89 -10.25 -34.69
CA PRO A 870 -10.76 -9.11 -33.77
C PRO A 870 -11.96 -8.93 -32.84
N GLU A 871 -13.15 -9.35 -33.27
CA GLU A 871 -14.36 -9.29 -32.43
C GLU A 871 -14.11 -9.95 -31.09
N ARG A 872 -13.82 -11.25 -31.12
CA ARG A 872 -13.58 -11.96 -29.89
C ARG A 872 -12.53 -11.23 -29.04
N THR A 873 -11.40 -10.87 -29.66
CA THR A 873 -10.28 -10.36 -28.88
C THR A 873 -10.59 -9.02 -28.24
N ALA A 874 -11.09 -8.06 -29.01
CA ALA A 874 -11.38 -6.79 -28.36
C ALA A 874 -12.60 -6.87 -27.46
N ALA A 875 -13.32 -7.99 -27.43
CA ALA A 875 -14.47 -8.06 -26.57
C ALA A 875 -14.17 -8.77 -25.26
N LYS A 876 -13.29 -9.77 -25.30
CA LYS A 876 -12.85 -10.44 -24.09
C LYS A 876 -11.62 -9.78 -23.43
N PHE A 877 -10.84 -9.00 -24.18
CA PHE A 877 -9.65 -8.33 -23.66
C PHE A 877 -9.96 -6.84 -23.61
N VAL A 878 -10.26 -6.34 -22.43
CA VAL A 878 -10.89 -5.04 -22.31
C VAL A 878 -9.91 -4.06 -21.70
N THR A 879 -10.25 -2.78 -21.73
CA THR A 879 -9.58 -1.80 -20.89
C THR A 879 -10.45 -1.46 -19.70
N LEU A 880 -9.90 -1.67 -18.51
CA LEU A 880 -10.62 -1.32 -17.31
C LEU A 880 -10.76 0.20 -17.26
N PRO A 881 -11.81 0.66 -16.71
CA PRO A 881 -12.08 2.10 -16.76
C PRO A 881 -11.48 2.75 -15.54
N GLY A 882 -11.20 1.93 -14.54
CA GLY A 882 -10.58 2.45 -13.33
C GLY A 882 -9.15 2.87 -13.58
N THR A 883 -8.43 2.09 -14.35
CA THR A 883 -7.01 2.33 -14.52
C THR A 883 -6.63 2.50 -15.97
N GLY A 884 -7.11 1.63 -16.83
CA GLY A 884 -6.65 1.56 -18.18
C GLY A 884 -5.94 0.27 -18.49
N GLU A 885 -5.61 -0.52 -17.46
CA GLU A 885 -4.99 -1.81 -17.69
C GLU A 885 -5.75 -2.61 -18.73
N ARG A 886 -5.03 -3.04 -19.76
CA ARG A 886 -5.57 -4.08 -20.60
C ARG A 886 -5.73 -5.30 -19.70
N ALA A 887 -6.92 -5.93 -19.72
CA ALA A 887 -7.26 -7.07 -18.86
C ALA A 887 -7.91 -8.17 -19.69
N TYR A 888 -7.82 -9.41 -19.21
CA TYR A 888 -8.59 -10.47 -19.82
C TYR A 888 -9.78 -10.77 -18.93
N LEU A 889 -10.97 -10.68 -19.49
CA LEU A 889 -12.15 -11.07 -18.75
C LEU A 889 -12.16 -12.59 -18.81
N THR A 890 -11.88 -13.23 -17.67
CA THR A 890 -11.69 -14.68 -17.68
C THR A 890 -12.99 -15.41 -17.91
N GLY A 891 -14.12 -14.84 -17.52
CA GLY A 891 -15.32 -15.64 -17.51
C GLY A 891 -15.42 -16.59 -16.34
N ASP A 892 -14.52 -16.46 -15.36
CA ASP A 892 -14.63 -17.08 -14.06
C ASP A 892 -15.10 -16.05 -13.04
N PHE A 893 -15.82 -16.51 -12.03
CA PHE A 893 -16.34 -15.61 -11.02
C PHE A 893 -15.81 -16.02 -9.67
N GLY A 894 -15.43 -15.04 -8.88
CA GLY A 894 -14.74 -15.32 -7.65
C GLY A 894 -14.94 -14.21 -6.66
N ARG A 895 -14.13 -14.19 -5.59
CA ARG A 895 -14.15 -13.11 -4.62
C ARG A 895 -12.81 -12.96 -3.93
N LEU A 896 -12.44 -11.70 -3.72
CA LEU A 896 -11.23 -11.38 -2.98
C LEU A 896 -11.41 -11.81 -1.53
N LEU A 897 -10.29 -12.32 -0.91
CA LEU A 897 -10.06 -12.87 0.42
C LEU A 897 -9.20 -11.94 1.25
N PRO A 898 -9.52 -11.72 2.53
CA PRO A 898 -8.87 -10.65 3.29
C PRO A 898 -7.39 -10.87 3.57
N ASP A 899 -6.81 -11.99 3.18
CA ASP A 899 -5.37 -12.07 3.08
C ASP A 899 -4.89 -11.66 1.70
N GLY A 900 -5.81 -11.43 0.76
CA GLY A 900 -5.50 -11.05 -0.60
C GLY A 900 -5.79 -12.11 -1.63
N GLY A 901 -5.76 -13.37 -1.24
CA GLY A 901 -5.91 -14.42 -2.23
C GLY A 901 -7.29 -14.42 -2.82
N ILE A 902 -7.53 -15.28 -3.81
CA ILE A 902 -8.81 -15.36 -4.51
C ILE A 902 -9.45 -16.72 -4.24
N GLU A 903 -10.78 -16.71 -4.11
CA GLU A 903 -11.57 -17.93 -4.01
C GLU A 903 -12.26 -18.14 -5.35
N ILE A 904 -12.05 -19.29 -5.95
CA ILE A 904 -12.59 -19.56 -7.27
C ILE A 904 -13.94 -20.23 -7.14
N LEU A 905 -14.95 -19.65 -7.82
CA LEU A 905 -16.34 -20.01 -7.56
C LEU A 905 -17.10 -20.67 -8.72
N GLY A 906 -16.54 -20.74 -9.92
CA GLY A 906 -17.25 -21.30 -11.06
C GLY A 906 -17.35 -20.30 -12.19
N ARG A 907 -18.06 -20.68 -13.25
CA ARG A 907 -18.17 -19.78 -14.40
C ARG A 907 -19.61 -19.81 -14.92
N GLU A 908 -20.36 -18.73 -14.64
CA GLU A 908 -21.81 -18.67 -14.86
C GLU A 908 -22.48 -19.87 -14.21
N ASP A 909 -22.06 -20.19 -12.99
CA ASP A 909 -22.59 -21.34 -12.28
C ASP A 909 -23.66 -20.95 -11.27
N PHE A 910 -24.13 -19.70 -11.32
CA PHE A 910 -25.13 -19.18 -10.40
C PHE A 910 -26.55 -19.28 -10.96
N GLN A 911 -27.42 -20.01 -10.23
CA GLN A 911 -28.78 -20.33 -10.68
C GLN A 911 -29.90 -19.68 -9.84
N GLY A 916 -21.78 -22.13 -5.40
CA GLY A 916 -22.41 -23.30 -5.99
C GLY A 916 -22.59 -24.48 -5.05
N GLN A 917 -22.15 -24.30 -3.79
CA GLN A 917 -22.18 -25.34 -2.76
C GLN A 917 -21.63 -26.65 -3.30
N ARG A 918 -22.50 -27.64 -3.53
CA ARG A 918 -22.11 -28.89 -4.18
C ARG A 918 -20.96 -29.58 -3.46
N ILE A 919 -19.70 -29.31 -3.86
CA ILE A 919 -18.54 -29.86 -3.17
C ILE A 919 -18.48 -29.37 -1.72
N GLU A 920 -18.88 -28.11 -1.49
CA GLU A 920 -18.96 -27.53 -0.15
C GLU A 920 -19.68 -28.46 0.80
N LEU A 921 -20.92 -28.78 0.46
CA LEU A 921 -21.71 -29.73 1.20
C LEU A 921 -21.53 -31.16 0.68
N GLY A 922 -20.47 -31.42 -0.10
CA GLY A 922 -20.30 -32.76 -0.62
C GLY A 922 -19.24 -33.56 0.09
N GLU A 923 -17.99 -33.13 -0.09
CA GLU A 923 -16.87 -33.79 0.58
C GLU A 923 -17.07 -33.81 2.09
N ILE A 924 -17.82 -32.86 2.62
CA ILE A 924 -18.16 -32.83 4.02
C ILE A 924 -19.46 -33.60 4.16
N GLY A 933 -17.32 -37.04 -5.15
CA GLY A 933 -18.65 -36.49 -5.29
C GLY A 933 -18.76 -35.12 -5.95
N VAL A 934 -19.51 -35.06 -7.06
CA VAL A 934 -19.56 -33.89 -7.96
C VAL A 934 -20.54 -32.84 -7.49
N ARG A 935 -21.16 -32.14 -8.44
CA ARG A 935 -22.03 -30.99 -8.17
C ARG A 935 -23.47 -31.32 -8.54
N ALA A 936 -24.28 -30.30 -8.80
CA ALA A 936 -25.62 -30.54 -9.32
C ALA A 936 -25.66 -30.51 -10.84
N ALA A 937 -26.78 -30.01 -11.39
CA ALA A 937 -26.92 -29.81 -12.84
C ALA A 937 -27.85 -28.65 -13.18
N ALA A 946 -27.89 -33.81 -9.79
CA ALA A 946 -26.73 -34.14 -8.94
C ALA A 946 -26.13 -35.53 -9.21
N ASP A 947 -24.82 -35.67 -8.97
CA ASP A 947 -24.07 -36.88 -9.28
C ASP A 947 -23.02 -37.10 -8.20
N VAL A 948 -22.85 -38.35 -7.77
CA VAL A 948 -21.89 -38.68 -6.73
C VAL A 948 -21.20 -39.99 -7.08
N VAL A 949 -20.02 -40.19 -6.50
CA VAL A 949 -19.18 -41.32 -6.86
C VAL A 949 -18.21 -41.62 -5.75
N ARG A 950 -18.03 -42.90 -5.47
CA ARG A 950 -17.21 -43.37 -4.36
C ARG A 950 -16.50 -44.66 -4.72
N ARG A 986 -28.60 -39.73 -8.30
CA ARG A 986 -28.10 -40.52 -9.43
C ARG A 986 -26.64 -40.85 -9.24
N LEU A 987 -26.37 -41.84 -8.39
CA LEU A 987 -25.00 -42.26 -8.09
C LEU A 987 -24.41 -43.02 -9.29
N LEU A 988 -23.08 -43.21 -9.25
CA LEU A 988 -22.33 -43.88 -10.30
C LEU A 988 -20.94 -44.23 -9.77
N PRO A 989 -20.26 -45.24 -10.38
CA PRO A 989 -18.98 -45.74 -9.81
C PRO A 989 -17.90 -44.68 -9.65
N GLU A 990 -17.58 -44.01 -10.76
CA GLU A 990 -16.54 -42.99 -10.76
C GLU A 990 -16.83 -41.98 -11.86
N LEU A 991 -16.36 -40.74 -11.65
CA LEU A 991 -16.67 -39.60 -12.50
C LEU A 991 -15.96 -39.70 -13.84
N PRO A 992 -16.56 -39.18 -14.91
CA PRO A 992 -15.85 -39.14 -16.21
C PRO A 992 -14.95 -37.93 -16.38
N LEU A 993 -13.81 -38.14 -17.03
CA LEU A 993 -12.87 -37.05 -17.27
C LEU A 993 -13.15 -36.37 -18.60
N THR A 994 -12.37 -35.31 -18.87
CA THR A 994 -12.35 -34.61 -20.15
C THR A 994 -11.14 -35.09 -20.96
N ALA A 995 -10.78 -34.36 -22.01
CA ALA A 995 -9.72 -34.82 -22.90
C ALA A 995 -8.36 -34.83 -22.20
N ASN A 996 -8.03 -33.78 -21.46
CA ASN A 996 -6.78 -33.70 -20.71
C ASN A 996 -6.97 -34.02 -19.23
N GLY A 997 -8.15 -34.52 -18.82
CA GLY A 997 -8.38 -34.86 -17.42
C GLY A 997 -9.51 -34.10 -16.77
N LYS A 998 -9.23 -33.42 -15.65
CA LYS A 998 -10.18 -32.51 -14.97
C LYS A 998 -11.43 -33.30 -14.54
N VAL A 999 -12.63 -32.77 -14.75
CA VAL A 999 -13.86 -33.47 -14.43
C VAL A 999 -14.94 -32.99 -15.40
N ASP A 1000 -15.44 -33.90 -16.23
CA ASP A 1000 -16.36 -33.60 -17.33
C ASP A 1000 -17.76 -33.24 -16.82
N ARG A 1001 -17.89 -31.99 -16.34
CA ARG A 1001 -19.20 -31.52 -15.89
C ARG A 1001 -20.18 -31.36 -17.05
N LEU A 1002 -19.71 -31.32 -18.31
CA LEU A 1002 -20.61 -31.15 -19.44
C LEU A 1002 -21.26 -32.46 -19.90
N ALA A 1003 -20.56 -33.58 -19.79
CA ALA A 1003 -21.19 -34.86 -20.13
C ALA A 1003 -22.28 -35.24 -19.11
N LEU A 1004 -22.10 -34.87 -17.84
CA LEU A 1004 -23.08 -35.14 -16.79
C LEU A 1004 -24.31 -34.27 -16.99
N ALA A 1005 -25.27 -34.75 -17.78
CA ALA A 1005 -26.44 -33.96 -18.18
C ALA A 1005 -26.02 -32.67 -18.89
N ALA B 40 47.67 13.34 -31.65
CA ALA B 40 48.12 12.66 -30.44
C ALA B 40 49.52 13.11 -29.98
N ALA B 41 50.18 12.23 -29.24
CA ALA B 41 51.57 12.44 -28.80
C ALA B 41 52.17 11.10 -28.36
N GLU B 42 53.01 10.51 -29.22
CA GLU B 42 53.60 9.22 -28.92
C GLU B 42 54.58 9.32 -27.76
N LEU B 43 54.77 8.20 -27.07
CA LEU B 43 55.46 8.09 -25.79
C LEU B 43 56.84 7.45 -25.96
N PRO B 44 57.74 7.63 -24.98
CA PRO B 44 59.07 7.02 -25.09
C PRO B 44 58.96 5.52 -25.15
N PRO B 45 59.89 4.85 -25.81
CA PRO B 45 59.85 3.39 -25.89
C PRO B 45 60.42 2.79 -24.62
N LEU B 46 59.88 1.63 -24.26
CA LEU B 46 60.30 0.94 -23.05
C LEU B 46 61.66 0.28 -23.26
N VAL B 47 62.52 0.42 -22.26
CA VAL B 47 63.90 -0.02 -22.33
C VAL B 47 64.16 -1.10 -21.29
N PRO B 48 63.86 -2.36 -21.60
CA PRO B 48 63.98 -3.43 -20.58
C PRO B 48 65.42 -3.59 -20.12
N GLU B 49 65.59 -3.96 -18.83
CA GLU B 49 66.93 -4.09 -18.27
C GLU B 49 67.27 -5.56 -18.16
N PRO B 50 68.10 -6.11 -19.04
CA PRO B 50 68.44 -7.53 -18.96
C PRO B 50 69.19 -7.86 -17.68
N GLY B 51 68.48 -7.73 -16.56
CA GLY B 51 69.09 -7.96 -15.29
C GLY B 51 68.96 -6.75 -14.39
N ASP B 52 69.86 -6.68 -13.41
CA ASP B 52 69.82 -5.74 -12.30
C ASP B 52 68.39 -5.59 -11.75
N ALA B 53 67.87 -6.73 -11.29
CA ALA B 53 66.50 -6.81 -10.78
C ALA B 53 66.44 -6.70 -9.27
N GLY B 54 67.42 -7.27 -8.59
CA GLY B 54 67.44 -7.20 -7.14
C GLY B 54 67.39 -5.77 -6.64
N GLN B 55 68.10 -4.86 -7.30
CA GLN B 55 68.11 -3.50 -6.82
C GLN B 55 66.70 -2.94 -6.90
N PRO B 56 66.24 -2.20 -5.88
CA PRO B 56 64.84 -1.76 -5.85
C PRO B 56 64.41 -0.94 -7.07
N PHE B 57 63.10 -0.73 -7.13
CA PHE B 57 62.42 0.24 -7.98
C PHE B 57 61.38 0.93 -7.10
N PRO B 58 60.92 2.12 -7.50
CA PRO B 58 60.05 2.89 -6.60
C PRO B 58 58.64 2.31 -6.58
N LEU B 59 57.87 2.70 -5.57
CA LEU B 59 56.49 2.22 -5.44
C LEU B 59 55.55 3.09 -6.28
N THR B 60 54.72 2.43 -7.13
CA THR B 60 53.82 3.11 -8.07
C THR B 60 52.87 4.08 -7.36
N PRO B 61 52.23 4.99 -8.09
CA PRO B 61 51.27 5.92 -7.44
C PRO B 61 50.09 5.28 -6.73
N THR B 62 49.38 4.39 -7.42
CA THR B 62 48.39 3.55 -6.76
C THR B 62 48.95 2.85 -5.54
N GLN B 63 50.15 2.24 -5.66
CA GLN B 63 50.71 1.52 -4.52
C GLN B 63 51.20 2.46 -3.44
N GLN B 64 51.82 3.58 -3.84
CA GLN B 64 52.32 4.54 -2.87
C GLN B 64 51.22 4.97 -1.90
N ALA B 65 50.03 5.18 -2.44
CA ALA B 65 48.87 5.63 -1.67
C ALA B 65 48.42 4.58 -0.66
N LEU B 66 48.60 3.29 -0.96
CA LEU B 66 48.24 2.25 -0.03
C LEU B 66 49.30 2.05 1.05
N TRP B 67 50.59 2.23 0.73
CA TRP B 67 51.65 2.02 1.71
C TRP B 67 51.57 2.99 2.87
N VAL B 68 50.81 4.07 2.77
CA VAL B 68 50.82 5.07 3.83
C VAL B 68 49.58 4.93 4.73
N GLY B 69 48.48 4.44 4.16
CA GLY B 69 47.26 4.23 4.91
C GLY B 69 47.41 3.22 6.04
N ARG B 70 48.41 2.33 5.94
CA ARG B 70 48.80 1.42 7.02
C ARG B 70 49.62 2.21 8.05
N ALA B 71 48.88 2.90 8.92
CA ALA B 71 49.43 3.70 10.03
C ALA B 71 48.32 4.08 11.04
N CYS B 81 42.86 -3.68 4.99
CA CYS B 81 43.33 -3.36 3.65
C CYS B 81 43.91 -4.61 2.98
N TYR B 82 43.03 -5.51 2.52
CA TYR B 82 43.45 -6.81 1.98
C TYR B 82 42.24 -7.50 1.35
N GLY B 83 42.42 -8.03 0.14
CA GLY B 83 41.38 -8.81 -0.51
C GLY B 83 41.28 -10.23 0.01
N TYR B 84 40.43 -11.01 -0.66
CA TYR B 84 40.11 -12.37 -0.22
C TYR B 84 39.36 -13.08 -1.35
N PHE B 85 39.17 -14.39 -1.22
CA PHE B 85 38.80 -15.23 -2.36
C PHE B 85 38.74 -16.66 -1.83
N GLU B 86 37.65 -17.02 -1.23
CA GLU B 86 37.45 -18.40 -0.84
C GLU B 86 36.64 -19.11 -1.94
N TRP B 87 37.06 -20.30 -2.34
CA TRP B 87 36.37 -21.13 -3.34
C TRP B 87 35.95 -22.42 -2.69
N GLU B 88 35.55 -23.40 -3.50
CA GLU B 88 35.27 -24.72 -2.94
C GLU B 88 35.22 -25.74 -4.05
N ARG B 89 35.52 -26.97 -3.70
CA ARG B 89 35.58 -28.04 -4.68
C ARG B 89 35.57 -29.37 -3.93
N PRO B 90 35.28 -30.48 -4.63
CA PRO B 90 35.27 -31.76 -3.90
C PRO B 90 36.64 -32.13 -3.35
N GLU B 91 37.61 -32.44 -4.22
CA GLU B 91 38.89 -33.05 -3.84
C GLU B 91 40.05 -32.23 -4.40
N LEU B 92 40.90 -31.69 -3.52
CA LEU B 92 42.14 -31.01 -3.91
C LEU B 92 43.32 -31.93 -3.61
N ASP B 93 44.30 -31.93 -4.51
CA ASP B 93 45.49 -32.79 -4.39
C ASP B 93 46.62 -31.92 -3.84
N LEU B 94 46.76 -31.89 -2.52
CA LEU B 94 47.57 -30.84 -1.91
C LEU B 94 49.00 -30.83 -2.41
N ALA B 95 49.56 -32.02 -2.63
CA ALA B 95 50.87 -32.11 -3.25
C ALA B 95 50.86 -31.37 -4.57
N ARG B 96 49.93 -31.75 -5.45
CA ARG B 96 49.86 -31.12 -6.76
C ARG B 96 49.68 -29.63 -6.59
N TYR B 97 48.79 -29.25 -5.67
CA TYR B 97 48.49 -27.83 -5.45
C TYR B 97 49.71 -27.07 -4.96
N ARG B 98 50.41 -27.63 -3.97
CA ARG B 98 51.59 -26.93 -3.49
C ARG B 98 52.60 -26.74 -4.62
N ARG B 99 52.82 -27.78 -5.44
CA ARG B 99 53.77 -27.64 -6.53
C ARG B 99 53.36 -26.50 -7.45
N ALA B 100 52.05 -26.42 -7.74
CA ALA B 100 51.52 -25.38 -8.60
C ALA B 100 51.80 -23.99 -8.03
N TRP B 101 51.68 -23.86 -6.72
CA TRP B 101 51.91 -22.57 -6.10
C TRP B 101 53.40 -22.27 -5.94
N GLU B 102 54.22 -23.30 -5.75
CA GLU B 102 55.65 -23.03 -5.82
C GLU B 102 56.00 -22.50 -7.21
N ARG B 103 55.37 -23.06 -8.25
CA ARG B 103 55.62 -22.54 -9.59
C ARG B 103 55.13 -21.10 -9.70
N LEU B 104 53.85 -20.88 -9.38
CA LEU B 104 53.18 -19.58 -9.45
C LEU B 104 53.86 -18.48 -8.61
N VAL B 105 54.78 -18.86 -7.72
CA VAL B 105 55.69 -17.92 -7.07
C VAL B 105 57.00 -17.84 -7.84
N ALA B 106 57.44 -18.99 -8.38
CA ALA B 106 58.69 -19.05 -9.12
C ALA B 106 58.59 -18.29 -10.45
N HIS B 107 57.56 -18.58 -11.25
CA HIS B 107 57.35 -17.85 -12.50
C HIS B 107 57.21 -16.35 -12.26
N HIS B 108 56.06 -15.93 -11.76
CA HIS B 108 55.76 -14.51 -11.64
C HIS B 108 56.76 -13.82 -10.72
N PRO B 109 57.38 -12.73 -11.15
CA PRO B 109 58.36 -12.03 -10.31
C PRO B 109 57.68 -11.15 -9.28
N GLY B 110 56.47 -10.67 -9.59
CA GLY B 110 55.78 -9.84 -8.63
C GLY B 110 55.19 -10.61 -7.47
N LEU B 111 54.95 -11.91 -7.63
CA LEU B 111 54.47 -12.75 -6.53
C LEU B 111 55.59 -13.01 -5.51
N ARG B 112 56.70 -12.27 -5.64
CA ARG B 112 57.83 -12.35 -4.74
C ARG B 112 58.31 -10.99 -4.27
N THR B 113 57.91 -9.91 -4.93
CA THR B 113 58.35 -8.58 -4.52
C THR B 113 57.95 -8.30 -3.07
N VAL B 114 58.79 -7.56 -2.36
CA VAL B 114 58.42 -6.98 -1.08
C VAL B 114 58.85 -5.52 -1.07
N VAL B 115 58.41 -4.81 -0.04
CA VAL B 115 58.55 -3.36 0.05
C VAL B 115 59.59 -3.09 1.12
N ARG B 116 60.74 -2.60 0.70
CA ARG B 116 61.75 -2.21 1.67
C ARG B 116 61.18 -1.09 2.55
N PRO B 117 61.46 -1.10 3.85
CA PRO B 117 60.92 -0.06 4.74
C PRO B 117 61.29 1.37 4.35
N ASP B 118 62.31 1.56 3.50
CA ASP B 118 62.66 2.87 2.96
C ASP B 118 61.60 3.43 2.04
N GLY B 119 60.55 2.67 1.75
CA GLY B 119 59.55 3.12 0.83
C GLY B 119 59.83 2.77 -0.60
N THR B 120 60.75 1.84 -0.85
CA THR B 120 60.92 1.31 -2.18
C THR B 120 60.76 -0.21 -2.12
N GLN B 121 60.76 -0.83 -3.30
CA GLN B 121 60.48 -2.25 -3.40
C GLN B 121 61.42 -2.89 -4.39
N HIS B 122 61.74 -4.16 -4.12
CA HIS B 122 62.74 -4.92 -4.85
C HIS B 122 62.31 -6.38 -4.94
N VAL B 123 62.67 -7.01 -6.06
CA VAL B 123 62.38 -8.43 -6.22
C VAL B 123 63.17 -9.24 -5.20
N LEU B 124 62.59 -10.37 -4.75
CA LEU B 124 63.26 -11.31 -3.86
C LEU B 124 63.64 -12.58 -4.62
N GLU B 125 64.90 -12.99 -4.47
CA GLU B 125 65.42 -14.11 -5.26
C GLU B 125 64.98 -15.44 -4.68
N ARG B 126 65.33 -15.69 -3.42
CA ARG B 126 64.97 -16.93 -2.75
C ARG B 126 64.01 -16.57 -1.63
N PRO B 127 62.75 -16.82 -1.78
CA PRO B 127 61.80 -16.48 -0.72
C PRO B 127 61.78 -17.55 0.36
N GLY B 128 61.87 -18.80 -0.09
CA GLY B 128 61.67 -19.95 0.77
C GLY B 128 60.52 -20.81 0.29
N PRO B 129 59.92 -21.58 1.20
CA PRO B 129 58.83 -22.46 0.81
C PRO B 129 57.51 -21.70 0.86
N VAL B 130 56.61 -22.06 -0.06
CA VAL B 130 55.30 -21.43 -0.09
C VAL B 130 54.51 -21.85 1.14
N PRO B 131 54.12 -20.89 1.98
CA PRO B 131 53.42 -21.14 3.26
C PRO B 131 51.90 -21.38 3.18
N ILE B 132 51.55 -22.61 2.83
CA ILE B 132 50.15 -23.03 2.80
C ILE B 132 49.79 -23.66 4.15
N THR B 133 48.69 -23.19 4.73
CA THR B 133 48.23 -23.58 6.07
C THR B 133 47.00 -24.46 5.89
N VAL B 134 47.09 -25.73 6.28
CA VAL B 134 45.99 -26.66 6.12
C VAL B 134 45.34 -26.89 7.48
N GLU B 135 44.01 -26.74 7.53
CA GLU B 135 43.21 -26.99 8.72
C GLU B 135 42.28 -28.16 8.39
N ASP B 136 41.91 -28.95 9.41
CA ASP B 136 41.11 -30.15 9.20
C ASP B 136 39.85 -30.08 10.06
N LEU B 137 38.69 -30.24 9.44
CA LEU B 137 37.42 -30.20 10.18
C LEU B 137 36.39 -31.10 9.51
N ARG B 138 36.75 -32.37 9.24
CA ARG B 138 35.78 -33.30 8.65
C ARG B 138 34.94 -33.99 9.72
N GLN B 139 35.61 -34.71 10.63
CA GLN B 139 34.96 -35.32 11.79
C GLN B 139 34.75 -34.32 12.93
N ASP B 140 34.84 -33.03 12.62
CA ASP B 140 34.41 -31.98 13.53
C ASP B 140 32.94 -31.67 13.28
N PRO B 141 32.04 -31.98 14.22
CA PRO B 141 30.67 -31.43 14.13
C PRO B 141 30.63 -30.01 14.67
N ASP B 142 29.71 -29.22 14.11
CA ASP B 142 29.83 -27.76 14.13
C ASP B 142 31.09 -27.34 13.38
N ALA B 143 31.39 -28.07 12.29
CA ALA B 143 32.46 -27.67 11.39
C ALA B 143 32.09 -26.39 10.65
N VAL B 144 30.80 -26.22 10.33
CA VAL B 144 30.35 -24.94 9.78
C VAL B 144 30.55 -23.83 10.81
N ARG B 145 30.45 -24.18 12.10
CA ARG B 145 30.54 -23.18 13.17
C ARG B 145 31.95 -22.63 13.27
N ARG B 146 32.93 -23.54 13.33
CA ARG B 146 34.33 -23.16 13.46
C ARG B 146 34.90 -22.61 12.14
N LEU B 147 34.55 -23.22 11.01
CA LEU B 147 34.94 -22.64 9.73
C LEU B 147 34.41 -21.23 9.60
N GLU B 148 33.27 -20.95 10.23
CA GLU B 148 32.66 -19.62 10.15
C GLU B 148 33.63 -18.55 10.62
N GLU B 149 34.15 -18.67 11.84
CA GLU B 149 35.03 -17.65 12.38
C GLU B 149 36.28 -17.51 11.50
N SER B 150 36.48 -16.31 10.94
CA SER B 150 37.56 -16.08 9.97
C SER B 150 37.89 -14.59 9.89
N ARG B 151 39.05 -14.31 9.30
CA ARG B 151 39.53 -12.95 9.04
C ARG B 151 39.50 -12.04 10.26
N LEU B 159 48.59 -8.47 8.12
CA LEU B 159 49.44 -8.73 6.97
C LEU B 159 50.37 -7.53 6.75
N ASP B 160 51.59 -7.79 6.26
CA ASP B 160 52.63 -6.78 6.09
C ASP B 160 53.29 -6.96 4.72
N PRO B 161 53.66 -5.86 4.06
CA PRO B 161 54.64 -5.93 2.96
C PRO B 161 56.08 -6.18 3.40
N GLY B 162 56.43 -5.88 4.66
CA GLY B 162 57.76 -6.21 5.14
C GLY B 162 58.02 -7.70 5.15
N THR B 163 57.00 -8.49 5.41
CA THR B 163 57.12 -9.93 5.46
C THR B 163 56.89 -10.51 4.07
N TRP B 164 57.72 -11.52 3.68
CA TRP B 164 57.70 -11.98 2.32
C TRP B 164 56.29 -12.25 1.82
N PRO B 165 55.56 -13.31 2.29
CA PRO B 165 54.31 -13.64 1.60
C PRO B 165 53.38 -12.45 1.62
N MET B 166 53.24 -11.80 0.47
CA MET B 166 52.33 -10.68 0.46
C MET B 166 50.90 -11.17 0.55
N PHE B 167 50.72 -12.48 0.61
CA PHE B 167 49.39 -13.07 0.68
C PHE B 167 49.21 -13.96 1.90
N ASP B 168 48.19 -14.80 1.86
CA ASP B 168 47.92 -15.64 3.00
C ASP B 168 47.12 -16.84 2.50
N LEU B 169 47.83 -17.80 1.93
CA LEU B 169 47.16 -19.00 1.43
C LEU B 169 46.62 -19.79 2.62
N ARG B 170 45.54 -20.53 2.40
CA ARG B 170 45.00 -21.44 3.41
C ARG B 170 44.22 -22.52 2.66
N VAL B 171 43.73 -23.53 3.38
CA VAL B 171 42.97 -24.61 2.74
C VAL B 171 42.24 -25.36 3.86
N VAL B 172 40.92 -25.27 3.90
CA VAL B 172 40.17 -25.96 4.95
C VAL B 172 39.68 -27.30 4.47
N LEU B 173 39.50 -28.22 5.40
CA LEU B 173 39.11 -29.58 5.04
C LEU B 173 37.81 -29.92 5.76
N LEU B 174 36.68 -29.72 5.07
CA LEU B 174 35.42 -30.25 5.56
C LEU B 174 35.13 -31.59 4.89
N SER B 175 34.11 -32.29 5.39
CA SER B 175 33.93 -33.70 5.07
C SER B 175 33.19 -33.81 3.75
N GLY B 176 33.85 -34.39 2.75
CA GLY B 176 33.36 -34.47 1.38
C GLY B 176 33.64 -33.25 0.51
N ARG B 177 33.93 -32.11 1.14
CA ARG B 177 34.11 -30.85 0.42
C ARG B 177 35.35 -30.14 0.97
N VAL B 178 36.11 -29.50 0.08
CA VAL B 178 37.34 -28.81 0.44
C VAL B 178 37.19 -27.33 0.14
N ARG B 179 37.82 -26.46 0.95
CA ARG B 179 37.56 -25.01 0.90
C ARG B 179 38.86 -24.21 0.86
N VAL B 180 39.35 -23.96 -0.37
CA VAL B 180 40.45 -23.03 -0.63
C VAL B 180 40.18 -21.62 -0.17
N GLN B 181 41.26 -20.93 0.20
CA GLN B 181 41.16 -19.58 0.71
C GLN B 181 42.47 -18.90 0.40
N LEU B 182 42.37 -17.77 -0.25
CA LEU B 182 43.50 -16.99 -0.70
C LEU B 182 43.39 -15.58 -0.16
N GLY B 183 44.10 -15.28 0.93
CA GLY B 183 44.38 -13.90 1.27
C GLY B 183 45.00 -13.17 0.08
N ILE B 184 45.32 -11.90 0.29
CA ILE B 184 46.16 -11.16 -0.66
C ILE B 184 46.41 -9.79 -0.05
N ASP B 185 47.37 -9.03 -0.57
CA ASP B 185 47.42 -7.62 -0.25
C ASP B 185 47.01 -6.84 -1.48
N LEU B 186 46.38 -5.71 -1.24
CA LEU B 186 45.96 -4.83 -2.32
C LEU B 186 47.19 -4.16 -2.97
N GLN B 187 48.30 -4.10 -2.24
CA GLN B 187 49.51 -3.44 -2.75
C GLN B 187 50.25 -4.31 -3.76
N LEU B 188 50.34 -5.60 -3.51
CA LEU B 188 50.90 -6.57 -4.45
C LEU B 188 49.93 -6.76 -5.62
N MET B 189 50.18 -6.06 -6.74
CA MET B 189 49.53 -6.24 -8.03
C MET B 189 48.10 -5.69 -7.97
N ASP B 190 47.33 -5.76 -9.07
CA ASP B 190 46.00 -5.15 -9.08
C ASP B 190 44.91 -6.10 -9.56
N ALA B 191 43.72 -5.54 -9.82
CA ALA B 191 42.56 -6.33 -10.18
C ALA B 191 42.79 -7.14 -11.45
N SER B 192 43.15 -6.47 -12.54
CA SER B 192 43.43 -7.15 -13.81
C SER B 192 44.46 -8.25 -13.64
N SER B 193 45.63 -7.88 -13.12
CA SER B 193 46.66 -8.85 -12.82
C SER B 193 46.09 -10.06 -12.13
N LEU B 194 45.31 -9.83 -11.06
CA LEU B 194 44.86 -10.97 -10.25
C LEU B 194 44.09 -11.94 -11.13
N PHE B 195 43.08 -11.43 -11.84
CA PHE B 195 42.13 -12.31 -12.49
C PHE B 195 42.67 -12.81 -13.81
N LEU B 196 43.53 -12.05 -14.48
CA LEU B 196 43.98 -12.43 -15.82
C LEU B 196 45.25 -13.28 -15.83
N ASN B 197 46.09 -13.15 -14.81
CA ASN B 197 47.41 -13.77 -14.79
C ASN B 197 47.54 -14.72 -13.61
N LEU B 198 47.42 -14.19 -12.40
CA LEU B 198 47.54 -15.02 -11.23
C LEU B 198 46.64 -16.22 -11.34
N PHE B 199 45.32 -16.02 -11.53
CA PHE B 199 44.40 -17.14 -11.36
C PHE B 199 44.44 -18.03 -12.62
N SER B 200 44.24 -17.42 -13.79
CA SER B 200 44.49 -18.04 -15.09
C SER B 200 45.62 -19.05 -15.04
N ASP B 201 46.79 -18.61 -14.59
CA ASP B 201 47.92 -19.51 -14.56
C ASP B 201 47.76 -20.52 -13.44
N LEU B 202 47.13 -20.14 -12.32
CA LEU B 202 46.95 -21.11 -11.25
C LEU B 202 46.09 -22.27 -11.71
N VAL B 203 45.09 -21.99 -12.54
CA VAL B 203 44.27 -23.05 -13.13
C VAL B 203 45.11 -23.91 -14.07
N THR B 204 45.86 -23.25 -14.96
CA THR B 204 46.70 -24.01 -15.89
C THR B 204 47.68 -24.84 -15.10
N LEU B 205 48.28 -24.26 -14.05
CA LEU B 205 49.33 -24.93 -13.32
C LEU B 205 48.79 -25.90 -12.27
N TYR B 206 47.56 -25.73 -11.76
CA TYR B 206 47.01 -26.82 -10.95
C TYR B 206 46.71 -28.02 -11.83
N ASP B 207 46.23 -27.78 -13.06
CA ASP B 207 45.94 -28.88 -13.98
C ASP B 207 47.21 -29.65 -14.31
N ASP B 208 48.27 -28.94 -14.66
CA ASP B 208 49.56 -29.59 -14.78
C ASP B 208 50.61 -28.62 -14.24
N PRO B 209 51.21 -28.92 -13.08
CA PRO B 209 52.24 -28.00 -12.55
C PRO B 209 53.44 -27.87 -13.45
N ASP B 210 53.62 -28.79 -14.38
CA ASP B 210 54.68 -28.70 -15.37
C ASP B 210 54.18 -28.25 -16.73
N ALA B 211 52.92 -27.85 -16.84
CA ALA B 211 52.47 -27.33 -18.13
C ALA B 211 53.30 -26.11 -18.50
N ALA B 212 53.53 -25.94 -19.81
CA ALA B 212 54.28 -24.81 -20.32
C ALA B 212 53.84 -23.51 -19.67
N LEU B 213 54.78 -22.57 -19.48
CA LEU B 213 54.42 -21.21 -19.14
C LEU B 213 54.96 -20.24 -20.18
N ALA B 214 54.53 -18.97 -20.09
CA ALA B 214 54.99 -17.98 -21.05
C ALA B 214 56.22 -17.25 -20.52
N SER B 215 57.09 -16.85 -21.45
CA SER B 215 58.39 -16.25 -21.14
C SER B 215 58.25 -14.76 -20.80
N GLN B 216 58.55 -14.42 -19.53
CA GLN B 216 58.15 -13.12 -18.95
C GLN B 216 59.17 -12.03 -19.29
N LYS B 217 59.12 -11.55 -20.54
CA LYS B 217 59.97 -10.47 -21.02
C LYS B 217 59.76 -9.22 -20.17
N LEU B 218 60.82 -8.42 -20.04
CA LEU B 218 60.73 -7.10 -19.41
C LEU B 218 59.97 -7.07 -18.09
N ALA B 219 60.54 -7.58 -17.00
CA ALA B 219 59.83 -7.67 -15.72
C ALA B 219 59.36 -6.30 -15.23
N PHE B 220 58.58 -6.33 -14.15
CA PHE B 220 57.73 -5.20 -13.83
C PHE B 220 58.50 -4.03 -13.21
N ARG B 221 59.64 -4.28 -12.56
CA ARG B 221 60.48 -3.15 -12.13
C ARG B 221 60.72 -2.19 -13.27
N ASP B 222 60.67 -2.70 -14.51
CA ASP B 222 60.90 -1.90 -15.69
C ASP B 222 59.76 -0.93 -15.91
N PHE B 223 58.56 -1.47 -16.07
CA PHE B 223 57.39 -0.62 -16.24
C PHE B 223 57.36 0.47 -15.18
N ALA B 224 57.88 0.16 -13.98
CA ALA B 224 57.83 1.09 -12.86
C ALA B 224 58.71 2.29 -13.11
N ARG B 225 60.03 2.04 -13.10
CA ARG B 225 60.98 3.07 -13.51
C ARG B 225 60.61 3.71 -14.85
N TRP B 226 59.90 2.99 -15.73
CA TRP B 226 59.57 3.54 -17.04
C TRP B 226 58.53 4.64 -16.92
N LEU B 227 57.38 4.32 -16.31
CA LEU B 227 56.39 5.36 -16.07
C LEU B 227 56.96 6.45 -15.20
N GLU B 228 57.74 6.07 -14.17
CA GLU B 228 58.22 7.05 -13.22
C GLU B 228 59.14 8.07 -13.88
N GLU B 229 60.10 7.59 -14.69
CA GLU B 229 61.17 8.43 -15.23
C GLU B 229 61.02 8.77 -16.70
N ASP B 230 60.80 7.78 -17.57
CA ASP B 230 60.79 8.01 -19.01
C ASP B 230 59.44 8.59 -19.48
N VAL B 231 58.32 8.06 -18.95
CA VAL B 231 56.98 8.37 -19.47
C VAL B 231 56.31 9.54 -18.79
N ARG B 232 56.54 9.75 -17.48
CA ARG B 232 55.98 10.90 -16.75
C ARG B 232 56.67 12.19 -17.17
N GLY B 233 55.95 13.06 -17.88
CA GLY B 233 56.43 14.39 -18.20
C GLY B 233 56.59 14.67 -19.68
N GLY B 234 56.66 13.63 -20.52
CA GLY B 234 57.05 13.76 -21.91
C GLY B 234 56.04 14.43 -22.82
N ALA B 235 55.72 13.73 -23.93
CA ALA B 235 54.86 14.29 -24.97
C ALA B 235 53.37 14.15 -24.63
N ARG B 236 52.90 12.92 -24.47
CA ARG B 236 51.50 12.73 -24.12
C ARG B 236 51.21 13.26 -22.73
N TRP B 237 52.21 13.20 -21.83
CA TRP B 237 51.97 13.57 -20.43
C TRP B 237 51.62 15.04 -20.28
N ARG B 238 52.50 15.91 -20.80
CA ARG B 238 52.28 17.35 -20.67
C ARG B 238 50.93 17.75 -21.28
N ALA B 239 50.66 17.29 -22.50
CA ALA B 239 49.39 17.52 -23.18
C ALA B 239 48.19 17.01 -22.40
N ASP B 240 48.39 16.07 -21.48
CA ASP B 240 47.28 15.54 -20.71
C ASP B 240 47.13 16.24 -19.37
N TRP B 241 48.22 16.60 -18.70
CA TRP B 241 48.09 17.38 -17.47
C TRP B 241 47.35 18.68 -17.70
N ALA B 242 47.47 19.25 -18.90
CA ALA B 242 46.65 20.39 -19.26
C ALA B 242 45.17 20.09 -19.07
N TYR B 243 44.72 18.95 -19.59
CA TYR B 243 43.29 18.63 -19.59
C TYR B 243 42.70 18.75 -18.20
N TRP B 244 43.39 18.20 -17.21
CA TRP B 244 42.84 18.09 -15.88
C TRP B 244 43.10 19.34 -15.07
N GLN B 245 44.10 20.13 -15.48
CA GLN B 245 44.33 21.43 -14.87
C GLN B 245 43.37 22.47 -15.41
N GLU B 246 42.77 22.19 -16.58
CA GLU B 246 41.69 22.97 -17.16
C GLU B 246 40.32 22.35 -16.89
N ARG B 247 40.25 21.43 -15.90
CA ARG B 247 39.01 20.91 -15.35
C ARG B 247 38.97 20.89 -13.84
N LEU B 248 40.13 20.84 -13.17
CA LEU B 248 40.23 20.69 -11.72
C LEU B 248 39.28 21.60 -10.96
N ASP B 249 38.97 22.78 -11.51
CA ASP B 249 38.03 23.65 -10.84
C ASP B 249 36.59 23.24 -11.11
N GLY B 250 36.35 22.45 -12.15
CA GLY B 250 35.00 21.98 -12.43
C GLY B 250 34.64 20.67 -11.79
N LEU B 251 35.65 19.98 -11.26
CA LEU B 251 35.50 18.67 -10.66
C LEU B 251 34.59 18.74 -9.43
N PRO B 252 33.45 18.06 -9.47
CA PRO B 252 32.49 18.15 -8.38
C PRO B 252 32.74 17.10 -7.31
N PRO B 253 32.41 17.39 -6.05
CA PRO B 253 32.67 16.41 -4.98
C PRO B 253 32.03 15.06 -5.30
N ALA B 254 32.43 14.07 -4.51
CA ALA B 254 31.96 12.70 -4.69
C ALA B 254 30.46 12.59 -4.42
N PRO B 255 29.83 11.48 -4.84
CA PRO B 255 28.43 11.24 -4.47
C PRO B 255 28.25 11.44 -2.99
N ASP B 256 27.34 12.33 -2.61
CA ASP B 256 27.09 12.67 -1.21
C ASP B 256 25.86 11.89 -0.77
N LEU B 257 26.08 10.69 -0.27
CA LEU B 257 24.94 9.88 0.13
C LEU B 257 24.66 10.05 1.61
N PRO B 258 23.49 9.60 2.07
CA PRO B 258 23.15 9.79 3.49
C PRO B 258 24.00 8.90 4.39
N ALA B 259 24.34 9.41 5.56
CA ALA B 259 25.05 8.64 6.57
C ALA B 259 24.12 8.33 7.74
N ALA B 260 24.57 7.47 8.65
CA ALA B 260 23.76 7.09 9.80
C ALA B 260 24.35 7.53 11.15
N ARG B 261 25.21 8.55 11.14
CA ARG B 261 25.86 9.15 12.33
C ARG B 261 25.52 8.59 13.75
N LYS B 269 34.54 -3.19 8.25
CA LYS B 269 33.94 -4.35 7.57
C LYS B 269 33.31 -3.96 6.25
N PHE B 270 33.17 -4.94 5.37
CA PHE B 270 32.64 -4.73 4.03
C PHE B 270 31.54 -5.77 3.80
N GLU B 271 30.49 -5.33 3.09
CA GLU B 271 29.36 -6.17 2.65
C GLU B 271 29.26 -6.08 1.13
N ARG B 272 28.39 -6.93 0.57
CA ARG B 272 28.50 -7.34 -0.84
C ARG B 272 27.15 -7.75 -1.39
N CYS B 273 26.61 -7.00 -2.34
CA CYS B 273 25.44 -7.41 -3.10
C CYS B 273 25.90 -7.75 -4.50
N MET B 274 25.66 -8.97 -4.95
CA MET B 274 26.02 -9.28 -6.32
C MET B 274 24.85 -9.92 -7.04
N VAL B 275 24.91 -9.83 -8.37
CA VAL B 275 23.94 -10.48 -9.23
C VAL B 275 24.63 -11.00 -10.50
N ARG B 276 24.71 -12.33 -10.63
CA ARG B 276 25.21 -12.99 -11.83
C ARG B 276 24.21 -12.74 -12.95
N CYS B 277 24.64 -12.09 -14.10
CA CYS B 277 23.65 -12.10 -15.21
C CYS B 277 24.14 -12.93 -16.38
N PRO B 278 23.27 -13.73 -16.96
CA PRO B 278 23.69 -14.87 -17.75
C PRO B 278 24.16 -14.40 -19.10
N ALA B 279 24.61 -15.37 -19.90
CA ALA B 279 25.15 -15.07 -21.22
C ALA B 279 24.11 -14.42 -22.13
N GLU B 280 22.93 -15.03 -22.22
CA GLU B 280 21.84 -14.43 -22.99
C GLU B 280 21.64 -12.99 -22.57
N GLU B 281 21.50 -12.75 -21.25
CA GLU B 281 21.34 -11.41 -20.67
C GLU B 281 22.56 -10.52 -20.93
N PHE B 282 23.77 -11.09 -20.83
CA PHE B 282 24.93 -10.32 -21.24
C PHE B 282 24.71 -9.80 -22.66
N ALA B 283 24.52 -10.73 -23.61
CA ALA B 283 24.57 -10.40 -25.04
C ALA B 283 23.63 -9.25 -25.40
N LEU B 284 22.40 -9.34 -24.91
CA LEU B 284 21.44 -8.25 -24.99
C LEU B 284 22.03 -6.98 -24.40
N LEU B 285 22.54 -7.07 -23.16
CA LEU B 285 23.11 -5.87 -22.53
C LEU B 285 24.09 -5.22 -23.48
N ARG B 286 24.96 -6.03 -24.09
CA ARG B 286 25.96 -5.51 -25.04
C ARG B 286 25.26 -4.89 -26.24
N GLU B 287 24.29 -5.62 -26.79
CA GLU B 287 23.58 -5.15 -27.97
C GLU B 287 22.92 -3.79 -27.72
N ARG B 288 22.27 -3.59 -26.55
CA ARG B 288 21.68 -2.29 -26.25
C ARG B 288 22.74 -1.20 -26.16
N ALA B 289 23.89 -1.51 -25.53
CA ALA B 289 24.91 -0.50 -25.26
C ALA B 289 25.53 0.02 -26.56
N LEU B 290 25.88 -0.91 -27.47
CA LEU B 290 26.36 -0.51 -28.79
C LEU B 290 25.29 0.28 -29.55
N ALA B 291 24.02 -0.10 -29.44
CA ALA B 291 22.95 0.59 -30.14
C ALA B 291 22.77 2.03 -29.69
N HIS B 292 23.33 2.44 -28.56
CA HIS B 292 23.45 3.86 -28.29
C HIS B 292 24.85 4.34 -28.53
N GLY B 293 25.68 3.55 -29.20
CA GLY B 293 27.07 3.91 -29.35
C GLY B 293 27.79 3.93 -28.03
N LEU B 294 27.54 2.91 -27.19
CA LEU B 294 28.18 2.82 -25.88
C LEU B 294 28.84 1.47 -25.77
N THR B 295 29.96 1.45 -25.03
CA THR B 295 30.58 0.21 -24.59
C THR B 295 29.92 -0.18 -23.28
N GLU B 296 29.55 -1.46 -23.14
CA GLU B 296 28.83 -1.93 -21.94
C GLU B 296 29.18 -1.13 -20.71
N THR B 297 30.49 -1.07 -20.41
CA THR B 297 30.90 -0.42 -19.17
C THR B 297 30.44 1.04 -19.16
N GLU B 298 30.13 1.58 -20.32
CA GLU B 298 29.54 2.91 -20.35
C GLU B 298 28.04 2.85 -20.00
N LEU B 299 27.29 1.93 -20.63
CA LEU B 299 25.85 1.86 -20.34
C LEU B 299 25.67 1.69 -18.85
N LEU B 300 26.61 0.95 -18.23
CA LEU B 300 26.51 0.50 -16.85
C LEU B 300 27.00 1.56 -15.88
N VAL B 301 28.04 2.33 -16.27
CA VAL B 301 28.46 3.41 -15.39
C VAL B 301 27.39 4.48 -15.42
N GLY B 302 26.85 4.72 -16.61
CA GLY B 302 25.77 5.67 -16.75
C GLY B 302 24.55 5.27 -15.93
N ALA B 303 24.08 4.04 -16.15
CA ALA B 303 22.98 3.54 -15.35
C ALA B 303 23.27 3.72 -13.87
N PHE B 304 24.45 3.26 -13.44
CA PHE B 304 24.84 3.47 -12.05
C PHE B 304 24.69 4.94 -11.67
N ALA B 305 25.18 5.85 -12.53
CA ALA B 305 25.15 7.27 -12.20
C ALA B 305 23.74 7.73 -11.90
N GLU B 306 22.75 7.27 -12.68
CA GLU B 306 21.35 7.64 -12.46
C GLU B 306 20.87 7.14 -11.10
N VAL B 307 21.16 5.87 -10.79
CA VAL B 307 20.74 5.29 -9.52
C VAL B 307 21.25 6.16 -8.39
N LEU B 308 22.56 6.43 -8.42
CA LEU B 308 23.25 7.22 -7.39
C LEU B 308 22.55 8.56 -7.20
N ARG B 309 22.33 9.27 -8.30
CA ARG B 309 21.62 10.53 -8.24
C ARG B 309 20.36 10.40 -7.42
N GLY B 310 19.87 9.16 -7.26
CA GLY B 310 18.64 8.88 -6.55
C GLY B 310 18.67 9.48 -5.18
N TRP B 311 19.59 8.96 -4.38
CA TRP B 311 19.76 9.38 -3.00
C TRP B 311 20.80 10.48 -2.84
N SER B 312 21.63 10.65 -3.87
CA SER B 312 22.66 11.68 -3.87
C SER B 312 22.07 12.99 -3.35
N SER B 313 22.84 13.65 -2.51
CA SER B 313 22.46 14.96 -2.01
C SER B 313 22.98 16.06 -2.91
N ASP B 314 23.25 15.72 -4.15
CA ASP B 314 23.32 16.66 -5.26
C ASP B 314 23.42 15.79 -6.51
N PRO B 315 22.88 16.26 -7.64
CA PRO B 315 22.87 15.42 -8.83
C PRO B 315 24.16 15.44 -9.58
N ALA B 316 25.14 16.25 -9.12
CA ALA B 316 26.46 16.31 -9.73
C ALA B 316 27.50 15.84 -8.74
N PHE B 317 28.30 14.87 -9.17
CA PHE B 317 29.26 14.26 -8.30
C PHE B 317 30.39 13.72 -9.19
N THR B 318 31.32 13.02 -8.57
CA THR B 318 32.50 12.55 -9.28
C THR B 318 32.83 11.12 -8.94
N LEU B 319 32.87 10.27 -9.96
CA LEU B 319 32.98 8.83 -9.81
C LEU B 319 34.35 8.37 -10.29
N ASN B 320 35.09 7.66 -9.42
CA ASN B 320 36.37 7.03 -9.77
C ASN B 320 36.11 5.88 -10.73
N VAL B 321 36.64 5.97 -11.95
CA VAL B 321 36.52 4.84 -12.87
C VAL B 321 37.90 4.35 -13.27
N PRO B 322 38.50 3.46 -12.50
CA PRO B 322 39.85 3.01 -12.85
C PRO B 322 39.87 2.26 -14.18
N VAL B 323 41.02 2.37 -14.82
CA VAL B 323 41.32 1.78 -16.11
C VAL B 323 42.63 1.02 -15.98
N PHE B 324 42.68 -0.16 -16.58
CA PHE B 324 43.81 -1.06 -16.40
C PHE B 324 44.59 -1.15 -17.71
N GLN B 325 45.36 -0.09 -17.97
CA GLN B 325 46.12 0.08 -19.21
C GLN B 325 47.57 -0.29 -18.97
N ARG B 326 48.01 -1.33 -19.67
CA ARG B 326 49.40 -1.77 -19.70
C ARG B 326 50.19 -1.05 -20.80
N PHE B 327 49.59 -0.08 -21.49
CA PHE B 327 50.26 0.72 -22.52
C PHE B 327 50.70 -0.12 -23.72
N ASP B 328 50.01 -1.23 -23.98
CA ASP B 328 50.23 -2.09 -25.16
C ASP B 328 51.72 -2.40 -25.42
N VAL B 329 52.48 -2.55 -24.35
CA VAL B 329 53.87 -2.98 -24.46
C VAL B 329 53.85 -4.46 -24.87
N PRO B 330 54.77 -4.89 -25.73
CA PRO B 330 54.88 -6.30 -26.10
C PRO B 330 55.22 -7.19 -24.90
N GLY B 331 54.42 -8.23 -24.70
CA GLY B 331 54.61 -9.17 -23.62
C GLY B 331 54.04 -8.73 -22.29
N ILE B 332 53.93 -7.42 -22.03
CA ILE B 332 53.39 -6.93 -20.77
C ILE B 332 52.11 -7.68 -20.44
N GLU B 333 51.44 -8.22 -21.48
CA GLU B 333 50.20 -8.99 -21.34
C GLU B 333 50.37 -10.20 -20.42
N ASP B 334 51.58 -10.41 -19.92
CA ASP B 334 51.89 -11.51 -19.06
C ASP B 334 52.60 -11.09 -17.78
N VAL B 335 52.85 -9.81 -17.58
CA VAL B 335 53.53 -9.35 -16.38
C VAL B 335 52.48 -9.11 -15.29
N ILE B 336 52.90 -9.24 -14.03
CA ILE B 336 52.06 -8.92 -12.87
C ILE B 336 52.48 -7.60 -12.24
N GLY B 337 51.60 -6.60 -12.33
CA GLY B 337 51.89 -5.28 -11.83
C GLY B 337 50.62 -4.55 -11.42
N ASP B 338 50.80 -3.32 -10.96
CA ASP B 338 49.69 -2.46 -10.53
C ASP B 338 49.42 -1.43 -11.62
N TYR B 339 48.70 -1.86 -12.68
CA TYR B 339 48.28 -0.97 -13.75
C TYR B 339 47.03 -0.18 -13.38
N THR B 340 46.95 0.31 -12.15
CA THR B 340 45.72 0.92 -11.65
C THR B 340 45.79 2.43 -11.89
N ASN B 341 45.01 2.93 -12.83
CA ASN B 341 44.93 4.37 -13.05
C ASN B 341 43.52 4.86 -12.82
N PRO B 342 43.28 5.52 -11.69
CA PRO B 342 41.96 6.12 -11.46
C PRO B 342 41.75 7.24 -12.48
N ILE B 343 40.57 7.27 -13.07
CA ILE B 343 40.12 8.41 -13.84
C ILE B 343 39.03 9.08 -13.01
N LEU B 344 39.10 10.41 -12.85
CA LEU B 344 38.00 11.14 -12.23
C LEU B 344 36.95 11.51 -13.26
N LEU B 345 35.95 10.63 -13.37
CA LEU B 345 34.82 10.90 -14.24
C LEU B 345 33.84 11.80 -13.50
N GLU B 346 33.38 12.82 -14.18
CA GLU B 346 32.47 13.79 -13.62
C GLU B 346 31.04 13.38 -14.00
N ALA B 347 30.11 13.57 -13.08
CA ALA B 347 28.73 13.24 -13.34
C ALA B 347 27.96 14.54 -13.23
N ARG B 348 27.60 15.09 -14.39
CA ARG B 348 26.65 16.18 -14.50
C ARG B 348 25.48 15.76 -15.38
N PRO B 349 24.23 16.02 -14.97
CA PRO B 349 23.07 15.59 -15.75
C PRO B 349 22.96 16.32 -17.07
N GLU B 350 23.34 15.69 -18.15
CA GLU B 350 23.26 16.36 -19.43
C GLU B 350 22.28 15.58 -20.28
N GLY B 351 21.12 16.19 -20.58
CA GLY B 351 20.15 15.62 -21.48
C GLY B 351 18.72 15.73 -20.97
N ARG B 352 17.72 15.45 -21.82
CA ARG B 352 16.36 15.36 -21.29
C ARG B 352 16.12 14.00 -20.70
N THR B 353 16.41 12.95 -21.45
CA THR B 353 16.11 11.60 -21.04
C THR B 353 17.36 10.89 -20.52
N VAL B 354 17.18 9.64 -20.15
CA VAL B 354 18.28 8.79 -19.73
C VAL B 354 19.26 8.71 -20.87
N ALA B 355 18.85 8.05 -21.96
CA ALA B 355 19.69 7.84 -23.12
C ALA B 355 20.47 9.12 -23.45
N GLU B 356 19.81 10.26 -23.29
CA GLU B 356 20.49 11.53 -23.46
C GLU B 356 21.54 11.72 -22.38
N ARG B 357 21.18 11.45 -21.11
CA ARG B 357 22.10 11.73 -20.01
C ARG B 357 23.21 10.69 -19.98
N ILE B 358 22.87 9.42 -20.18
CA ILE B 358 23.87 8.36 -20.14
C ILE B 358 24.84 8.50 -21.30
N VAL B 359 24.33 8.74 -22.51
CA VAL B 359 25.24 8.89 -23.64
C VAL B 359 26.12 10.10 -23.42
N ALA B 360 25.63 11.07 -22.61
CA ALA B 360 26.36 12.29 -22.31
C ALA B 360 27.55 12.02 -21.42
N LEU B 361 27.34 11.40 -20.25
CA LEU B 361 28.49 11.01 -19.43
C LEU B 361 29.45 10.12 -20.21
N ALA B 362 28.92 9.21 -21.04
CA ALA B 362 29.81 8.33 -21.79
C ALA B 362 30.79 9.11 -22.65
N ALA B 363 30.30 10.10 -23.38
CA ALA B 363 31.23 10.92 -24.13
C ALA B 363 32.28 11.54 -23.22
N ARG B 364 31.87 12.07 -22.06
CA ARG B 364 32.83 12.77 -21.21
C ARG B 364 33.79 11.80 -20.55
N LEU B 365 33.41 10.52 -20.43
CA LEU B 365 34.37 9.53 -19.93
C LEU B 365 35.47 9.29 -20.96
N ARG B 366 35.09 9.10 -22.21
CA ARG B 366 36.09 8.76 -23.22
C ARG B 366 37.12 9.88 -23.34
N ALA B 367 36.68 11.15 -23.35
CA ALA B 367 37.61 12.28 -23.40
C ALA B 367 38.45 12.37 -22.14
N ASP B 368 37.90 11.96 -21.01
CA ASP B 368 38.69 11.78 -19.82
C ASP B 368 39.63 10.59 -19.97
N THR B 369 39.39 9.72 -20.95
CA THR B 369 40.24 8.55 -21.17
C THR B 369 41.38 8.78 -22.16
N ARG B 370 41.09 9.45 -23.29
CA ARG B 370 42.12 9.81 -24.27
C ARG B 370 43.25 10.67 -23.69
N HIS B 371 43.11 11.10 -22.41
CA HIS B 371 44.08 11.86 -21.63
C HIS B 371 44.50 11.05 -20.41
N ALA B 372 44.78 9.76 -20.63
CA ALA B 372 45.01 8.79 -19.57
C ALA B 372 46.43 8.83 -18.99
N SER B 373 47.42 9.33 -19.74
CA SER B 373 48.81 9.18 -19.30
C SER B 373 49.11 9.81 -17.94
N VAL B 374 48.34 10.81 -17.52
CA VAL B 374 48.52 11.39 -16.19
C VAL B 374 47.77 10.51 -15.19
N ASN B 375 48.50 9.94 -14.22
CA ASN B 375 47.85 9.09 -13.23
C ASN B 375 46.90 9.92 -12.36
N GLY B 376 45.75 9.35 -12.05
CA GLY B 376 44.79 10.07 -11.23
C GLY B 376 45.38 10.51 -9.91
N VAL B 377 46.27 9.69 -9.34
CA VAL B 377 46.77 9.88 -7.98
C VAL B 377 47.25 11.31 -7.89
N GLU B 378 47.86 11.78 -8.97
CA GLU B 378 48.37 13.13 -8.99
C GLU B 378 47.23 14.12 -9.17
N VAL B 379 46.28 13.80 -10.04
CA VAL B 379 45.18 14.72 -10.20
C VAL B 379 44.49 14.90 -8.86
N LEU B 380 44.17 13.80 -8.17
CA LEU B 380 43.46 13.95 -6.91
C LEU B 380 44.35 14.64 -5.88
N ARG B 381 45.67 14.47 -5.98
CA ARG B 381 46.58 15.17 -5.09
C ARG B 381 46.47 16.68 -5.31
N GLU B 382 46.70 17.11 -6.56
CA GLU B 382 46.58 18.53 -6.85
C GLU B 382 45.17 19.02 -6.54
N LEU B 383 44.18 18.12 -6.52
CA LEU B 383 42.84 18.50 -6.09
C LEU B 383 42.77 18.78 -4.59
N ALA B 384 43.41 17.91 -3.79
CA ALA B 384 43.55 18.22 -2.38
C ALA B 384 44.34 19.49 -2.17
N ARG B 385 45.27 19.80 -3.08
CA ARG B 385 45.97 21.08 -3.00
C ARG B 385 44.99 22.23 -3.20
N ARG B 386 44.29 22.25 -4.35
CA ARG B 386 43.42 23.37 -4.66
C ARG B 386 42.31 23.53 -3.61
N ARG B 387 41.59 22.44 -3.31
CA ARG B 387 40.54 22.50 -2.29
C ARG B 387 41.06 21.99 -0.96
N GLY B 388 40.17 21.46 -0.11
CA GLY B 388 40.62 20.79 1.09
C GLY B 388 41.09 19.38 0.80
N LEU B 389 41.86 18.82 1.74
CA LEU B 389 42.28 17.44 1.60
C LEU B 389 41.07 16.52 1.69
N ALA B 390 40.43 16.47 2.86
CA ALA B 390 39.25 15.62 2.98
C ALA B 390 38.18 16.01 1.96
N ALA B 391 38.09 17.29 1.61
CA ALA B 391 37.08 17.67 0.62
C ALA B 391 37.54 17.24 -0.76
N ALA B 392 38.00 15.99 -0.87
CA ALA B 392 38.47 15.54 -2.16
C ALA B 392 38.17 14.07 -2.41
N ALA B 393 37.96 13.29 -1.35
CA ALA B 393 37.88 11.83 -1.45
C ALA B 393 36.94 11.39 -2.58
N MET B 394 37.20 10.19 -3.10
CA MET B 394 36.34 9.55 -4.10
C MET B 394 35.83 8.21 -3.60
N PRO B 395 35.06 8.21 -2.55
CA PRO B 395 34.72 6.96 -1.89
C PRO B 395 33.84 6.05 -2.74
N VAL B 396 33.54 6.49 -3.95
CA VAL B 396 32.64 5.79 -4.84
C VAL B 396 33.43 5.46 -6.08
N VAL B 397 33.43 4.18 -6.46
CA VAL B 397 34.28 3.76 -7.55
C VAL B 397 33.53 2.77 -8.41
N VAL B 398 34.11 2.52 -9.58
CA VAL B 398 33.64 1.54 -10.55
C VAL B 398 34.89 0.87 -11.11
N THR B 399 35.15 -0.32 -10.65
CA THR B 399 36.28 -1.11 -11.12
C THR B 399 35.83 -2.07 -12.22
N SER B 400 36.10 -1.72 -13.46
CA SER B 400 35.55 -2.47 -14.60
C SER B 400 36.64 -3.24 -15.33
N LEU B 401 36.67 -4.56 -15.14
CA LEU B 401 37.58 -5.44 -15.87
C LEU B 401 37.04 -5.90 -17.20
N LEU B 402 36.03 -5.23 -17.74
CA LEU B 402 35.61 -5.56 -19.09
C LEU B 402 36.65 -5.11 -20.11
N GLY B 403 36.69 -5.81 -21.24
CA GLY B 403 37.52 -5.36 -22.32
C GLY B 403 39.01 -5.49 -22.11
N LEU B 404 39.44 -6.10 -21.05
CA LEU B 404 40.81 -6.57 -21.06
C LEU B 404 40.83 -7.89 -21.83
N PRO B 405 42.01 -8.39 -22.19
CA PRO B 405 42.07 -9.55 -23.08
C PRO B 405 41.53 -10.80 -22.41
N SER B 406 41.17 -11.78 -23.24
CA SER B 406 40.64 -13.04 -22.74
C SER B 406 41.77 -13.83 -22.12
N ALA B 407 41.74 -13.99 -20.78
CA ALA B 407 42.80 -14.70 -20.09
C ALA B 407 42.72 -16.20 -20.36
N ALA B 408 43.85 -16.88 -20.10
CA ALA B 408 44.01 -18.25 -20.58
C ALA B 408 42.98 -19.17 -19.94
N ARG B 409 42.73 -18.99 -18.65
CA ARG B 409 41.87 -19.86 -17.85
C ARG B 409 41.02 -19.03 -16.90
N SER B 410 39.88 -19.62 -16.54
CA SER B 410 38.89 -18.95 -15.70
C SER B 410 38.91 -19.62 -14.34
N ILE B 411 38.98 -18.80 -13.28
CA ILE B 411 39.09 -19.35 -11.95
C ILE B 411 37.94 -20.30 -11.70
N THR B 412 36.84 -20.15 -12.45
CA THR B 412 35.68 -21.01 -12.26
C THR B 412 35.96 -22.44 -12.71
N GLU B 413 36.97 -22.64 -13.56
CA GLU B 413 37.42 -23.99 -13.86
C GLU B 413 37.92 -24.70 -12.60
N PHE B 414 38.71 -23.98 -11.80
CA PHE B 414 39.32 -24.58 -10.62
C PHE B 414 38.30 -24.92 -9.53
N GLY B 415 37.49 -23.94 -9.14
CA GLY B 415 36.51 -24.11 -8.09
C GLY B 415 35.46 -23.03 -8.16
N THR B 416 34.53 -23.11 -7.23
CA THR B 416 33.30 -22.33 -7.23
C THR B 416 33.26 -21.38 -6.04
N GLU B 417 33.17 -20.06 -6.34
CA GLU B 417 33.22 -19.04 -5.29
C GLU B 417 32.33 -19.40 -4.13
N VAL B 418 32.75 -19.08 -2.93
CA VAL B 418 31.84 -19.40 -1.83
C VAL B 418 31.79 -18.24 -0.86
N HIS B 419 32.74 -17.35 -0.98
CA HIS B 419 32.90 -16.32 0.03
C HIS B 419 34.06 -15.47 -0.39
N SER B 420 33.77 -14.32 -0.98
CA SER B 420 34.93 -13.56 -1.43
C SER B 420 34.56 -12.09 -1.53
N ILE B 421 35.46 -11.23 -1.04
CA ILE B 421 35.22 -9.81 -0.97
C ILE B 421 36.51 -9.02 -0.86
N THR B 422 36.47 -7.76 -1.28
CA THR B 422 37.57 -6.81 -1.23
C THR B 422 37.41 -5.88 -0.04
N GLN B 423 38.50 -5.33 0.45
CA GLN B 423 38.37 -4.44 1.59
C GLN B 423 39.13 -3.15 1.34
N THR B 424 39.25 -2.80 0.07
CA THR B 424 39.96 -1.63 -0.40
C THR B 424 39.68 -0.51 0.60
N PRO B 425 40.69 0.24 0.97
CA PRO B 425 40.51 1.27 1.99
C PRO B 425 40.19 2.58 1.33
N GLN B 426 39.55 3.44 2.12
CA GLN B 426 39.07 4.77 1.76
C GLN B 426 37.97 4.74 0.70
N VAL B 427 37.50 3.56 0.30
CA VAL B 427 36.39 3.42 -0.63
C VAL B 427 35.17 3.02 0.19
N SER B 428 34.05 3.66 -0.10
CA SER B 428 32.81 3.23 0.55
C SER B 428 31.99 2.32 -0.34
N LEU B 429 32.08 2.47 -1.65
CA LEU B 429 31.30 1.61 -2.50
C LEU B 429 32.04 1.34 -3.80
N ASP B 430 32.01 0.09 -4.20
CA ASP B 430 32.88 -0.39 -5.27
C ASP B 430 32.01 -1.18 -6.24
N PHE B 431 31.70 -0.55 -7.37
CA PHE B 431 30.89 -1.20 -8.41
C PHE B 431 31.82 -1.97 -9.33
N GLN B 432 31.98 -3.25 -9.05
CA GLN B 432 32.86 -4.10 -9.83
C GLN B 432 32.06 -4.74 -10.95
N ILE B 433 32.51 -4.50 -12.18
CA ILE B 433 32.04 -5.20 -13.37
C ILE B 433 33.16 -6.12 -13.82
N ARG B 434 32.93 -7.43 -13.77
CA ARG B 434 33.89 -8.35 -14.33
C ARG B 434 33.11 -9.49 -14.98
N PRO B 435 33.53 -9.95 -16.14
CA PRO B 435 32.91 -11.11 -16.77
C PRO B 435 33.61 -12.38 -16.33
N GLU B 436 32.91 -13.49 -16.52
CA GLU B 436 33.36 -14.70 -15.84
C GLU B 436 32.76 -15.91 -16.57
N ASP B 437 33.48 -16.39 -17.57
CA ASP B 437 33.06 -17.57 -18.29
C ASP B 437 31.72 -17.33 -18.96
N GLY B 438 31.66 -16.23 -19.70
CA GLY B 438 30.56 -15.92 -20.55
C GLY B 438 29.54 -14.99 -19.93
N GLU B 439 29.34 -15.08 -18.62
CA GLU B 439 28.40 -14.23 -17.91
C GLU B 439 29.15 -13.03 -17.35
N LEU B 440 28.40 -11.95 -17.07
CA LEU B 440 29.00 -10.76 -16.48
C LEU B 440 28.62 -10.72 -15.01
N ARG B 441 29.62 -10.73 -14.12
CA ARG B 441 29.35 -10.60 -12.68
C ARG B 441 29.36 -9.11 -12.35
N LEU B 442 28.18 -8.53 -12.14
CA LEU B 442 28.08 -7.18 -11.62
C LEU B 442 27.98 -7.31 -10.10
N VAL B 443 28.84 -6.60 -9.36
CA VAL B 443 28.89 -6.75 -7.90
C VAL B 443 29.02 -5.38 -7.26
N TRP B 444 28.44 -5.22 -6.07
CA TRP B 444 28.65 -4.02 -5.26
C TRP B 444 29.28 -4.37 -3.92
N ASP B 445 30.54 -4.00 -3.72
CA ASP B 445 31.13 -4.10 -2.39
C ASP B 445 31.04 -2.75 -1.72
N HIS B 446 30.52 -2.74 -0.50
CA HIS B 446 30.26 -1.47 0.16
C HIS B 446 30.58 -1.57 1.63
N ARG B 447 31.37 -0.59 2.10
CA ARG B 447 31.77 -0.47 3.50
C ARG B 447 30.50 -0.29 4.33
N SER B 448 30.13 -1.35 5.04
CA SER B 448 28.94 -1.37 5.90
C SER B 448 29.10 -0.37 7.04
N GLY B 449 28.10 0.49 7.23
CA GLY B 449 28.26 1.56 8.19
C GLY B 449 28.74 2.88 7.60
N ALA B 450 29.06 2.93 6.31
CA ALA B 450 29.34 4.20 5.67
C ALA B 450 28.07 4.94 5.22
N PHE B 451 26.90 4.29 5.29
CA PHE B 451 25.65 4.85 4.80
C PHE B 451 24.51 4.57 5.77
N ALA B 452 23.45 5.37 5.67
CA ALA B 452 22.21 5.12 6.41
C ALA B 452 21.63 3.76 6.03
N PRO B 453 20.73 3.23 6.86
CA PRO B 453 20.33 1.82 6.76
C PRO B 453 19.63 1.43 5.47
N GLY B 454 20.14 0.34 4.88
CA GLY B 454 19.75 -0.22 3.60
C GLY B 454 20.02 0.65 2.39
N VAL B 455 20.57 1.87 2.55
CA VAL B 455 20.60 2.81 1.43
C VAL B 455 21.16 2.12 0.22
N VAL B 456 22.20 1.32 0.42
CA VAL B 456 22.78 0.53 -0.65
C VAL B 456 21.77 -0.52 -1.13
N GLU B 457 21.00 -1.09 -0.20
CA GLU B 457 20.18 -2.24 -0.55
C GLU B 457 19.01 -1.82 -1.46
N GLY B 458 18.62 -0.54 -1.46
CA GLY B 458 17.52 -0.05 -2.25
C GLY B 458 17.99 0.60 -3.53
N ALA B 459 19.18 1.22 -3.47
CA ALA B 459 19.87 1.65 -4.68
C ALA B 459 20.17 0.49 -5.59
N PHE B 460 20.65 -0.62 -5.03
CA PHE B 460 20.90 -1.82 -5.83
C PHE B 460 19.62 -2.36 -6.42
N GLU B 461 18.56 -2.47 -5.61
CA GLU B 461 17.29 -2.91 -6.15
C GLU B 461 16.89 -2.01 -7.31
N ALA B 462 16.96 -0.67 -7.12
CA ALA B 462 16.62 0.26 -8.20
C ALA B 462 17.55 0.09 -9.39
N PHE B 463 18.84 -0.06 -9.11
CA PHE B 463 19.77 -0.32 -10.20
C PHE B 463 19.32 -1.55 -10.99
N LEU B 464 18.96 -2.61 -10.29
CA LEU B 464 18.54 -3.83 -10.98
C LEU B 464 17.34 -3.57 -11.88
N ASP B 465 16.38 -2.79 -11.39
CA ASP B 465 15.20 -2.51 -12.19
C ASP B 465 15.59 -1.69 -13.40
N LEU B 466 16.46 -0.69 -13.20
CA LEU B 466 16.90 0.13 -14.33
C LEU B 466 17.56 -0.75 -15.39
N VAL B 467 18.40 -1.69 -14.97
CA VAL B 467 19.04 -2.57 -15.94
C VAL B 467 18.00 -3.46 -16.60
N GLY B 468 17.02 -3.90 -15.81
CA GLY B 468 15.99 -4.79 -16.34
C GLY B 468 15.20 -4.18 -17.48
N ARG B 469 14.73 -2.93 -17.28
CA ARG B 469 13.94 -2.26 -18.32
C ARG B 469 14.79 -2.02 -19.55
N MET B 470 16.06 -1.68 -19.33
CA MET B 470 17.02 -1.57 -20.41
C MET B 470 17.15 -2.87 -21.19
N LEU B 471 16.95 -4.00 -20.51
CA LEU B 471 16.84 -5.28 -21.20
C LEU B 471 15.45 -5.51 -21.76
N ALA B 472 14.48 -4.71 -21.35
CA ALA B 472 13.13 -4.94 -21.81
C ALA B 472 12.72 -4.01 -22.94
N ASP B 473 13.43 -2.91 -23.17
CA ASP B 473 12.94 -1.82 -24.00
C ASP B 473 13.85 -1.60 -25.20
N GLU B 474 13.27 -1.65 -26.41
CA GLU B 474 14.04 -1.33 -27.61
C GLU B 474 14.61 0.07 -27.52
N PRO B 475 15.79 0.30 -28.08
CA PRO B 475 16.44 1.60 -27.91
C PRO B 475 15.53 2.69 -28.44
N GLY B 476 15.70 3.90 -27.91
CA GLY B 476 14.79 5.01 -28.20
C GLY B 476 13.36 4.87 -27.70
N HIS B 477 12.91 3.67 -27.35
CA HIS B 477 11.59 3.47 -26.78
C HIS B 477 11.74 3.24 -25.29
N GLY B 478 10.65 3.47 -24.58
CA GLY B 478 10.60 3.04 -23.20
C GLY B 478 11.49 3.85 -22.28
N VAL B 479 12.17 3.17 -21.36
CA VAL B 479 12.89 3.86 -20.30
C VAL B 479 14.06 4.64 -20.89
N TRP B 480 14.61 4.18 -22.01
CA TRP B 480 15.66 4.90 -22.71
C TRP B 480 15.29 6.36 -22.88
N GLU B 481 14.17 6.60 -23.58
CA GLU B 481 13.61 7.92 -23.82
C GLU B 481 12.64 8.33 -22.71
N ALA B 482 12.87 7.88 -21.47
CA ALA B 482 12.07 8.23 -20.30
C ALA B 482 12.75 9.33 -19.49
N PRO B 483 12.00 10.33 -19.02
CA PRO B 483 12.65 11.55 -18.51
C PRO B 483 13.46 11.33 -17.26
N PHE B 484 13.00 10.43 -16.40
CA PHE B 484 13.59 10.18 -15.08
C PHE B 484 13.20 8.73 -14.73
N ALA B 485 13.75 8.20 -13.64
CA ALA B 485 13.31 6.87 -13.22
C ALA B 485 13.14 6.90 -11.71
N ASP B 486 11.96 6.49 -11.24
CA ASP B 486 11.68 6.51 -9.81
C ASP B 486 12.55 5.49 -9.13
N MET B 487 13.39 5.98 -8.22
CA MET B 487 14.36 5.17 -7.49
C MET B 487 13.83 4.57 -6.18
N ARG B 488 12.73 5.09 -5.65
CA ARG B 488 12.09 4.49 -4.48
C ARG B 488 11.87 3.00 -4.67
N SER B 489 12.41 2.22 -3.73
CA SER B 489 12.18 0.79 -3.67
C SER B 489 10.80 0.48 -3.11
N ARG B 490 10.32 -0.71 -3.45
CA ARG B 490 8.93 -1.07 -3.19
C ARG B 490 8.53 -0.83 -1.74
N ARG B 491 9.46 -1.00 -0.81
CA ARG B 491 9.22 -0.61 0.57
C ARG B 491 9.11 0.90 0.68
N ASP B 492 10.07 1.62 0.08
CA ASP B 492 10.07 3.07 0.08
C ASP B 492 8.66 3.55 -0.21
N ARG B 493 8.07 2.99 -1.28
CA ARG B 493 6.71 3.35 -1.70
C ARG B 493 5.65 2.91 -0.69
N ALA B 494 5.68 1.64 -0.29
CA ALA B 494 4.61 1.10 0.53
C ALA B 494 4.48 1.88 1.80
N VAL B 495 5.61 2.25 2.40
CA VAL B 495 5.59 3.01 3.64
C VAL B 495 4.98 4.39 3.42
N TRP B 496 5.28 5.01 2.28
CA TRP B 496 4.80 6.37 2.07
C TRP B 496 3.36 6.39 1.62
N ASN B 497 2.97 5.46 0.76
CA ASN B 497 1.55 5.28 0.53
C ASN B 497 0.85 5.12 1.87
N GLU B 498 1.26 4.08 2.60
CA GLU B 498 0.63 3.71 3.87
C GLU B 498 0.51 4.88 4.83
N THR B 499 1.51 5.76 4.86
CA THR B 499 1.56 6.83 5.86
C THR B 499 0.86 8.08 5.36
N ASN B 500 0.81 8.23 4.06
CA ASN B 500 0.23 9.41 3.45
C ASN B 500 -1.10 9.05 2.78
N ASP B 501 -1.90 8.21 3.44
CA ASP B 501 -3.21 7.85 2.89
C ASP B 501 -4.32 8.52 3.69
N THR B 502 -4.31 9.84 3.80
CA THR B 502 -5.06 10.51 4.84
C THR B 502 -6.26 11.28 4.27
N ALA B 503 -7.00 10.66 3.36
CA ALA B 503 -8.19 11.23 2.73
C ALA B 503 -9.46 10.98 3.55
N GLU B 504 -10.04 12.04 4.14
CA GLU B 504 -11.32 11.91 4.88
C GLU B 504 -12.24 13.10 4.61
N PRO B 505 -13.47 12.89 4.09
CA PRO B 505 -14.40 14.03 3.87
C PRO B 505 -14.54 14.91 5.10
N VAL B 506 -14.42 16.23 4.89
CA VAL B 506 -14.59 17.20 5.96
C VAL B 506 -16.00 17.82 5.82
N PRO B 507 -16.95 17.61 6.83
CA PRO B 507 -18.32 18.11 6.67
C PRO B 507 -18.37 19.61 6.46
N ALA B 508 -18.76 20.01 5.26
CA ALA B 508 -18.75 21.41 4.90
C ALA B 508 -19.59 22.23 5.85
N VAL B 509 -19.01 22.79 6.90
CA VAL B 509 -19.79 23.54 7.86
C VAL B 509 -19.07 24.84 8.17
N LEU B 510 -19.82 25.90 8.39
CA LEU B 510 -19.17 27.17 8.68
C LEU B 510 -18.58 27.18 10.08
N LEU B 511 -17.35 27.69 10.16
CA LEU B 511 -16.56 27.56 11.37
C LEU B 511 -17.19 28.26 12.56
N GLN B 512 -17.96 29.32 12.32
CA GLN B 512 -18.73 29.89 13.42
C GLN B 512 -20.05 29.16 13.64
N GLU B 513 -20.55 28.46 12.61
CA GLU B 513 -21.74 27.64 12.83
C GLU B 513 -21.45 26.42 13.71
N ARG B 514 -20.25 25.83 13.62
CA ARG B 514 -19.91 24.78 14.58
C ARG B 514 -19.94 25.36 16.00
N PHE B 515 -19.36 26.55 16.19
CA PHE B 515 -19.36 27.11 17.52
C PHE B 515 -20.77 27.43 17.99
N PHE B 516 -21.52 28.19 17.19
CA PHE B 516 -22.90 28.47 17.55
C PHE B 516 -23.62 27.18 17.91
N ALA B 517 -23.31 26.11 17.16
CA ALA B 517 -24.00 24.85 17.40
C ALA B 517 -23.69 24.29 18.78
N GLN B 518 -22.44 24.39 19.21
CA GLN B 518 -22.10 23.89 20.53
C GLN B 518 -22.43 24.89 21.64
N ALA B 519 -22.59 26.17 21.30
CA ALA B 519 -23.07 27.17 22.27
C ALA B 519 -24.56 27.01 22.53
N ARG B 520 -25.30 26.47 21.56
CA ARG B 520 -26.64 25.99 21.82
C ARG B 520 -26.62 24.62 22.49
N ARG B 521 -25.65 23.76 22.13
CA ARG B 521 -25.55 22.48 22.80
C ARG B 521 -25.37 22.66 24.30
N THR B 522 -24.25 23.26 24.72
CA THR B 522 -23.92 23.43 26.14
C THR B 522 -23.73 24.92 26.45
N PRO B 523 -24.83 25.67 26.54
CA PRO B 523 -24.77 27.13 26.72
C PRO B 523 -24.53 27.57 28.16
N ASP B 524 -24.45 26.64 29.07
CA ASP B 524 -24.01 26.97 30.41
C ASP B 524 -22.51 26.81 30.58
N ALA B 525 -21.85 26.05 29.70
CA ALA B 525 -20.47 25.67 29.96
C ALA B 525 -19.56 26.91 29.99
N GLU B 526 -18.35 26.71 30.51
CA GLU B 526 -17.31 27.76 30.53
C GLU B 526 -16.63 27.80 29.17
N ALA B 527 -16.90 28.85 28.40
CA ALA B 527 -16.25 29.04 27.10
C ALA B 527 -14.93 29.76 27.32
N VAL B 528 -15.01 31.02 27.74
CA VAL B 528 -13.83 31.86 27.85
C VAL B 528 -13.63 32.25 29.31
N VAL B 529 -12.47 31.90 29.86
CA VAL B 529 -12.06 32.38 31.18
C VAL B 529 -10.85 33.27 30.95
N ALA B 530 -11.03 34.58 31.17
CA ALA B 530 -10.01 35.57 30.82
C ALA B 530 -9.97 36.71 31.83
N SER B 531 -8.77 37.03 32.27
CA SER B 531 -8.52 38.12 33.22
C SER B 531 -9.51 38.08 34.37
N GLY B 532 -9.74 36.87 34.87
CA GLY B 532 -10.70 36.66 35.93
C GLY B 532 -12.12 36.64 35.41
N LEU B 533 -12.43 37.56 34.50
CA LEU B 533 -13.78 37.66 33.92
C LEU B 533 -14.05 36.43 33.07
N ARG B 534 -15.00 35.60 33.50
CA ARG B 534 -15.38 34.39 32.78
C ARG B 534 -16.42 34.74 31.70
N LEU B 535 -16.95 33.73 31.02
CA LEU B 535 -17.96 33.94 29.99
C LEU B 535 -18.57 32.61 29.61
N THR B 536 -19.90 32.52 29.68
CA THR B 536 -20.57 31.29 29.29
C THR B 536 -20.66 31.19 27.78
N TYR B 537 -20.74 29.95 27.29
CA TYR B 537 -20.92 29.74 25.86
C TYR B 537 -22.11 30.55 25.31
N ASP B 538 -23.20 30.66 26.07
CA ASP B 538 -24.30 31.51 25.59
C ASP B 538 -23.89 32.97 25.57
N GLU B 539 -23.36 33.47 26.69
CA GLU B 539 -23.03 34.90 26.75
C GLU B 539 -22.07 35.28 25.62
N LEU B 540 -21.05 34.44 25.38
CA LEU B 540 -20.17 34.68 24.25
C LEU B 540 -20.94 34.68 22.95
N ALA B 541 -21.61 33.57 22.65
CA ALA B 541 -22.37 33.48 21.41
C ALA B 541 -23.25 34.72 21.23
N ARG B 542 -23.86 35.21 22.32
CA ARG B 542 -24.76 36.36 22.24
C ARG B 542 -23.99 37.65 21.94
N HIS B 543 -22.80 37.80 22.50
CA HIS B 543 -21.98 38.93 22.12
C HIS B 543 -21.39 38.70 20.74
N ALA B 544 -21.28 37.44 20.29
CA ALA B 544 -20.84 37.17 18.93
C ALA B 544 -21.89 37.61 17.92
N TYR B 545 -23.16 37.40 18.26
CA TYR B 545 -24.25 37.91 17.43
C TYR B 545 -24.34 39.43 17.54
N ARG B 546 -24.13 39.97 18.74
CA ARG B 546 -24.16 41.41 18.91
C ARG B 546 -23.11 42.11 18.02
N ILE B 547 -21.97 41.45 17.79
CA ILE B 547 -20.92 42.04 16.96
C ILE B 547 -21.17 41.75 15.49
N GLY B 548 -21.45 40.49 15.17
CA GLY B 548 -21.64 40.11 13.77
C GLY B 548 -22.81 40.82 13.14
N ASN B 549 -23.89 41.00 13.89
CA ASN B 549 -25.02 41.70 13.31
C ASN B 549 -24.63 43.14 12.99
N THR B 550 -23.97 43.81 13.93
CA THR B 550 -23.61 45.21 13.71
C THR B 550 -22.73 45.34 12.49
N LEU B 551 -21.78 44.41 12.34
CA LEU B 551 -20.86 44.44 11.23
C LEU B 551 -21.61 44.31 9.90
N ARG B 552 -22.44 43.27 9.78
CA ARG B 552 -23.19 43.11 8.55
C ARG B 552 -23.95 44.38 8.24
N GLU B 553 -24.68 44.88 9.24
CA GLU B 553 -25.40 46.14 9.10
C GLU B 553 -24.46 47.33 8.88
N ARG B 554 -23.16 47.16 9.12
CA ARG B 554 -22.20 48.22 8.91
C ARG B 554 -21.45 48.03 7.61
N GLY B 555 -21.88 47.07 6.81
CA GLY B 555 -21.37 46.91 5.47
C GLY B 555 -20.29 45.85 5.35
N VAL B 556 -20.33 44.82 6.19
CA VAL B 556 -19.32 43.78 6.12
C VAL B 556 -19.69 42.88 4.94
N ARG B 557 -19.18 43.19 3.75
CA ARG B 557 -19.59 42.43 2.58
C ARG B 557 -18.99 41.03 2.63
N PRO B 558 -19.78 39.99 2.25
CA PRO B 558 -19.30 38.60 2.29
C PRO B 558 -17.95 38.36 1.61
N GLY B 559 -16.92 38.18 2.42
CA GLY B 559 -15.57 38.09 1.95
C GLY B 559 -14.68 39.22 2.44
N ASP B 560 -15.23 40.24 3.08
CA ASP B 560 -14.42 41.35 3.57
C ASP B 560 -13.47 40.87 4.68
N LEU B 561 -12.46 41.70 4.99
CA LEU B 561 -11.41 41.40 5.96
C LEU B 561 -11.50 42.43 7.08
N VAL B 562 -11.90 41.97 8.27
CA VAL B 562 -12.13 42.84 9.43
C VAL B 562 -10.94 42.70 10.37
N GLY B 563 -10.16 43.77 10.50
CA GLY B 563 -8.92 43.71 11.25
C GLY B 563 -9.19 43.53 12.73
N VAL B 564 -8.78 42.40 13.29
CA VAL B 564 -8.89 42.14 14.71
C VAL B 564 -7.55 42.54 15.32
N VAL B 565 -7.53 43.69 16.00
CA VAL B 565 -6.31 44.24 16.59
C VAL B 565 -6.58 44.53 18.06
N MET B 566 -5.99 43.73 18.94
CA MET B 566 -6.15 43.93 20.38
C MET B 566 -5.09 43.08 21.08
N GLU B 567 -5.06 43.19 22.40
CA GLU B 567 -4.16 42.38 23.20
C GLU B 567 -4.90 41.17 23.76
N LYS B 568 -4.14 40.24 24.34
CA LYS B 568 -4.73 39.00 24.85
C LYS B 568 -5.90 39.31 25.77
N GLY B 569 -7.05 38.71 25.47
CA GLY B 569 -8.23 38.92 26.27
C GLY B 569 -9.41 38.20 25.67
N TRP B 570 -10.54 38.29 26.37
CA TRP B 570 -11.76 37.63 25.92
C TRP B 570 -12.39 38.35 24.73
N GLU B 571 -12.24 39.67 24.63
CA GLU B 571 -12.74 40.44 23.49
C GLU B 571 -12.28 39.88 22.16
N GLN B 572 -11.31 38.97 22.13
CA GLN B 572 -10.88 38.42 20.85
C GLN B 572 -11.83 37.33 20.37
N TYR B 573 -12.22 36.43 21.28
CA TYR B 573 -13.01 35.27 20.87
C TYR B 573 -14.43 35.66 20.45
N ALA B 574 -14.90 36.80 20.93
CA ALA B 574 -16.12 37.40 20.42
C ALA B 574 -15.86 38.12 19.09
N ALA B 575 -14.71 38.77 19.00
CA ALA B 575 -14.37 39.51 17.79
C ALA B 575 -14.24 38.58 16.61
N VAL B 576 -13.70 37.38 16.81
CA VAL B 576 -13.49 36.50 15.66
C VAL B 576 -14.81 35.86 15.25
N TYR B 577 -15.51 35.27 16.23
CA TYR B 577 -16.68 34.47 15.95
C TYR B 577 -17.87 35.31 15.50
N GLY B 578 -17.82 36.63 15.70
CA GLY B 578 -18.77 37.57 15.09
C GLY B 578 -18.45 38.00 13.66
N ILE B 579 -17.17 38.29 13.40
CA ILE B 579 -16.75 38.62 12.04
C ILE B 579 -17.01 37.47 11.09
N LEU B 580 -16.60 36.27 11.46
CA LEU B 580 -17.01 35.10 10.70
C LEU B 580 -18.53 35.08 10.58
N ALA B 581 -19.23 35.31 11.69
CA ALA B 581 -20.68 35.31 11.70
C ALA B 581 -21.24 36.37 10.77
N ALA B 582 -20.64 37.56 10.78
CA ALA B 582 -21.02 38.60 9.83
C ALA B 582 -20.91 38.11 8.39
N GLY B 583 -20.02 37.15 8.13
CA GLY B 583 -19.70 36.68 6.79
C GLY B 583 -18.28 36.97 6.31
N GLY B 584 -17.42 37.61 7.10
CA GLY B 584 -16.09 38.00 6.65
C GLY B 584 -15.01 37.05 7.13
N ALA B 585 -13.78 37.54 7.12
CA ALA B 585 -12.60 36.86 7.66
C ALA B 585 -11.86 37.84 8.56
N TYR B 586 -11.20 37.33 9.59
CA TYR B 586 -10.54 38.22 10.53
C TYR B 586 -9.03 38.26 10.25
N LEU B 587 -8.49 39.48 10.19
CA LEU B 587 -7.08 39.77 9.93
C LEU B 587 -6.44 40.16 11.26
N PRO B 588 -5.66 39.28 11.89
CA PRO B 588 -4.97 39.63 13.14
C PRO B 588 -3.77 40.51 12.86
N ILE B 589 -3.80 41.72 13.40
CA ILE B 589 -2.64 42.60 13.44
C ILE B 589 -2.27 42.78 14.90
N ASP B 590 -1.00 42.53 15.21
CA ASP B 590 -0.52 42.63 16.58
C ASP B 590 -0.75 44.02 17.14
N ALA B 591 -1.09 44.08 18.43
CA ALA B 591 -1.25 45.37 19.10
C ALA B 591 0.08 45.92 19.63
N ALA B 592 1.19 45.22 19.40
CA ALA B 592 2.49 45.66 19.90
C ALA B 592 3.46 45.96 18.76
N SER B 593 2.99 45.92 17.51
CA SER B 593 3.81 46.35 16.39
C SER B 593 3.92 47.87 16.36
N PRO B 594 4.91 48.42 15.64
CA PRO B 594 5.12 49.87 15.67
C PRO B 594 3.89 50.63 15.18
N ARG B 595 3.83 51.91 15.59
CA ARG B 595 2.72 52.78 15.23
C ARG B 595 2.63 53.06 13.74
N GLY B 596 3.61 52.62 12.96
CA GLY B 596 3.53 52.68 11.51
C GLY B 596 3.19 51.35 10.85
N ARG B 597 3.53 50.24 11.50
CA ARG B 597 3.41 48.93 10.88
C ARG B 597 2.00 48.36 10.98
N VAL B 598 1.31 48.64 12.07
CA VAL B 598 -0.06 48.16 12.19
C VAL B 598 -0.89 48.71 11.04
N ALA B 599 -0.96 50.04 10.94
CA ALA B 599 -1.75 50.67 9.89
C ALA B 599 -1.30 50.21 8.52
N ARG B 600 0.01 50.05 8.33
CA ARG B 600 0.53 49.64 7.04
C ARG B 600 0.04 48.25 6.66
N LEU B 601 0.01 47.33 7.63
CA LEU B 601 -0.49 46.00 7.36
C LEU B 601 -1.95 46.05 6.96
N LEU B 602 -2.76 46.79 7.72
CA LEU B 602 -4.16 46.94 7.39
C LEU B 602 -4.32 47.41 5.96
N GLU B 603 -3.61 48.50 5.64
CA GLU B 603 -3.69 49.10 4.31
C GLU B 603 -3.33 48.09 3.24
N SER B 604 -2.13 47.49 3.37
CA SER B 604 -1.69 46.51 2.38
C SER B 604 -2.75 45.46 2.14
N ALA B 605 -3.44 45.04 3.19
CA ALA B 605 -4.46 44.01 3.07
C ALA B 605 -5.79 44.54 2.57
N GLY B 606 -5.99 45.86 2.56
CA GLY B 606 -7.27 46.40 2.14
C GLY B 606 -8.40 46.05 3.09
N ALA B 607 -8.23 46.41 4.34
CA ALA B 607 -9.18 46.07 5.39
C ALA B 607 -9.81 47.35 5.95
N GLY B 608 -11.14 47.40 5.93
CA GLY B 608 -11.89 48.58 6.27
C GLY B 608 -12.09 48.66 7.76
N ILE B 609 -13.13 47.99 8.24
CA ILE B 609 -13.44 48.02 9.66
C ILE B 609 -12.32 47.38 10.47
N VAL B 610 -12.18 47.81 11.73
CA VAL B 610 -11.22 47.22 12.65
C VAL B 610 -11.86 47.10 14.03
N LEU B 611 -11.99 45.88 14.53
CA LEU B 611 -12.47 45.71 15.89
C LEU B 611 -11.28 45.79 16.84
N THR B 612 -11.50 46.38 18.02
CA THR B 612 -10.42 46.64 18.98
C THR B 612 -10.96 46.74 20.40
N GLN B 613 -10.11 46.48 21.40
CA GLN B 613 -10.55 46.72 22.76
C GLN B 613 -10.55 48.22 23.06
N SER B 614 -11.40 48.62 24.02
CA SER B 614 -11.57 50.04 24.33
C SER B 614 -10.31 50.61 24.95
N ARG B 615 -9.77 49.94 25.96
CA ARG B 615 -8.43 50.25 26.41
C ARG B 615 -7.48 50.20 25.22
N LEU B 616 -6.68 51.25 25.07
CA LEU B 616 -5.74 51.37 23.96
C LEU B 616 -6.47 51.23 22.63
N ARG B 617 -7.56 51.97 22.48
CA ARG B 617 -8.32 52.03 21.23
C ARG B 617 -8.14 53.35 20.50
N ASP B 618 -7.83 54.42 21.22
CA ASP B 618 -7.53 55.70 20.61
C ASP B 618 -6.05 55.84 20.24
N GLU B 619 -5.23 54.88 20.63
CA GLU B 619 -3.80 54.90 20.33
C GLU B 619 -3.48 54.25 18.99
N LEU B 620 -4.45 54.13 18.07
CA LEU B 620 -4.25 53.41 16.81
C LEU B 620 -4.31 54.41 15.66
N ASP B 621 -3.13 54.71 15.11
CA ASP B 621 -3.03 55.49 13.87
C ASP B 621 -3.71 54.75 12.75
N LEU B 622 -4.92 55.17 12.40
CA LEU B 622 -5.70 54.56 11.32
C LEU B 622 -6.45 55.66 10.58
N PRO B 623 -6.65 55.52 9.27
CA PRO B 623 -7.36 56.56 8.52
C PRO B 623 -8.84 56.60 8.82
N ALA B 624 -9.44 57.75 8.51
CA ALA B 624 -10.87 57.92 8.72
C ALA B 624 -11.72 57.00 7.84
N GLY B 625 -11.15 56.50 6.73
CA GLY B 625 -11.84 55.53 5.87
C GLY B 625 -11.94 54.14 6.46
N THR B 626 -11.13 53.82 7.45
CA THR B 626 -11.16 52.53 8.12
C THR B 626 -11.87 52.73 9.46
N THR B 627 -13.04 52.14 9.56
CA THR B 627 -13.80 52.24 10.79
C THR B 627 -13.11 51.51 11.94
N VAL B 628 -13.30 52.04 13.14
CA VAL B 628 -12.75 51.48 14.36
C VAL B 628 -13.84 51.45 15.43
N LEU B 629 -14.20 50.26 15.89
CA LEU B 629 -15.19 50.07 16.94
C LEU B 629 -14.57 49.30 18.09
N ARG B 630 -14.91 49.73 19.31
CA ARG B 630 -14.55 49.00 20.52
C ARG B 630 -15.49 47.82 20.70
N ALA B 631 -14.98 46.73 21.25
CA ALA B 631 -15.79 45.54 21.40
C ALA B 631 -16.36 45.38 22.80
N ASP B 632 -15.64 45.85 23.82
CA ASP B 632 -16.08 45.74 25.19
C ASP B 632 -17.12 46.79 25.53
N THR B 633 -17.48 47.67 24.58
CA THR B 633 -18.35 48.79 24.90
C THR B 633 -19.15 49.29 23.70
N ASP B 634 -18.51 49.41 22.54
CA ASP B 634 -19.19 49.95 21.35
C ASP B 634 -20.08 48.91 20.69
N PHE B 635 -20.91 48.21 21.45
CA PHE B 635 -21.64 47.10 20.86
C PHE B 635 -22.85 46.67 21.68
N GLU B 636 -22.79 46.91 23.00
CA GLU B 636 -23.69 46.27 23.97
C GLU B 636 -25.16 46.36 23.56
N THR B 637 -25.55 47.41 22.84
CA THR B 637 -26.94 47.66 22.42
C THR B 637 -27.18 47.15 21.00
N ALA B 638 -27.24 45.82 20.89
CA ALA B 638 -27.21 45.15 19.61
C ALA B 638 -28.23 44.03 19.57
N SER B 639 -28.40 43.45 18.38
CA SER B 639 -29.33 42.35 18.15
C SER B 639 -28.76 41.05 18.67
N THR B 640 -29.27 40.56 19.77
CA THR B 640 -28.84 39.22 20.14
C THR B 640 -29.54 38.18 19.26
N ALA B 641 -29.90 38.57 18.06
CA ALA B 641 -30.59 37.66 17.17
C ALA B 641 -29.59 36.89 16.35
N PRO B 642 -29.66 35.56 16.30
CA PRO B 642 -28.67 34.78 15.57
C PRO B 642 -28.65 35.14 14.10
N LEU B 643 -27.46 35.44 13.56
CA LEU B 643 -27.30 35.74 12.14
C LEU B 643 -26.98 34.48 11.36
N THR B 644 -27.57 34.38 10.19
CA THR B 644 -27.47 33.18 9.35
C THR B 644 -26.16 33.20 8.55
N PRO B 645 -25.65 32.04 8.11
CA PRO B 645 -24.40 32.03 7.36
C PRO B 645 -24.57 32.62 5.98
N VAL B 646 -23.64 33.48 5.58
CA VAL B 646 -23.66 34.04 4.24
C VAL B 646 -22.47 33.58 3.40
N GLN B 647 -21.42 33.02 4.01
CA GLN B 647 -20.20 32.63 3.32
C GLN B 647 -20.20 31.12 3.05
N GLY B 648 -19.08 30.62 2.52
CA GLY B 648 -19.03 29.27 2.01
C GLY B 648 -17.94 28.45 2.65
N PRO B 649 -17.83 27.16 2.27
CA PRO B 649 -16.74 26.33 2.83
C PRO B 649 -15.41 26.80 2.33
N ASP B 650 -15.38 27.30 1.11
CA ASP B 650 -14.14 27.67 0.51
C ASP B 650 -13.86 29.14 0.69
N ASP B 651 -14.79 29.86 1.30
CA ASP B 651 -14.49 31.23 1.66
C ASP B 651 -13.36 31.29 2.68
N PRO B 652 -12.60 32.37 2.65
CA PRO B 652 -11.49 32.54 3.59
C PRO B 652 -11.96 32.91 4.98
N ALA B 653 -11.38 32.23 5.96
CA ALA B 653 -11.67 32.51 7.36
C ALA B 653 -10.65 33.47 7.99
N TYR B 654 -9.36 33.33 7.70
CA TYR B 654 -8.41 34.28 8.27
C TYR B 654 -7.25 34.53 7.32
N VAL B 655 -6.74 35.74 7.42
CA VAL B 655 -5.52 36.15 6.77
C VAL B 655 -4.54 36.57 7.82
N ILE B 656 -3.35 35.96 7.78
CA ILE B 656 -2.30 36.17 8.76
C ILE B 656 -0.98 36.31 8.01
N TYR B 657 -0.27 37.39 8.27
CA TYR B 657 0.92 37.66 7.49
C TYR B 657 2.16 37.20 8.27
N THR B 658 3.30 37.08 7.56
CA THR B 658 4.57 36.64 8.18
C THR B 658 5.74 37.59 7.79
N GLY B 663 12.22 38.04 1.39
CA GLY B 663 12.49 39.01 2.44
C GLY B 663 11.29 39.77 3.01
N GLU B 664 10.33 40.19 2.15
CA GLU B 664 9.18 41.04 2.49
C GLU B 664 8.05 40.19 3.10
N PRO B 665 7.36 40.67 4.16
CA PRO B 665 6.30 39.87 4.79
C PRO B 665 5.14 39.66 3.82
N LYS B 666 4.54 38.48 3.90
CA LYS B 666 3.49 38.06 2.98
C LYS B 666 2.23 37.68 3.75
N GLY B 667 1.07 38.19 3.33
CA GLY B 667 -0.20 37.76 3.94
C GLY B 667 -0.65 36.39 3.46
N VAL B 668 -1.23 35.60 4.37
CA VAL B 668 -1.65 34.23 4.11
C VAL B 668 -3.18 34.11 4.19
N VAL B 669 -3.78 33.41 3.25
CA VAL B 669 -5.23 33.25 3.22
C VAL B 669 -5.57 31.82 3.54
N VAL B 670 -6.49 31.62 4.49
CA VAL B 670 -6.85 30.26 4.92
C VAL B 670 -8.37 30.10 4.99
N ALA B 671 -8.89 29.10 4.27
CA ALA B 671 -10.32 28.93 4.09
C ALA B 671 -10.97 28.30 5.30
N HIS B 672 -12.28 28.15 5.20
CA HIS B 672 -12.98 27.42 6.24
C HIS B 672 -12.70 25.92 6.19
N ARG B 673 -12.75 25.34 4.98
CA ARG B 673 -12.73 23.89 4.87
C ARG B 673 -11.46 23.31 5.46
N GLY B 674 -10.33 23.98 5.26
CA GLY B 674 -9.06 23.58 5.85
C GLY B 674 -9.08 23.55 7.36
N VAL B 675 -9.39 24.69 7.99
CA VAL B 675 -9.43 24.76 9.45
C VAL B 675 -10.36 23.70 10.04
N ALA B 676 -11.55 23.53 9.45
CA ALA B 676 -12.49 22.54 9.94
C ALA B 676 -11.88 21.13 9.92
N ASN B 677 -11.13 20.82 8.86
CA ASN B 677 -10.41 19.55 8.79
C ASN B 677 -9.50 19.38 9.98
N LEU B 678 -8.73 20.41 10.30
CA LEU B 678 -7.85 20.34 11.45
C LEU B 678 -8.68 20.18 12.71
N VAL B 679 -9.69 21.04 12.88
CA VAL B 679 -10.38 21.08 14.17
C VAL B 679 -10.96 19.70 14.47
N ARG B 680 -11.80 19.19 13.56
CA ARG B 680 -12.34 17.86 13.70
C ARG B 680 -11.28 16.78 13.63
N ASP B 681 -10.02 17.08 13.25
CA ASP B 681 -9.02 16.00 13.41
C ASP B 681 -8.41 15.96 14.78
N VAL B 682 -8.03 17.11 15.32
CA VAL B 682 -7.47 17.11 16.65
C VAL B 682 -8.43 16.48 17.63
N ARG B 683 -9.68 16.90 17.57
CA ARG B 683 -10.68 16.29 18.47
C ARG B 683 -10.88 14.81 18.20
N ARG B 684 -10.96 14.40 16.91
CA ARG B 684 -11.13 12.98 16.58
C ARG B 684 -9.79 12.25 16.48
N ARG B 685 -8.88 12.60 17.35
CA ARG B 685 -7.59 11.89 17.40
C ARG B 685 -7.32 11.56 18.84
N PHE B 686 -7.40 12.59 19.66
CA PHE B 686 -7.15 12.50 21.08
C PHE B 686 -8.47 12.58 21.81
N ALA B 687 -8.37 12.47 23.13
CA ALA B 687 -9.56 12.47 24.00
C ALA B 687 -10.34 13.75 23.76
N VAL B 688 -9.77 14.86 24.26
CA VAL B 688 -10.26 16.24 24.18
C VAL B 688 -11.77 16.31 24.37
N THR B 689 -12.21 15.99 25.59
CA THR B 689 -13.57 16.02 26.04
C THR B 689 -13.94 17.46 26.42
N PRO B 690 -15.30 17.75 26.56
CA PRO B 690 -15.75 19.07 27.04
C PRO B 690 -15.14 19.59 28.34
N ALA B 691 -14.54 18.68 29.09
CA ALA B 691 -13.85 19.03 30.33
C ALA B 691 -12.50 19.70 30.10
N ASP B 692 -11.89 19.49 28.92
CA ASP B 692 -10.56 20.02 28.64
C ASP B 692 -10.51 21.53 28.74
N ARG B 693 -9.50 22.02 29.47
CA ARG B 693 -9.26 23.43 29.65
C ARG B 693 -7.87 23.75 29.08
N LEU B 694 -7.83 24.71 28.16
CA LEU B 694 -6.68 24.96 27.30
C LEU B 694 -6.17 26.36 27.59
N LEU B 695 -4.85 26.48 27.70
CA LEU B 695 -4.22 27.77 27.96
C LEU B 695 -3.77 28.33 26.61
N ALA B 696 -4.54 29.30 26.11
CA ALA B 696 -4.33 29.91 24.80
C ALA B 696 -3.17 30.87 24.90
N LEU B 697 -1.98 30.29 25.04
CA LEU B 697 -0.81 31.10 25.23
C LEU B 697 -0.41 31.78 23.93
N SER B 698 -0.65 31.14 22.79
CA SER B 698 -0.21 31.73 21.53
C SER B 698 -0.96 33.05 21.27
N GLY B 699 -0.41 33.85 20.36
CA GLY B 699 -0.98 35.16 20.02
C GLY B 699 -1.77 35.06 18.72
N LEU B 700 -2.86 35.82 18.64
CA LEU B 700 -3.85 35.60 17.58
C LEU B 700 -3.30 35.93 16.21
N HIS B 701 -2.20 36.68 16.15
CA HIS B 701 -1.45 36.96 14.93
C HIS B 701 -0.34 35.95 14.69
N PHE B 702 -0.05 35.07 15.63
CA PHE B 702 0.74 33.89 15.36
C PHE B 702 -0.20 32.79 14.91
N ASP B 703 0.08 32.21 13.72
CA ASP B 703 -0.68 31.08 13.19
C ASP B 703 -1.01 30.03 14.28
N ALA B 704 -0.11 29.84 15.25
CA ALA B 704 -0.34 28.81 16.26
C ALA B 704 -1.63 29.02 17.00
N SER B 705 -2.11 30.26 17.10
CA SER B 705 -3.31 30.56 17.87
C SER B 705 -4.53 29.87 17.31
N VAL B 706 -4.46 29.31 16.11
CA VAL B 706 -5.67 28.94 15.38
C VAL B 706 -6.43 27.82 16.08
N TYR B 707 -5.74 26.76 16.48
CA TYR B 707 -6.41 25.72 17.24
C TYR B 707 -7.09 26.24 18.49
N ASP B 708 -6.44 27.16 19.21
CA ASP B 708 -7.05 27.69 20.43
C ASP B 708 -8.36 28.42 20.15
N VAL B 709 -8.49 29.02 18.97
CA VAL B 709 -9.72 29.68 18.57
C VAL B 709 -10.81 28.66 18.30
N PHE B 710 -10.63 27.90 17.22
CA PHE B 710 -11.66 27.09 16.60
C PHE B 710 -11.72 25.68 17.16
N GLY B 711 -10.94 25.35 18.18
CA GLY B 711 -10.81 23.98 18.62
C GLY B 711 -11.63 23.63 19.84
N PRO B 712 -11.33 24.29 20.97
CA PRO B 712 -12.08 23.99 22.20
C PRO B 712 -13.57 24.27 22.04
N LEU B 713 -13.91 25.42 21.48
CA LEU B 713 -15.29 25.88 21.49
C LEU B 713 -16.16 25.02 20.58
N ALA B 714 -15.58 24.46 19.54
CA ALA B 714 -16.35 23.69 18.57
C ALA B 714 -16.68 22.30 19.06
N CYS B 715 -16.36 21.96 20.28
CA CYS B 715 -16.92 20.77 20.87
C CYS B 715 -17.31 20.96 22.34
N GLY B 716 -17.07 22.14 22.91
CA GLY B 716 -17.53 22.47 24.24
C GLY B 716 -16.46 22.54 25.29
N ALA B 717 -15.19 22.52 24.92
CA ALA B 717 -14.15 22.67 25.92
C ALA B 717 -14.14 24.12 26.40
N THR B 718 -13.09 24.52 27.14
CA THR B 718 -12.99 25.86 27.70
C THR B 718 -11.68 26.48 27.29
N VAL B 719 -11.76 27.64 26.68
CA VAL B 719 -10.57 28.44 26.46
C VAL B 719 -10.27 29.26 27.70
N VAL B 720 -8.99 29.31 28.06
CA VAL B 720 -8.49 30.00 29.24
C VAL B 720 -7.42 31.00 28.78
N VAL B 721 -7.73 32.28 28.85
CA VAL B 721 -6.90 33.33 28.28
C VAL B 721 -5.92 33.83 29.34
N PRO B 722 -4.61 33.75 29.10
CA PRO B 722 -3.66 34.26 30.08
C PRO B 722 -3.63 35.78 30.06
N PRO B 723 -3.23 36.41 31.16
CA PRO B 723 -2.99 37.86 31.13
C PRO B 723 -1.98 38.18 30.04
N PRO B 724 -2.12 39.32 29.36
CA PRO B 724 -1.23 39.61 28.22
C PRO B 724 0.22 39.83 28.66
N PHE B 725 1.17 39.38 27.84
CA PHE B 725 2.59 39.50 28.15
C PHE B 725 3.35 40.11 26.98
N ARG B 726 4.67 40.31 27.20
CA ARG B 726 5.67 40.67 26.17
C ARG B 726 6.92 39.79 26.27
N ARG B 727 7.64 39.90 27.39
CA ARG B 727 8.62 38.91 27.80
C ARG B 727 7.88 37.77 28.48
N ALA B 728 8.16 36.54 28.04
CA ALA B 728 7.49 35.37 28.59
C ALA B 728 7.56 35.39 30.11
N GLU B 729 6.46 35.01 30.76
CA GLU B 729 6.33 35.05 32.21
C GLU B 729 5.91 33.67 32.69
N PRO B 730 6.82 32.70 32.74
CA PRO B 730 6.43 31.33 33.14
C PRO B 730 5.80 31.22 34.53
N ASP B 731 5.98 32.21 35.39
CA ASP B 731 5.36 32.21 36.72
C ASP B 731 3.85 32.24 36.62
N VAL B 732 3.33 33.31 36.03
CA VAL B 732 1.89 33.48 35.85
C VAL B 732 1.29 32.25 35.19
N TRP B 733 1.87 31.84 34.05
CA TRP B 733 1.34 30.69 33.31
C TRP B 733 1.37 29.43 34.15
N ALA B 734 2.44 29.22 34.92
CA ALA B 734 2.41 28.16 35.90
C ALA B 734 1.23 28.35 36.86
N GLU B 735 1.02 29.59 37.32
CA GLU B 735 -0.06 29.86 38.27
C GLU B 735 -1.41 29.53 37.66
N LEU B 736 -1.70 30.13 36.50
CA LEU B 736 -2.97 29.90 35.83
C LEU B 736 -3.17 28.43 35.49
N VAL B 737 -2.10 27.75 35.05
CA VAL B 737 -2.21 26.31 34.76
C VAL B 737 -2.62 25.59 36.04
N ARG B 738 -2.04 25.99 37.17
CA ARG B 738 -2.39 25.39 38.45
C ARG B 738 -3.85 25.67 38.80
N ASP B 739 -4.26 26.94 38.73
CA ASP B 739 -5.59 27.34 39.17
C ASP B 739 -6.65 26.75 38.25
N GLU B 740 -6.67 27.19 37.03
CA GLU B 740 -7.78 26.79 36.21
C GLU B 740 -7.78 25.31 35.87
N ARG B 741 -6.85 24.49 36.41
CA ARG B 741 -6.83 23.06 36.14
C ARG B 741 -6.66 22.79 34.64
N VAL B 742 -5.75 23.54 34.02
CA VAL B 742 -5.62 23.53 32.57
C VAL B 742 -5.11 22.18 32.09
N THR B 743 -5.72 21.67 31.03
CA THR B 743 -5.38 20.33 30.55
C THR B 743 -4.87 20.29 29.13
N PHE B 744 -4.61 21.44 28.49
CA PHE B 744 -4.17 21.47 27.09
C PHE B 744 -3.10 22.53 26.92
N TRP B 745 -1.83 22.09 26.84
CA TRP B 745 -0.73 23.03 26.67
C TRP B 745 -0.34 23.12 25.21
N ASN B 746 -0.59 24.30 24.62
CA ASN B 746 -0.30 24.55 23.22
C ASN B 746 0.60 25.78 23.13
N SER B 747 1.90 25.56 22.92
CA SER B 747 2.82 26.64 22.62
C SER B 747 4.06 26.08 21.92
N VAL B 748 4.97 26.99 21.63
CA VAL B 748 6.27 26.72 21.00
C VAL B 748 7.15 26.06 22.05
N PRO B 749 8.18 25.29 21.69
CA PRO B 749 8.81 24.47 22.74
C PRO B 749 9.52 25.31 23.76
N VAL B 750 10.16 26.41 23.35
CA VAL B 750 10.87 27.21 24.34
C VAL B 750 9.94 27.67 25.44
N LEU B 751 8.67 27.90 25.12
CA LEU B 751 7.73 28.37 26.14
C LEU B 751 7.42 27.28 27.16
N LEU B 752 7.08 26.06 26.69
CA LEU B 752 6.81 24.96 27.61
C LEU B 752 8.05 24.61 28.42
N GLU B 753 9.23 24.93 27.87
CA GLU B 753 10.49 24.76 28.59
C GLU B 753 10.59 25.80 29.69
N LEU B 754 10.42 27.08 29.34
CA LEU B 754 10.39 28.13 30.35
C LEU B 754 9.35 27.83 31.41
N LEU B 755 8.24 27.19 31.03
CA LEU B 755 7.24 26.82 32.01
C LEU B 755 7.73 25.69 32.90
N VAL B 756 8.20 24.60 32.29
CA VAL B 756 8.63 23.44 33.05
C VAL B 756 9.75 23.82 34.02
N GLY B 757 10.70 24.63 33.56
CA GLY B 757 11.77 25.08 34.42
C GLY B 757 11.27 25.87 35.62
N GLU B 758 10.21 26.66 35.43
CA GLU B 758 9.57 27.35 36.55
C GLU B 758 8.73 26.38 37.37
N ALA B 759 8.33 25.25 36.79
CA ALA B 759 7.56 24.23 37.49
C ALA B 759 8.43 23.31 38.33
N GLU B 760 9.52 22.80 37.74
CA GLU B 760 10.48 22.01 38.49
C GLU B 760 10.87 22.71 39.78
N SER B 761 11.29 23.97 39.67
CA SER B 761 11.55 24.80 40.84
C SER B 761 10.24 25.31 41.47
N ARG B 762 9.48 24.34 42.00
CA ARG B 762 8.27 24.62 42.75
C ARG B 762 7.91 23.39 43.56
N ASP B 763 7.70 23.58 44.86
CA ASP B 763 7.41 22.45 45.74
C ASP B 763 6.09 21.77 45.35
N ASP B 764 5.08 22.57 44.98
CA ASP B 764 3.78 22.03 44.61
C ASP B 764 3.89 21.30 43.27
N ARG B 765 2.74 20.88 42.75
CA ARG B 765 2.64 20.30 41.41
C ARG B 765 1.72 21.20 40.59
N PRO B 766 2.21 22.37 40.16
CA PRO B 766 1.33 23.30 39.45
C PRO B 766 0.87 22.71 38.14
N LEU B 767 1.81 22.26 37.30
CA LEU B 767 1.45 21.66 36.02
C LEU B 767 1.04 20.19 36.14
N ALA B 768 0.27 19.84 37.16
CA ALA B 768 -0.10 18.46 37.42
C ALA B 768 -1.37 18.02 36.71
N THR B 769 -2.10 18.98 36.12
CA THR B 769 -3.34 18.69 35.40
C THR B 769 -3.15 18.53 33.89
N LEU B 770 -2.09 19.10 33.31
CA LEU B 770 -1.82 19.03 31.87
C LEU B 770 -1.71 17.58 31.40
N ARG B 771 -2.70 17.10 30.63
CA ARG B 771 -2.68 15.77 30.03
C ARG B 771 -2.50 15.82 28.51
N LEU B 772 -2.04 16.95 27.98
CA LEU B 772 -1.74 17.09 26.55
C LEU B 772 -0.88 18.32 26.35
N ALA B 773 0.31 18.15 25.78
CA ALA B 773 1.20 19.24 25.44
C ALA B 773 1.52 19.12 23.96
N VAL B 774 1.20 20.17 23.20
CA VAL B 774 1.53 20.22 21.79
C VAL B 774 2.53 21.33 21.60
N VAL B 775 3.77 20.96 21.37
CA VAL B 775 4.82 21.95 21.19
C VAL B 775 5.24 21.88 19.75
N SER B 776 5.40 23.05 19.15
CA SER B 776 5.68 23.01 17.71
C SER B 776 6.22 24.35 17.29
N GLY B 777 6.72 24.38 16.07
CA GLY B 777 7.08 25.63 15.42
C GLY B 777 8.58 25.83 15.32
N ASP B 778 9.28 25.64 16.41
CA ASP B 778 10.74 25.56 16.38
C ASP B 778 11.22 24.12 16.48
N TRP B 779 12.24 23.93 17.31
CA TRP B 779 12.85 22.64 17.63
C TRP B 779 12.50 22.26 19.06
N ILE B 780 11.98 21.04 19.22
CA ILE B 780 11.57 20.51 20.53
C ILE B 780 12.82 20.02 21.24
N PRO B 781 13.17 20.51 22.43
CA PRO B 781 14.43 20.12 23.06
C PRO B 781 14.43 18.64 23.37
N LEU B 782 15.57 18.00 23.10
CA LEU B 782 15.68 16.55 23.22
C LEU B 782 15.32 16.07 24.61
N ASP B 783 15.68 16.87 25.63
CA ASP B 783 15.37 16.52 26.99
C ASP B 783 13.97 16.92 27.40
N LEU B 784 13.41 17.97 26.78
CA LEU B 784 12.16 18.59 27.24
C LEU B 784 10.98 17.65 27.39
N PRO B 785 10.79 16.65 26.53
CA PRO B 785 9.66 15.75 26.75
C PRO B 785 9.78 15.01 28.05
N GLY B 786 11.01 14.79 28.53
CA GLY B 786 11.25 14.08 29.76
C GLY B 786 11.13 14.95 30.98
N ARG B 787 11.74 16.15 30.91
CA ARG B 787 11.58 17.13 31.98
C ARG B 787 10.11 17.38 32.28
N ALA B 788 9.27 17.42 31.25
CA ALA B 788 7.84 17.63 31.43
C ALA B 788 7.11 16.34 31.70
N ARG B 789 7.46 15.25 31.02
CA ARG B 789 6.85 14.00 31.41
C ARG B 789 7.14 13.71 32.88
N ALA B 790 8.29 14.21 33.37
CA ALA B 790 8.73 13.93 34.74
C ALA B 790 7.67 14.29 35.76
N GLN B 791 7.34 15.57 35.89
CA GLN B 791 6.21 15.93 36.72
C GLN B 791 4.92 15.75 35.94
N ALA B 792 3.84 15.55 36.69
CA ALA B 792 2.55 15.19 36.12
C ALA B 792 2.63 13.99 35.18
N PRO B 793 3.02 12.81 35.67
CA PRO B 793 3.16 11.66 34.78
C PRO B 793 1.83 11.37 34.13
N GLY B 794 1.87 10.68 32.99
CA GLY B 794 0.68 10.41 32.21
C GLY B 794 0.39 11.45 31.14
N LEU B 795 0.86 12.68 31.32
CA LEU B 795 0.93 13.61 30.21
C LEU B 795 1.50 12.94 28.97
N ARG B 796 0.80 13.08 27.84
CA ARG B 796 1.30 12.66 26.54
C ARG B 796 1.76 13.90 25.78
N VAL B 797 3.03 13.94 25.46
CA VAL B 797 3.60 15.03 24.69
C VAL B 797 3.46 14.71 23.21
N VAL B 798 3.29 15.78 22.44
CA VAL B 798 3.15 15.69 21.00
C VAL B 798 3.68 16.96 20.37
N GLY B 799 4.48 16.79 19.34
CA GLY B 799 5.01 17.95 18.68
C GLY B 799 4.47 18.05 17.28
N SER B 800 4.46 19.26 16.74
CA SER B 800 4.04 19.39 15.36
C SER B 800 4.78 20.46 14.56
N GLY B 801 4.10 21.05 13.58
CA GLY B 801 4.68 22.14 12.83
C GLY B 801 3.83 22.60 11.66
N GLY B 802 4.23 22.20 10.48
CA GLY B 802 3.63 22.66 9.24
C GLY B 802 3.90 24.14 9.00
N PRO B 803 3.80 24.66 7.80
CA PRO B 803 4.02 26.08 7.70
C PRO B 803 2.69 26.79 7.77
N THR B 804 2.78 28.06 8.07
CA THR B 804 1.59 28.81 8.38
C THR B 804 0.61 28.68 7.23
N GLU B 805 1.14 28.59 5.98
CA GLU B 805 0.47 28.20 4.74
C GLU B 805 -0.01 26.74 4.74
N THR B 806 -0.11 26.09 5.90
CA THR B 806 -0.65 24.74 5.94
C THR B 806 -1.70 24.62 7.05
N ILE B 807 -2.15 25.78 7.57
CA ILE B 807 -3.21 25.87 8.56
C ILE B 807 -2.68 25.20 9.81
N CYS B 808 -1.90 25.95 10.57
CA CYS B 808 -1.32 25.53 11.85
C CYS B 808 -0.80 24.10 11.85
N TRP B 809 -1.35 23.21 12.66
CA TRP B 809 -0.78 21.87 12.68
C TRP B 809 -1.19 21.07 11.45
N SER B 810 -0.28 20.22 10.99
CA SER B 810 -0.44 19.41 9.80
C SER B 810 0.17 18.02 9.93
N LEU B 811 1.10 17.82 10.84
CA LEU B 811 1.84 16.57 10.97
C LEU B 811 2.28 16.43 12.41
N PHE B 812 1.97 15.28 12.97
CA PHE B 812 2.08 15.08 14.40
C PHE B 812 3.08 14.00 14.70
N HIS B 813 3.77 14.14 15.83
CA HIS B 813 4.67 13.11 16.34
C HIS B 813 4.43 12.96 17.84
N PRO B 814 3.95 11.86 18.27
CA PRO B 814 3.87 11.62 19.70
C PRO B 814 5.27 11.40 20.23
N ILE B 815 5.80 12.42 20.91
CA ILE B 815 7.06 12.34 21.62
C ILE B 815 6.90 11.44 22.83
N ASP B 816 7.11 10.12 22.66
CA ASP B 816 6.95 9.17 23.77
C ASP B 816 8.25 8.60 24.33
N ALA B 817 9.38 8.78 23.64
CA ALA B 817 10.61 8.12 24.05
C ALA B 817 11.85 8.71 23.36
N VAL B 818 12.41 9.77 23.92
CA VAL B 818 13.50 10.50 23.29
C VAL B 818 14.69 9.55 23.12
N ASP B 819 15.03 9.17 21.87
CA ASP B 819 16.25 8.39 21.62
C ASP B 819 17.49 9.24 21.85
N PRO B 820 18.46 8.77 22.65
CA PRO B 820 19.61 9.62 22.95
C PRO B 820 20.43 9.93 21.72
N GLN B 821 20.41 9.04 20.72
CA GLN B 821 21.27 9.17 19.56
C GLN B 821 20.69 10.05 18.45
N TRP B 822 19.54 10.67 18.67
CA TRP B 822 18.95 11.55 17.67
C TRP B 822 19.66 12.88 17.63
N THR B 823 19.93 13.38 16.41
CA THR B 823 20.29 14.78 16.29
C THR B 823 19.10 15.68 16.67
N SER B 824 17.88 15.30 16.23
CA SER B 824 16.63 16.04 16.45
C SER B 824 15.43 15.11 16.53
N ILE B 825 14.38 15.61 17.18
CA ILE B 825 13.08 14.91 17.29
C ILE B 825 12.49 14.73 15.90
N PRO B 826 11.85 13.59 15.59
CA PRO B 826 11.18 13.48 14.29
C PRO B 826 10.13 14.56 14.10
N TYR B 827 9.99 15.01 12.85
CA TYR B 827 8.90 15.94 12.55
C TYR B 827 7.56 15.25 12.80
N GLY B 828 7.32 14.11 12.14
CA GLY B 828 6.16 13.32 12.45
C GLY B 828 5.56 12.67 11.24
N LYS B 829 4.36 12.21 11.41
CA LYS B 829 3.37 11.64 10.50
C LYS B 829 2.37 12.73 10.10
N PRO B 830 1.78 12.62 8.90
CA PRO B 830 0.86 13.66 8.42
C PRO B 830 -0.45 13.53 9.17
N ILE B 831 -1.16 14.66 9.29
CA ILE B 831 -2.53 14.64 9.82
C ILE B 831 -3.49 14.21 8.73
N ALA B 832 -4.77 14.05 9.06
CA ALA B 832 -5.70 13.67 8.01
C ALA B 832 -5.82 14.80 6.99
N ASN B 833 -5.90 14.40 5.72
CA ASN B 833 -6.09 15.24 4.54
C ASN B 833 -4.81 15.91 4.03
N GLN B 834 -3.80 15.98 4.87
CA GLN B 834 -2.51 16.46 4.41
C GLN B 834 -1.68 15.27 3.96
N ARG B 835 -0.78 15.52 3.02
CA ARG B 835 0.28 14.58 2.69
C ARG B 835 1.62 15.33 2.73
N TYR B 836 2.67 14.64 3.20
CA TYR B 836 4.03 15.19 3.27
C TYR B 836 4.97 14.42 2.35
N TYR B 837 5.49 15.12 1.35
CA TYR B 837 6.42 14.58 0.36
C TYR B 837 7.82 15.08 0.62
N ILE B 838 8.82 14.27 0.26
CA ILE B 838 10.19 14.74 0.18
C ILE B 838 10.66 14.59 -1.26
N VAL B 839 10.81 15.73 -1.89
CA VAL B 839 11.32 15.88 -3.22
C VAL B 839 12.35 16.98 -3.11
N ASP B 840 12.77 17.48 -4.25
CA ASP B 840 13.84 18.46 -4.23
C ASP B 840 13.96 19.32 -5.47
N ARG B 841 12.86 19.94 -5.88
CA ARG B 841 12.85 20.78 -7.07
C ARG B 841 13.51 20.04 -8.24
N ASP B 842 13.00 18.83 -8.52
CA ASP B 842 13.58 17.99 -9.57
C ASP B 842 12.56 17.15 -10.32
N LEU B 843 11.28 17.28 -10.00
CA LEU B 843 10.25 16.47 -10.64
C LEU B 843 10.57 14.99 -10.44
N ARG B 844 10.29 14.55 -9.23
CA ARG B 844 10.61 13.22 -8.78
C ARG B 844 10.40 13.18 -7.28
N PRO B 845 9.78 12.11 -6.76
CA PRO B 845 9.61 11.92 -5.31
C PRO B 845 10.74 11.08 -4.78
N ARG B 846 11.49 11.52 -3.72
CA ARG B 846 12.84 10.91 -3.55
C ARG B 846 12.95 9.96 -2.36
N PRO B 847 13.67 8.81 -2.51
CA PRO B 847 13.45 7.69 -1.59
C PRO B 847 14.09 7.89 -0.22
N THR B 848 13.99 6.86 0.62
CA THR B 848 14.08 7.06 2.07
C THR B 848 15.49 7.50 2.42
N TRP B 849 15.55 8.43 3.39
CA TRP B 849 16.76 8.98 3.98
C TRP B 849 17.30 10.15 3.21
N ALA B 850 16.96 10.18 1.92
CA ALA B 850 17.53 11.16 1.00
C ALA B 850 16.95 12.54 1.29
N ARG B 851 17.83 13.57 1.23
CA ARG B 851 17.49 14.89 1.77
C ARG B 851 16.91 15.76 0.66
N GLY B 852 15.73 16.36 0.91
CA GLY B 852 15.17 17.26 -0.08
C GLY B 852 14.28 18.30 0.54
N GLU B 853 13.46 18.96 -0.27
CA GLU B 853 12.50 19.92 0.29
C GLU B 853 11.25 19.17 0.80
N MET B 854 10.46 19.85 1.63
CA MET B 854 9.19 19.31 2.08
C MET B 854 8.03 19.89 1.26
N ALA B 855 7.28 19.01 0.60
CA ALA B 855 6.14 19.34 -0.27
C ALA B 855 4.83 18.81 0.34
N VAL B 856 4.05 19.72 0.95
CA VAL B 856 2.75 19.41 1.56
C VAL B 856 1.66 19.40 0.48
N ALA B 857 1.10 18.23 0.18
CA ALA B 857 0.02 18.08 -0.82
C ALA B 857 -1.34 18.01 -0.14
N SER B 858 -2.34 18.77 -0.64
CA SER B 858 -3.69 18.80 -0.07
C SER B 858 -4.66 19.71 -0.80
N PRO B 859 -5.87 19.27 -1.04
CA PRO B 859 -6.84 20.13 -1.73
C PRO B 859 -7.46 21.15 -0.82
N LEU B 860 -7.48 20.84 0.46
CA LEU B 860 -8.28 21.63 1.37
C LEU B 860 -7.52 22.10 2.58
N GLY B 861 -6.50 21.36 2.98
CA GLY B 861 -5.67 21.72 4.09
C GLY B 861 -4.54 22.66 3.77
N LEU B 862 -4.48 23.19 2.55
CA LEU B 862 -3.54 24.25 2.21
C LEU B 862 -4.23 25.60 2.20
N ALA B 863 -3.48 26.62 2.62
CA ALA B 863 -3.97 27.99 2.54
C ALA B 863 -4.38 28.31 1.11
N LEU B 864 -5.36 29.20 0.98
CA LEU B 864 -5.85 29.52 -0.34
C LEU B 864 -4.75 30.10 -1.21
N GLY B 865 -3.67 30.56 -0.60
CA GLY B 865 -2.55 31.02 -1.37
C GLY B 865 -1.87 32.16 -0.65
N TYR B 866 -1.81 33.33 -1.25
CA TYR B 866 -1.21 34.46 -0.58
C TYR B 866 -2.20 35.63 -0.64
N LEU B 867 -1.75 36.81 -0.25
CA LEU B 867 -2.60 37.98 -0.26
C LEU B 867 -2.23 38.85 -1.45
N ASN B 868 -3.25 39.40 -2.11
CA ASN B 868 -3.03 40.29 -3.25
C ASN B 868 -2.14 39.58 -4.27
N ASP B 869 -0.83 39.87 -4.22
CA ASP B 869 0.26 39.13 -4.86
C ASP B 869 -0.03 37.68 -5.22
N PRO B 870 -0.30 37.39 -6.48
CA PRO B 870 -0.49 36.00 -6.86
C PRO B 870 0.75 35.44 -7.56
N GLU B 871 1.82 36.23 -7.73
CA GLU B 871 3.03 35.64 -8.30
C GLU B 871 3.66 34.66 -7.31
N ARG B 872 3.71 35.05 -6.04
CA ARG B 872 4.20 34.14 -5.01
C ARG B 872 3.25 32.98 -4.81
N THR B 873 1.96 33.27 -4.87
CA THR B 873 0.95 32.26 -4.67
C THR B 873 1.08 31.12 -5.65
N ALA B 874 1.36 31.38 -6.91
CA ALA B 874 1.51 30.22 -7.78
C ALA B 874 2.96 29.83 -7.92
N ALA B 875 3.82 30.35 -7.08
CA ALA B 875 5.20 29.93 -7.11
C ALA B 875 5.64 29.15 -5.87
N LYS B 876 5.05 29.46 -4.72
CA LYS B 876 5.19 28.63 -3.54
C LYS B 876 4.12 27.52 -3.46
N PHE B 877 3.05 27.59 -4.26
CA PHE B 877 1.96 26.60 -4.30
C PHE B 877 1.91 25.99 -5.68
N VAL B 878 2.58 24.88 -5.83
CA VAL B 878 2.91 24.32 -7.12
C VAL B 878 2.02 23.14 -7.41
N THR B 879 2.11 22.56 -8.59
CA THR B 879 1.45 21.29 -8.86
C THR B 879 2.52 20.22 -9.09
N LEU B 880 2.49 19.14 -8.31
CA LEU B 880 3.54 18.15 -8.48
C LEU B 880 3.41 17.47 -9.84
N PRO B 881 4.50 17.04 -10.46
CA PRO B 881 4.41 16.43 -11.78
C PRO B 881 4.21 14.96 -11.69
N GLY B 882 4.44 14.39 -10.51
CA GLY B 882 4.15 12.98 -10.31
C GLY B 882 2.66 12.71 -10.32
N THR B 883 1.92 13.52 -9.60
CA THR B 883 0.50 13.28 -9.47
C THR B 883 -0.33 14.40 -10.06
N GLY B 884 -0.09 15.63 -9.64
CA GLY B 884 -1.01 16.71 -9.85
C GLY B 884 -1.44 17.31 -8.56
N GLU B 885 -0.92 16.83 -7.44
CA GLU B 885 -1.36 17.36 -6.16
C GLU B 885 -0.91 18.81 -6.09
N ARG B 886 -1.86 19.70 -5.88
CA ARG B 886 -1.49 21.05 -5.49
C ARG B 886 -0.74 20.95 -4.18
N ALA B 887 0.43 21.58 -4.12
CA ALA B 887 1.38 21.38 -3.05
C ALA B 887 1.87 22.71 -2.51
N TYR B 888 2.18 22.77 -1.23
CA TYR B 888 2.91 23.92 -0.70
C TYR B 888 4.38 23.55 -0.61
N LEU B 889 5.24 24.34 -1.23
CA LEU B 889 6.69 24.11 -1.16
C LEU B 889 7.23 24.86 0.04
N THR B 890 7.36 24.14 1.16
CA THR B 890 7.53 24.77 2.47
C THR B 890 8.78 25.61 2.52
N GLY B 891 9.79 25.26 1.73
CA GLY B 891 11.12 25.76 1.97
C GLY B 891 11.62 25.24 3.30
N ASP B 892 11.35 23.97 3.56
CA ASP B 892 11.96 23.09 4.55
C ASP B 892 12.59 21.84 3.95
N PHE B 893 13.76 21.53 4.45
CA PHE B 893 14.45 20.37 3.97
C PHE B 893 14.44 19.30 5.05
N GLY B 894 14.21 18.06 4.66
CA GLY B 894 14.18 16.97 5.61
C GLY B 894 14.56 15.69 4.90
N ARG B 895 14.32 14.54 5.54
CA ARG B 895 14.39 13.27 4.82
C ARG B 895 13.39 12.29 5.38
N LEU B 896 12.71 11.59 4.50
CA LEU B 896 11.66 10.72 5.00
C LEU B 896 12.36 9.51 5.62
N LEU B 897 11.79 8.98 6.74
CA LEU B 897 12.34 7.96 7.65
C LEU B 897 11.76 6.57 7.36
N PRO B 898 12.43 5.48 7.76
CA PRO B 898 12.03 4.10 7.33
C PRO B 898 10.76 3.61 7.95
N ASP B 899 10.32 4.25 9.03
CA ASP B 899 8.98 4.03 9.57
C ASP B 899 7.95 4.92 8.90
N GLY B 900 8.39 5.95 8.17
CA GLY B 900 7.54 6.77 7.34
C GLY B 900 7.51 8.24 7.71
N GLY B 901 7.92 8.62 8.92
CA GLY B 901 7.80 10.00 9.35
C GLY B 901 8.86 10.87 8.73
N ILE B 902 8.75 12.17 8.98
CA ILE B 902 9.67 13.15 8.42
C ILE B 902 10.72 13.51 9.47
N GLU B 903 11.99 13.50 9.08
CA GLU B 903 13.05 14.03 9.91
C GLU B 903 13.33 15.45 9.46
N ILE B 904 13.32 16.37 10.40
CA ILE B 904 13.30 17.78 10.05
C ILE B 904 14.71 18.33 10.11
N LEU B 905 15.22 18.82 8.97
CA LEU B 905 16.64 19.11 8.88
C LEU B 905 17.01 20.58 8.72
N GLY B 906 16.08 21.47 8.37
CA GLY B 906 16.37 22.90 8.27
C GLY B 906 16.08 23.47 6.90
N ARG B 907 16.07 24.80 6.83
CA ARG B 907 15.59 25.46 5.62
C ARG B 907 16.74 26.24 5.01
N GLU B 908 17.27 25.73 3.90
CA GLU B 908 18.43 26.32 3.22
C GLU B 908 19.63 26.44 4.16
N ASP B 909 19.85 25.41 4.98
CA ASP B 909 20.92 25.41 5.98
C ASP B 909 22.12 24.56 5.55
N PHE B 910 22.27 24.32 4.25
CA PHE B 910 23.41 23.57 3.71
C PHE B 910 24.35 24.52 3.01
N GLN B 917 24.17 19.74 11.34
CA GLN B 917 23.83 18.96 12.53
C GLN B 917 24.75 19.29 13.68
N ARG B 918 24.35 20.28 14.48
CA ARG B 918 25.26 20.91 15.42
C ARG B 918 24.91 20.61 16.88
N ILE B 919 23.69 20.92 17.35
CA ILE B 919 23.31 20.55 18.71
C ILE B 919 23.39 19.03 18.91
N GLU B 920 23.43 18.27 17.81
CA GLU B 920 23.90 16.89 17.86
C GLU B 920 25.20 16.80 18.62
N LEU B 921 26.16 17.64 18.21
CA LEU B 921 27.40 17.82 18.96
C LEU B 921 27.12 18.45 20.33
N GLY B 922 26.55 19.67 20.34
CA GLY B 922 26.40 20.41 21.58
C GLY B 922 25.67 19.73 22.74
N GLU B 923 24.40 19.37 22.51
CA GLU B 923 23.62 18.71 23.55
C GLU B 923 24.33 17.45 24.04
N ILE B 924 24.77 16.61 23.09
CA ILE B 924 25.57 15.44 23.38
C ILE B 924 27.01 15.86 23.63
N GLY B 933 22.17 25.12 24.26
CA GLY B 933 23.31 25.21 23.38
C GLY B 933 23.04 24.95 21.90
N VAL B 934 23.37 25.95 21.06
CA VAL B 934 23.00 26.00 19.64
C VAL B 934 24.20 25.74 18.73
N ARG B 935 24.11 26.16 17.46
CA ARG B 935 25.05 25.74 16.42
C ARG B 935 26.05 26.86 16.12
N ALA B 936 26.62 26.84 14.92
CA ALA B 936 27.32 28.01 14.43
C ALA B 936 26.42 28.79 13.48
N ALA B 937 27.02 29.70 12.72
CA ALA B 937 26.29 30.48 11.74
C ALA B 937 26.84 30.24 10.34
N ALA B 946 29.92 30.19 16.10
CA ALA B 946 29.16 29.31 17.00
C ALA B 946 28.66 30.03 18.26
N ASP B 947 27.57 29.51 18.86
CA ASP B 947 26.97 30.05 20.08
C ASP B 947 26.61 28.90 21.01
N VAL B 948 26.65 29.14 22.31
CA VAL B 948 26.41 28.07 23.27
C VAL B 948 25.86 28.66 24.56
N VAL B 949 25.17 27.82 25.35
CA VAL B 949 24.61 28.27 26.63
C VAL B 949 24.52 27.15 27.65
N ILE B 985 32.90 30.62 19.89
CA ILE B 985 31.88 30.05 20.77
C ILE B 985 30.99 31.12 21.39
N ARG B 986 31.60 32.13 22.01
CA ARG B 986 30.90 33.32 22.53
C ARG B 986 29.71 32.94 23.42
N LEU B 987 29.96 32.06 24.39
CA LEU B 987 28.90 31.62 25.28
C LEU B 987 28.22 32.79 25.97
N LEU B 988 26.89 32.75 26.03
CA LEU B 988 26.08 33.82 26.59
C LEU B 988 25.21 33.28 27.73
N PRO B 989 24.61 34.17 28.58
CA PRO B 989 23.78 33.69 29.69
C PRO B 989 22.68 32.74 29.23
N GLU B 990 21.68 33.32 28.55
CA GLU B 990 20.49 32.62 28.07
C GLU B 990 20.34 32.82 26.57
N LEU B 991 19.40 31.92 25.90
CA LEU B 991 19.20 32.04 24.47
C LEU B 991 18.25 33.20 24.18
N PRO B 992 18.41 33.86 23.03
CA PRO B 992 17.45 34.89 22.60
C PRO B 992 16.26 34.39 21.79
N LEU B 993 15.08 34.91 22.12
CA LEU B 993 13.86 34.46 21.47
C LEU B 993 13.51 35.37 20.30
N THR B 994 12.48 34.94 19.54
CA THR B 994 11.89 35.79 18.51
C THR B 994 10.65 36.48 19.07
N ALA B 995 9.71 36.85 18.20
CA ALA B 995 8.54 37.59 18.65
C ALA B 995 7.57 36.69 19.40
N ASN B 996 7.37 35.46 18.92
CA ASN B 996 6.44 34.53 19.55
C ASN B 996 7.14 33.46 20.38
N GLY B 997 8.47 33.47 20.42
CA GLY B 997 9.24 32.49 21.16
C GLY B 997 10.36 31.91 20.33
N LYS B 998 10.34 30.60 20.13
CA LYS B 998 11.31 29.90 19.28
C LYS B 998 12.73 30.26 19.77
N VAL B 999 13.69 30.30 18.86
CA VAL B 999 15.04 30.74 19.16
C VAL B 999 15.46 31.66 18.03
N ASP B 1000 15.97 32.84 18.37
CA ASP B 1000 16.24 33.90 17.40
C ASP B 1000 17.57 33.65 16.65
N ARG B 1001 17.55 32.63 15.77
CA ARG B 1001 18.76 32.30 15.04
C ARG B 1001 19.19 33.44 14.12
N LEU B 1002 18.28 34.39 13.81
CA LEU B 1002 18.61 35.54 12.97
C LEU B 1002 19.35 36.66 13.71
N ALA B 1003 19.21 36.74 15.04
CA ALA B 1003 19.97 37.73 15.82
C ALA B 1003 21.43 37.33 16.00
N LEU B 1004 21.71 36.03 16.12
CA LEU B 1004 23.07 35.54 16.35
C LEU B 1004 23.84 35.67 15.04
N ALA B 1005 24.64 36.74 14.93
CA ALA B 1005 25.35 37.08 13.70
C ALA B 1005 24.42 37.22 12.50
P AMP C . -8.09 -23.22 -20.96
O1P AMP C . -6.71 -23.29 -20.17
O2P AMP C . -7.90 -23.73 -22.40
O3P AMP C . -9.12 -24.22 -20.19
O5' AMP C . -8.56 -21.65 -21.23
C5' AMP C . -9.65 -20.95 -20.79
C4' AMP C . -10.23 -21.54 -19.55
O4' AMP C . -9.35 -21.90 -18.47
C3' AMP C . -10.95 -20.39 -18.78
O3' AMP C . -11.91 -19.52 -19.48
C2' AMP C . -11.02 -20.88 -17.23
O2' AMP C . -12.17 -21.38 -16.48
C1' AMP C . -10.25 -22.12 -17.48
N9 AMP C . -9.62 -22.50 -16.25
C8 AMP C . -8.28 -22.54 -16.17
N7 AMP C . -7.97 -22.96 -14.89
C5 AMP C . -9.09 -23.18 -14.15
C6 AMP C . -9.27 -23.61 -12.81
N6 AMP C . -8.33 -23.93 -11.87
N1 AMP C . -10.61 -23.68 -12.49
C2 AMP C . -11.58 -23.36 -13.37
N3 AMP C . -11.45 -22.97 -14.63
C4 AMP C . -10.16 -22.86 -15.04
N EW6 D . -5.60 -23.44 -16.71
CA EW6 D . -5.18 -23.54 -18.09
C EW6 D . -6.51 -23.78 -18.86
O EW6 D . -7.34 -24.36 -18.31
CB EW6 D . -4.15 -24.70 -17.99
C4 EW6 D . -4.55 -22.28 -18.70
OG EW6 D . -2.84 -24.27 -17.64
P AMP E . 5.36 29.86 9.44
O1P AMP E . 6.76 30.00 10.23
O2P AMP E . 4.84 31.32 9.32
O3P AMP E . 4.38 28.96 10.36
O5' AMP E . 5.40 29.41 7.81
C5' AMP E . 6.42 28.97 7.02
C4' AMP E . 7.57 28.46 7.82
O4' AMP E . 7.33 27.49 8.83
C3' AMP E . 8.47 27.55 6.93
O3' AMP E . 8.84 27.98 5.55
C2' AMP E . 9.28 26.56 7.95
O2' AMP E . 10.65 26.70 8.41
C1' AMP E . 8.57 27.03 9.16
N9 AMP E . 8.59 25.99 10.16
C8 AMP E . 7.46 25.58 10.71
N7 AMP E . 7.72 24.61 11.62
C5 AMP E . 9.02 24.37 11.70
C6 AMP E . 9.67 23.44 12.55
N6 AMP E . 9.05 22.60 13.43
N1 AMP E . 11.05 23.48 12.39
C2 AMP E . 11.61 24.31 11.42
N3 AMP E . 10.97 25.22 10.59
C4 AMP E . 9.60 25.26 10.74
N EW6 F . 4.79 25.99 12.30
CA EW6 F . 3.95 27.13 12.11
C EW6 F . 4.87 28.14 11.40
O EW6 F . 6.01 28.25 11.65
CB EW6 F . 3.32 27.35 13.53
C4 EW6 F . 2.92 26.92 11.00
OG EW6 F . 2.84 26.11 14.07
#